data_6PK7
#
_entry.id   6PK7
#
loop_
_entity.id
_entity.type
_entity.pdbx_description
1 polymer 'CTP synthase 2'
2 non-polymer "ADENOSINE-5'-DIPHOSPHATE"
3 non-polymer "CYTIDINE-5'-TRIPHOSPHATE"
#
_entity_poly.entity_id   1
_entity_poly.type   'polypeptide(L)'
_entity_poly.pdbx_seq_one_letter_code
;MKYILVTGGVISGIGKGIIASSIGTILKSCGLRVTAIKIDPYINIDAGTFSPYEHGEVFVLNDGGEVDLDLGNYERFLDI
NLYKDNNITTGKIYQHVINKERRGDYLGKTVQVVPHITDAVQEWVMNQAKVPVDGNKEEPQICVIELGGTIGDIEGMPFV
EAFRQFQFKAKRENFCNIHVSLVPQLSATGEQKTKPTQNSVRALRGLGLSPDLIVCRSSTPIEMAVKEKISMFCHVNPEQ
VICIHDVSSTYRVPVLLEEQSIVKYFKERLHLPIGDSASNLLFKWRNMADRYERLQKICSIALVGKYTKLRDCYASVFKA
LEHSALAINHKLNLMYIDSIDLEKITETEDPVKFHEAWQKLCKADGILVPGGFGIRGTLGKLQAISWARTKKIPFLGVCL
GMQLAVIEFARNCLNLKDADSTEFRPNAPVPLVIDMPEHNPGNLGGTMRLGIRRTVFKTENSILRKLYGDVPFIEERHRH
RFEVNPNLIKQFEQNDLSFVGQDVDGDRMEIIELANHPYFVGVQFHPEFSSRPMKPSPPYLGLLLAATGNLNAYLQQGCK
LSSSDRYSDASDDSFSEPRIAELEIS
;
_entity_poly.pdbx_strand_id   A,D,E,F
#
loop_
_chem_comp.id
_chem_comp.type
_chem_comp.name
_chem_comp.formula
ADP non-polymer ADENOSINE-5'-DIPHOSPHATE 'C10 H15 N5 O10 P2'
CTP non-polymer CYTIDINE-5'-TRIPHOSPHATE 'C9 H16 N3 O14 P3'
#
# COMPACT_ATOMS: atom_id res chain seq x y z
N MET A 1 -31.77 -7.99 4.52
CA MET A 1 -31.87 -6.88 5.45
C MET A 1 -30.84 -5.82 5.10
N LYS A 2 -31.22 -4.55 5.24
CA LYS A 2 -30.31 -3.46 4.93
C LYS A 2 -29.21 -3.38 5.99
N TYR A 3 -28.04 -2.93 5.57
CA TYR A 3 -26.84 -3.00 6.36
C TYR A 3 -26.12 -1.67 6.24
N ILE A 4 -25.68 -1.12 7.37
CA ILE A 4 -24.91 0.11 7.38
C ILE A 4 -23.63 -0.19 8.15
N LEU A 5 -22.50 -0.08 7.48
CA LEU A 5 -21.20 -0.39 8.06
C LEU A 5 -20.45 0.90 8.26
N VAL A 6 -20.33 1.35 9.49
CA VAL A 6 -19.44 2.45 9.78
C VAL A 6 -18.06 1.86 9.96
N THR A 7 -17.04 2.64 9.65
CA THR A 7 -15.66 2.18 9.80
C THR A 7 -14.78 3.38 10.00
N GLY A 8 -13.73 3.20 10.79
CA GLY A 8 -12.92 4.32 11.19
C GLY A 8 -11.93 4.73 10.14
N GLY A 9 -11.44 5.95 10.28
CA GLY A 9 -10.58 6.50 9.27
C GLY A 9 -9.16 6.66 9.71
N VAL A 10 -8.83 7.87 10.17
CA VAL A 10 -7.44 8.22 10.36
C VAL A 10 -6.94 7.72 11.71
N ILE A 11 -7.64 8.05 12.78
CA ILE A 11 -7.21 7.76 14.13
C ILE A 11 -8.30 6.99 14.86
N SER A 12 -8.02 6.67 16.12
CA SER A 12 -8.88 5.83 16.92
C SER A 12 -10.03 6.58 17.55
N GLY A 13 -9.72 7.56 18.40
CA GLY A 13 -10.75 8.21 19.19
C GLY A 13 -11.52 9.29 18.47
N ILE A 14 -12.08 8.96 17.31
CA ILE A 14 -12.92 9.87 16.56
C ILE A 14 -14.30 9.98 17.17
N GLY A 15 -14.96 8.86 17.38
CA GLY A 15 -16.39 8.94 17.62
C GLY A 15 -17.22 8.15 16.65
N LYS A 16 -16.73 6.95 16.29
CA LYS A 16 -17.55 5.97 15.59
C LYS A 16 -18.87 5.72 16.33
N GLY A 17 -18.77 5.44 17.63
CA GLY A 17 -19.92 5.01 18.39
C GLY A 17 -20.99 6.08 18.56
N ILE A 18 -20.59 7.34 18.52
CA ILE A 18 -21.62 8.38 18.51
C ILE A 18 -22.12 8.62 17.10
N ILE A 19 -21.30 8.37 16.07
CA ILE A 19 -21.82 8.42 14.71
C ILE A 19 -22.72 7.22 14.43
N ALA A 20 -22.27 6.01 14.81
CA ALA A 20 -23.01 4.81 14.47
C ALA A 20 -24.34 4.73 15.21
N SER A 21 -24.37 5.19 16.45
CA SER A 21 -25.64 5.21 17.17
C SER A 21 -26.54 6.33 16.69
N SER A 22 -25.99 7.44 16.23
CA SER A 22 -26.84 8.51 15.73
C SER A 22 -27.41 8.20 14.35
N ILE A 23 -26.80 7.27 13.60
CA ILE A 23 -27.48 6.76 12.43
C ILE A 23 -28.63 5.87 12.88
N GLY A 24 -28.49 5.24 14.04
CA GLY A 24 -29.58 4.46 14.59
C GLY A 24 -30.76 5.32 15.01
N THR A 25 -30.49 6.44 15.68
CA THR A 25 -31.56 7.29 16.20
C THR A 25 -32.38 7.94 15.09
N ILE A 26 -31.73 8.26 13.97
CA ILE A 26 -32.47 8.76 12.81
C ILE A 26 -33.44 7.70 12.33
N LEU A 27 -32.93 6.52 12.01
CA LEU A 27 -33.77 5.50 11.42
C LEU A 27 -34.65 4.79 12.45
N LYS A 28 -34.36 4.94 13.74
CA LYS A 28 -35.36 4.59 14.74
C LYS A 28 -36.54 5.53 14.67
N SER A 29 -36.26 6.83 14.55
CA SER A 29 -37.28 7.86 14.53
C SER A 29 -37.78 8.17 13.12
N CYS A 30 -37.41 7.36 12.13
CA CYS A 30 -38.08 7.39 10.84
C CYS A 30 -39.13 6.31 10.71
N GLY A 31 -39.30 5.48 11.73
CA GLY A 31 -40.26 4.39 11.69
C GLY A 31 -39.65 3.03 11.49
N LEU A 32 -38.39 2.96 11.09
CA LEU A 32 -37.76 1.69 10.80
C LEU A 32 -37.27 1.03 12.08
N ARG A 33 -37.12 -0.30 12.04
CA ARG A 33 -36.64 -1.07 13.17
C ARG A 33 -35.16 -1.37 12.98
N VAL A 34 -34.36 -1.10 14.01
CA VAL A 34 -32.92 -1.04 13.91
C VAL A 34 -32.31 -2.08 14.85
N THR A 35 -31.25 -2.75 14.41
CA THR A 35 -30.37 -3.51 15.29
C THR A 35 -29.01 -2.85 15.36
N ALA A 36 -28.10 -3.51 16.06
CA ALA A 36 -26.76 -2.97 16.19
C ALA A 36 -25.81 -4.13 16.46
N ILE A 37 -24.80 -4.28 15.62
CA ILE A 37 -23.79 -5.32 15.79
C ILE A 37 -22.45 -4.59 15.83
N LYS A 38 -21.94 -4.36 17.02
CA LYS A 38 -20.64 -3.71 17.14
C LYS A 38 -19.54 -4.75 17.01
N ILE A 39 -18.73 -4.62 15.96
CA ILE A 39 -17.54 -5.43 15.82
C ILE A 39 -16.51 -4.92 16.82
N ASP A 40 -15.69 -5.82 17.34
CA ASP A 40 -14.59 -5.41 18.20
C ASP A 40 -13.30 -6.07 17.78
N PRO A 41 -12.21 -5.31 17.63
CA PRO A 41 -10.92 -5.92 17.30
C PRO A 41 -10.27 -6.67 18.45
N TYR A 42 -10.75 -6.54 19.68
CA TYR A 42 -10.05 -7.17 20.79
C TYR A 42 -10.48 -8.62 20.90
N ILE A 43 -9.82 -9.36 21.81
CA ILE A 43 -9.87 -10.81 21.82
C ILE A 43 -10.79 -11.36 22.92
N ASN A 44 -11.26 -10.53 23.84
CA ASN A 44 -11.93 -11.01 25.04
C ASN A 44 -13.30 -11.59 24.75
N ILE A 45 -13.36 -12.92 24.59
CA ILE A 45 -14.65 -13.62 24.56
C ILE A 45 -15.30 -13.52 25.94
N ASP A 46 -16.59 -13.19 25.96
CA ASP A 46 -17.39 -12.96 27.17
C ASP A 46 -16.72 -11.90 28.03
N ALA A 47 -16.69 -10.69 27.45
CA ALA A 47 -15.63 -9.73 27.65
C ALA A 47 -15.40 -9.31 29.09
N GLY A 48 -16.42 -9.37 29.94
CA GLY A 48 -16.28 -8.83 31.29
C GLY A 48 -15.41 -9.60 32.26
N THR A 49 -14.16 -9.83 31.87
CA THR A 49 -13.09 -10.16 32.78
C THR A 49 -12.17 -8.98 33.01
N PHE A 50 -12.54 -7.81 32.53
CA PHE A 50 -11.70 -6.63 32.60
C PHE A 50 -11.61 -6.04 33.98
N SER A 51 -10.90 -4.96 34.08
CA SER A 51 -10.80 -4.26 35.33
C SER A 51 -11.56 -3.14 34.82
N PRO A 52 -12.55 -2.60 35.59
CA PRO A 52 -13.23 -1.47 34.97
C PRO A 52 -12.26 -0.36 34.80
N TYR A 53 -11.21 -0.22 35.61
CA TYR A 53 -10.36 0.95 35.42
C TYR A 53 -9.84 0.90 34.09
N GLU A 54 -9.32 -0.24 33.68
CA GLU A 54 -8.79 -0.30 32.36
C GLU A 54 -10.01 -0.51 31.61
N HIS A 55 -9.98 -0.34 30.31
CA HIS A 55 -11.19 -0.49 29.56
C HIS A 55 -12.16 0.48 30.09
N GLY A 56 -13.06 -0.05 30.86
CA GLY A 56 -14.13 0.73 31.48
C GLY A 56 -15.50 0.06 31.47
N GLU A 57 -16.04 -0.13 32.69
CA GLU A 57 -17.46 -0.28 32.95
C GLU A 57 -18.10 -1.47 32.23
N VAL A 58 -17.87 -2.68 32.73
CA VAL A 58 -18.50 -3.88 32.19
C VAL A 58 -20.02 -3.73 32.21
N PHE A 59 -20.62 -3.85 31.03
CA PHE A 59 -22.04 -3.64 30.79
C PHE A 59 -22.77 -4.98 30.86
N VAL A 60 -24.04 -4.95 31.27
CA VAL A 60 -24.82 -6.15 31.54
C VAL A 60 -26.06 -6.15 30.66
N LEU A 61 -26.33 -7.28 30.01
CA LEU A 61 -27.50 -7.44 29.16
C LEU A 61 -28.59 -8.23 29.87
N ASN A 62 -29.63 -8.61 29.14
CA ASN A 62 -30.73 -9.35 29.74
C ASN A 62 -30.37 -10.81 29.93
N ASP A 63 -29.77 -11.43 28.94
CA ASP A 63 -29.49 -12.85 28.99
C ASP A 63 -28.32 -13.19 29.89
N GLY A 64 -27.51 -12.20 30.25
CA GLY A 64 -26.36 -12.46 31.11
C GLY A 64 -25.04 -12.20 30.43
N GLY A 65 -25.01 -11.25 29.52
CA GLY A 65 -23.78 -10.93 28.85
C GLY A 65 -22.84 -10.12 29.73
N GLU A 66 -21.55 -10.26 29.45
CA GLU A 66 -20.51 -9.46 30.08
C GLU A 66 -19.86 -8.71 28.92
N VAL A 67 -20.48 -7.60 28.53
CA VAL A 67 -20.36 -7.05 27.19
C VAL A 67 -19.77 -5.64 27.31
N ASP A 68 -19.14 -5.19 26.22
CA ASP A 68 -18.43 -3.93 26.08
C ASP A 68 -19.24 -2.73 26.58
N LEU A 69 -18.50 -1.75 27.09
CA LEU A 69 -19.02 -0.41 27.39
C LEU A 69 -19.80 0.18 26.23
N ASP A 70 -19.22 0.18 25.04
CA ASP A 70 -19.81 0.89 23.92
C ASP A 70 -21.02 0.19 23.33
N LEU A 71 -21.40 -0.99 23.82
CA LEU A 71 -22.70 -1.53 23.47
C LEU A 71 -23.81 -0.93 24.32
N GLY A 72 -23.46 -0.31 25.43
CA GLY A 72 -24.44 0.41 26.19
C GLY A 72 -24.91 1.67 25.51
N ASN A 73 -24.10 2.21 24.61
CA ASN A 73 -24.49 3.41 23.88
C ASN A 73 -25.60 3.14 22.89
N TYR A 74 -25.78 1.90 22.46
CA TYR A 74 -26.90 1.57 21.60
C TYR A 74 -28.18 1.36 22.38
N GLU A 75 -28.07 0.89 23.62
CA GLU A 75 -29.27 0.65 24.42
C GLU A 75 -29.77 1.88 25.13
N ARG A 76 -29.27 3.06 24.78
CA ARG A 76 -29.82 4.32 25.27
C ARG A 76 -30.30 5.20 24.13
N PHE A 77 -29.49 5.36 23.10
CA PHE A 77 -29.92 6.04 21.89
C PHE A 77 -30.99 5.30 21.14
N LEU A 78 -31.20 4.02 21.44
CA LEU A 78 -32.39 3.31 21.03
C LEU A 78 -32.93 2.60 22.26
N ASP A 79 -34.19 2.16 22.20
CA ASP A 79 -34.77 1.37 23.28
C ASP A 79 -34.48 -0.12 23.12
N ILE A 80 -33.54 -0.44 22.23
CA ILE A 80 -33.05 -1.79 21.99
C ILE A 80 -32.58 -2.47 23.28
N ASN A 81 -32.86 -3.76 23.40
CA ASN A 81 -32.20 -4.64 24.36
C ASN A 81 -31.35 -5.66 23.61
N LEU A 82 -30.03 -5.50 23.68
CA LEU A 82 -29.07 -6.29 22.91
C LEU A 82 -28.84 -7.66 23.54
N TYR A 83 -28.29 -8.57 22.75
CA TYR A 83 -28.00 -9.92 23.17
C TYR A 83 -26.49 -10.16 23.18
N LYS A 84 -26.06 -11.22 23.86
CA LYS A 84 -24.63 -11.36 24.12
C LYS A 84 -23.85 -11.76 22.89
N ASP A 85 -24.52 -12.34 21.89
CA ASP A 85 -23.93 -12.61 20.59
C ASP A 85 -24.18 -11.49 19.61
N ASN A 86 -24.85 -10.43 20.05
CA ASN A 86 -25.06 -9.25 19.22
C ASN A 86 -23.90 -8.27 19.36
N ASN A 87 -22.96 -8.58 20.23
CA ASN A 87 -21.59 -8.11 20.16
C ASN A 87 -20.77 -9.17 19.45
N ILE A 88 -19.67 -8.74 18.84
CA ILE A 88 -18.78 -9.69 18.19
C ILE A 88 -17.33 -9.21 18.27
N THR A 89 -16.48 -10.01 18.90
CA THR A 89 -15.08 -9.67 19.08
C THR A 89 -14.25 -10.63 18.25
N THR A 90 -12.98 -10.26 18.07
CA THR A 90 -12.04 -11.08 17.32
C THR A 90 -11.85 -12.45 17.95
N GLY A 91 -11.69 -12.50 19.26
CA GLY A 91 -11.61 -13.76 19.93
C GLY A 91 -12.92 -14.47 20.14
N LYS A 92 -14.00 -13.98 19.54
CA LYS A 92 -15.25 -14.73 19.52
C LYS A 92 -15.39 -15.52 18.23
N ILE A 93 -14.87 -14.99 17.11
CA ILE A 93 -14.85 -15.79 15.89
C ILE A 93 -13.83 -16.90 15.99
N TYR A 94 -12.61 -16.56 16.42
CA TYR A 94 -11.52 -17.54 16.48
C TYR A 94 -11.81 -18.64 17.49
N GLN A 95 -12.57 -18.35 18.54
CA GLN A 95 -13.02 -19.44 19.37
C GLN A 95 -14.15 -20.22 18.71
N HIS A 96 -14.98 -19.56 17.91
CA HIS A 96 -16.08 -20.26 17.25
C HIS A 96 -15.59 -21.18 16.15
N VAL A 97 -14.43 -20.91 15.59
CA VAL A 97 -13.95 -21.70 14.44
C VAL A 97 -13.03 -22.80 14.94
N ILE A 98 -12.26 -22.52 16.00
CA ILE A 98 -11.47 -23.57 16.63
C ILE A 98 -12.37 -24.64 17.24
N ASN A 99 -13.51 -24.24 17.80
CA ASN A 99 -14.46 -25.23 18.28
C ASN A 99 -15.10 -26.02 17.15
N LYS A 100 -15.18 -25.45 15.95
CA LYS A 100 -15.75 -26.19 14.83
C LYS A 100 -14.74 -27.05 14.11
N GLU A 101 -13.46 -26.70 14.18
CA GLU A 101 -12.46 -27.54 13.52
C GLU A 101 -12.08 -28.76 14.36
N ARG A 102 -12.39 -28.76 15.65
CA ARG A 102 -12.07 -29.90 16.48
C ARG A 102 -13.22 -30.89 16.52
N ARG A 103 -14.45 -30.40 16.38
CA ARG A 103 -15.56 -31.31 16.14
C ARG A 103 -15.44 -31.99 14.79
N GLY A 104 -14.81 -31.35 13.84
CA GLY A 104 -14.73 -31.86 12.49
C GLY A 104 -15.80 -31.34 11.58
N ASP A 105 -16.38 -30.17 11.87
CA ASP A 105 -17.50 -29.65 11.10
C ASP A 105 -17.09 -29.05 9.77
N TYR A 106 -15.81 -29.09 9.43
CA TYR A 106 -15.34 -28.68 8.12
C TYR A 106 -14.89 -29.85 7.26
N LEU A 107 -14.87 -31.06 7.81
CA LEU A 107 -14.44 -32.29 7.13
C LEU A 107 -13.00 -32.17 6.61
N GLY A 108 -12.09 -31.97 7.54
CA GLY A 108 -10.70 -31.72 7.18
C GLY A 108 -10.56 -30.37 6.54
N LYS A 109 -10.24 -30.37 5.25
CA LYS A 109 -10.32 -29.24 4.32
C LYS A 109 -9.43 -28.05 4.64
N THR A 110 -8.60 -28.11 5.69
CA THR A 110 -7.53 -27.12 5.97
C THR A 110 -8.11 -25.71 6.12
N VAL A 111 -8.76 -25.49 7.26
CA VAL A 111 -9.42 -24.22 7.51
C VAL A 111 -8.43 -23.06 7.52
N GLN A 112 -8.89 -21.91 7.05
CA GLN A 112 -8.05 -20.79 6.68
C GLN A 112 -8.71 -19.51 7.17
N VAL A 113 -7.99 -18.40 7.12
CA VAL A 113 -8.63 -17.16 7.53
C VAL A 113 -9.47 -16.59 6.39
N VAL A 114 -9.15 -16.94 5.15
CA VAL A 114 -10.07 -16.77 4.03
C VAL A 114 -10.28 -18.15 3.42
N PRO A 115 -11.51 -18.67 3.35
CA PRO A 115 -12.77 -18.03 3.72
C PRO A 115 -13.30 -18.38 5.10
N HIS A 116 -12.66 -19.29 5.83
CA HIS A 116 -13.33 -19.92 6.97
C HIS A 116 -13.43 -19.01 8.19
N ILE A 117 -12.74 -17.88 8.21
CA ILE A 117 -13.05 -16.84 9.18
C ILE A 117 -14.04 -15.85 8.61
N THR A 118 -13.82 -15.41 7.37
CA THR A 118 -14.69 -14.44 6.74
C THR A 118 -16.08 -14.99 6.46
N ASP A 119 -16.22 -16.31 6.34
CA ASP A 119 -17.56 -16.88 6.31
C ASP A 119 -18.19 -16.83 7.70
N ALA A 120 -17.39 -17.06 8.74
CA ALA A 120 -17.91 -17.11 10.09
C ALA A 120 -18.34 -15.73 10.58
N VAL A 121 -17.73 -14.68 10.06
CA VAL A 121 -18.21 -13.33 10.32
C VAL A 121 -19.51 -13.08 9.56
N GLN A 122 -19.57 -13.53 8.32
CA GLN A 122 -20.76 -13.29 7.51
C GLN A 122 -21.95 -14.15 7.92
N GLU A 123 -21.70 -15.37 8.37
CA GLU A 123 -22.78 -16.16 8.95
C GLU A 123 -23.26 -15.55 10.25
N TRP A 124 -22.36 -14.89 10.98
CA TRP A 124 -22.73 -14.25 12.23
C TRP A 124 -23.65 -13.07 11.97
N VAL A 125 -23.24 -12.20 11.05
CA VAL A 125 -23.98 -10.96 10.83
C VAL A 125 -25.25 -11.20 10.00
N MET A 126 -25.32 -12.29 9.25
CA MET A 126 -26.60 -12.66 8.64
C MET A 126 -27.59 -13.19 9.66
N ASN A 127 -27.12 -13.66 10.82
CA ASN A 127 -28.01 -14.23 11.82
C ASN A 127 -28.44 -13.22 12.88
N GLN A 128 -27.47 -12.54 13.50
CA GLN A 128 -27.80 -11.57 14.54
C GLN A 128 -28.45 -10.31 14.00
N ALA A 129 -28.45 -10.09 12.70
CA ALA A 129 -29.31 -9.06 12.16
C ALA A 129 -30.77 -9.48 12.21
N LYS A 130 -31.03 -10.77 12.05
CA LYS A 130 -32.41 -11.26 11.98
C LYS A 130 -33.11 -11.30 13.33
N VAL A 131 -32.37 -11.43 14.42
CA VAL A 131 -33.00 -11.64 15.73
C VAL A 131 -33.66 -10.35 16.20
N PRO A 132 -34.93 -10.40 16.64
CA PRO A 132 -35.62 -9.15 17.00
C PRO A 132 -35.08 -8.53 18.27
N VAL A 133 -34.31 -7.47 18.12
CA VAL A 133 -33.59 -6.91 19.25
C VAL A 133 -34.45 -5.94 20.03
N ASP A 134 -35.54 -5.47 19.45
CA ASP A 134 -36.58 -4.78 20.20
C ASP A 134 -37.41 -5.82 20.95
N GLY A 135 -38.19 -5.36 21.92
CA GLY A 135 -39.14 -6.23 22.58
C GLY A 135 -40.25 -6.70 21.65
N ASN A 136 -40.54 -5.93 20.61
CA ASN A 136 -41.53 -6.32 19.62
C ASN A 136 -40.97 -7.43 18.76
N LYS A 137 -41.57 -8.62 18.84
CA LYS A 137 -41.08 -9.77 18.08
C LYS A 137 -41.50 -9.61 16.62
N GLU A 138 -40.54 -9.20 15.79
CA GLU A 138 -40.71 -8.92 14.38
C GLU A 138 -39.31 -8.79 13.80
N GLU A 139 -39.11 -9.31 12.59
CA GLU A 139 -37.78 -9.25 11.97
C GLU A 139 -37.43 -7.81 11.66
N PRO A 140 -36.21 -7.36 11.97
CA PRO A 140 -35.86 -5.95 11.81
C PRO A 140 -35.63 -5.53 10.37
N GLN A 141 -35.22 -4.30 10.17
CA GLN A 141 -35.20 -3.73 8.83
C GLN A 141 -33.86 -3.18 8.39
N ILE A 142 -33.07 -2.61 9.31
CA ILE A 142 -31.68 -2.28 9.03
C ILE A 142 -30.81 -2.87 10.13
N CYS A 143 -29.50 -2.64 10.00
CA CYS A 143 -28.54 -3.18 10.94
C CYS A 143 -27.31 -2.28 10.89
N VAL A 144 -27.16 -1.41 11.88
CA VAL A 144 -25.96 -0.60 11.98
C VAL A 144 -24.84 -1.50 12.49
N ILE A 145 -23.70 -1.46 11.81
CA ILE A 145 -22.55 -2.29 12.18
C ILE A 145 -21.39 -1.36 12.48
N GLU A 146 -20.82 -1.50 13.67
CA GLU A 146 -19.72 -0.65 14.08
C GLU A 146 -18.43 -1.46 14.09
N LEU A 147 -17.62 -1.29 13.06
CA LEU A 147 -16.30 -1.91 13.02
C LEU A 147 -15.37 -1.07 13.87
N GLY A 148 -15.09 -1.53 15.09
CA GLY A 148 -14.21 -0.81 15.96
C GLY A 148 -12.77 -0.87 15.49
N GLY A 149 -11.98 0.08 16.00
CA GLY A 149 -10.61 0.23 15.58
C GLY A 149 -10.50 0.92 14.24
N THR A 150 -9.29 1.37 13.92
CA THR A 150 -9.06 2.14 12.71
C THR A 150 -9.01 1.20 11.51
N ILE A 151 -8.53 1.69 10.38
CA ILE A 151 -8.43 0.83 9.22
C ILE A 151 -7.02 0.91 8.70
N GLY A 152 -6.58 -0.17 8.06
CA GLY A 152 -5.18 -0.37 7.81
C GLY A 152 -4.43 -1.00 8.96
N ASP A 153 -5.03 -1.09 10.13
CA ASP A 153 -4.49 -1.87 11.23
C ASP A 153 -4.74 -3.35 10.97
N ILE A 154 -4.06 -4.21 11.72
CA ILE A 154 -4.05 -5.60 11.32
C ILE A 154 -5.07 -6.41 12.10
N GLU A 155 -6.10 -5.75 12.63
CA GLU A 155 -7.35 -6.43 12.98
C GLU A 155 -8.47 -6.09 12.02
N GLY A 156 -8.33 -5.06 11.21
CA GLY A 156 -9.32 -4.79 10.21
C GLY A 156 -9.22 -5.83 9.13
N MET A 157 -7.99 -6.33 8.93
CA MET A 157 -7.70 -7.28 7.87
C MET A 157 -8.54 -8.58 7.92
N PRO A 158 -8.86 -9.18 9.06
CA PRO A 158 -9.88 -10.24 9.03
C PRO A 158 -11.29 -9.73 8.80
N PHE A 159 -11.59 -8.48 9.17
CA PHE A 159 -12.97 -8.02 9.11
C PHE A 159 -13.31 -7.22 7.88
N VAL A 160 -12.39 -6.38 7.38
CA VAL A 160 -12.72 -5.65 6.16
C VAL A 160 -12.67 -6.57 4.96
N GLU A 161 -11.96 -7.69 5.06
CA GLU A 161 -12.09 -8.75 4.06
C GLU A 161 -13.44 -9.44 4.20
N ALA A 162 -13.93 -9.56 5.43
CA ALA A 162 -15.22 -10.20 5.65
C ALA A 162 -16.36 -9.33 5.17
N PHE A 163 -16.21 -8.01 5.22
CA PHE A 163 -17.21 -7.12 4.64
C PHE A 163 -16.91 -6.74 3.20
N ARG A 164 -15.73 -7.09 2.69
CA ARG A 164 -15.47 -6.95 1.27
C ARG A 164 -16.34 -7.90 0.46
N GLN A 165 -16.34 -9.17 0.86
CA GLN A 165 -17.17 -10.18 0.20
C GLN A 165 -18.64 -10.03 0.56
N PHE A 166 -18.95 -9.29 1.62
CA PHE A 166 -20.31 -9.14 2.08
C PHE A 166 -21.06 -8.05 1.32
N GLN A 167 -20.35 -7.27 0.50
CA GLN A 167 -21.03 -6.35 -0.40
C GLN A 167 -21.84 -7.10 -1.44
N PHE A 168 -21.41 -8.29 -1.81
CA PHE A 168 -21.97 -9.03 -2.91
C PHE A 168 -22.82 -10.22 -2.47
N LYS A 169 -22.74 -10.61 -1.21
CA LYS A 169 -23.75 -11.50 -0.65
C LYS A 169 -25.09 -10.80 -0.63
N ALA A 170 -25.16 -9.64 0.01
CA ALA A 170 -26.28 -8.75 -0.20
C ALA A 170 -26.18 -8.10 -1.57
N LYS A 171 -27.25 -7.44 -1.97
CA LYS A 171 -27.23 -6.69 -3.22
C LYS A 171 -26.52 -5.36 -2.97
N ARG A 172 -26.25 -4.63 -4.06
CA ARG A 172 -25.74 -3.26 -3.97
C ARG A 172 -26.68 -2.35 -3.19
N GLU A 173 -27.98 -2.57 -3.33
CA GLU A 173 -28.98 -1.76 -2.65
C GLU A 173 -29.40 -2.33 -1.32
N ASN A 174 -28.49 -3.01 -0.62
CA ASN A 174 -28.74 -3.49 0.73
C ASN A 174 -27.60 -3.19 1.67
N PHE A 175 -26.52 -2.58 1.20
CA PHE A 175 -25.29 -2.46 1.99
C PHE A 175 -24.69 -1.08 1.75
N CYS A 176 -24.94 -0.15 2.66
CA CYS A 176 -24.30 1.15 2.58
C CYS A 176 -22.95 1.08 3.28
N ASN A 177 -22.31 2.23 3.41
CA ASN A 177 -20.98 2.28 4.01
C ASN A 177 -20.72 3.69 4.52
N ILE A 178 -20.33 3.79 5.78
CA ILE A 178 -19.95 5.06 6.40
C ILE A 178 -18.47 4.98 6.70
N HIS A 179 -17.74 6.06 6.45
CA HIS A 179 -16.31 6.10 6.77
C HIS A 179 -16.07 7.39 7.52
N VAL A 180 -15.86 7.30 8.82
CA VAL A 180 -15.72 8.48 9.66
C VAL A 180 -14.26 8.85 9.71
N SER A 181 -13.94 10.11 9.45
CA SER A 181 -12.56 10.50 9.18
C SER A 181 -12.18 11.76 9.95
N LEU A 182 -10.87 11.90 10.19
CA LEU A 182 -10.29 13.03 10.89
C LEU A 182 -9.83 14.07 9.88
N VAL A 183 -10.26 15.31 10.06
CA VAL A 183 -9.82 16.39 9.19
C VAL A 183 -9.14 17.46 10.04
N PRO A 184 -7.85 17.29 10.35
CA PRO A 184 -7.19 18.16 11.33
C PRO A 184 -6.90 19.53 10.76
N GLN A 185 -6.50 20.43 11.65
CA GLN A 185 -6.07 21.77 11.28
C GLN A 185 -5.10 22.27 12.33
N LEU A 186 -4.28 23.22 11.94
CA LEU A 186 -3.37 23.86 12.88
C LEU A 186 -3.90 25.22 13.28
N SER A 187 -3.40 25.74 14.40
CA SER A 187 -4.08 26.82 15.09
C SER A 187 -3.95 28.14 14.35
N ALA A 188 -2.71 28.66 14.22
CA ALA A 188 -2.50 30.01 13.72
C ALA A 188 -2.62 30.11 12.20
N THR A 189 -2.82 29.00 11.50
CA THR A 189 -2.89 28.99 10.05
C THR A 189 -4.32 28.92 9.53
N GLY A 190 -5.19 28.16 10.18
CA GLY A 190 -6.58 28.09 9.78
C GLY A 190 -6.88 27.13 8.65
N GLU A 191 -5.86 26.63 7.96
CA GLU A 191 -6.06 25.72 6.84
C GLU A 191 -6.59 24.38 7.35
N GLN A 192 -7.63 23.89 6.71
CA GLN A 192 -8.37 22.72 7.18
C GLN A 192 -8.12 21.64 6.14
N LYS A 193 -7.23 20.71 6.46
CA LYS A 193 -6.31 20.23 5.42
C LYS A 193 -6.91 19.13 4.55
N THR A 194 -7.20 17.95 5.12
CA THR A 194 -7.74 16.70 4.51
C THR A 194 -6.79 15.90 3.62
N LYS A 195 -5.49 15.95 3.84
CA LYS A 195 -4.66 14.86 3.36
C LYS A 195 -4.96 13.48 3.96
N PRO A 196 -5.12 13.28 5.27
CA PRO A 196 -5.25 11.90 5.77
C PRO A 196 -6.58 11.27 5.41
N THR A 197 -7.60 12.07 5.11
CA THR A 197 -8.84 11.51 4.59
C THR A 197 -8.64 10.92 3.22
N GLN A 198 -7.76 11.50 2.41
CA GLN A 198 -7.45 10.94 1.10
C GLN A 198 -6.70 9.63 1.24
N ASN A 199 -5.68 9.59 2.10
CA ASN A 199 -4.86 8.40 2.21
C ASN A 199 -5.52 7.29 3.01
N SER A 200 -6.59 7.60 3.72
CA SER A 200 -7.34 6.54 4.39
C SER A 200 -8.32 5.87 3.44
N VAL A 201 -8.92 6.63 2.54
CA VAL A 201 -9.86 6.07 1.58
C VAL A 201 -9.11 5.26 0.53
N ARG A 202 -7.92 5.72 0.13
CA ARG A 202 -7.05 4.92 -0.72
C ARG A 202 -6.65 3.62 -0.03
N ALA A 203 -6.42 3.66 1.28
CA ALA A 203 -6.23 2.43 2.03
C ALA A 203 -7.51 1.63 2.11
N LEU A 204 -8.66 2.30 2.12
CA LEU A 204 -9.93 1.58 2.22
C LEU A 204 -10.30 0.93 0.90
N ARG A 205 -10.07 1.62 -0.22
CA ARG A 205 -10.37 1.01 -1.52
C ARG A 205 -9.48 -0.18 -1.80
N GLY A 206 -8.23 -0.14 -1.34
CA GLY A 206 -7.34 -1.29 -1.45
C GLY A 206 -7.76 -2.45 -0.58
N LEU A 207 -8.58 -2.21 0.42
CA LEU A 207 -9.15 -3.27 1.23
C LEU A 207 -10.48 -3.76 0.69
N GLY A 208 -11.10 -3.03 -0.22
CA GLY A 208 -12.24 -3.52 -0.94
C GLY A 208 -13.57 -2.88 -0.64
N LEU A 209 -13.59 -1.75 0.05
CA LEU A 209 -14.82 -1.03 0.29
C LEU A 209 -14.68 0.39 -0.22
N SER A 210 -15.78 0.95 -0.72
CA SER A 210 -15.75 2.35 -1.07
C SER A 210 -16.75 3.11 -0.21
N PRO A 211 -16.39 4.29 0.29
CA PRO A 211 -17.28 5.00 1.21
C PRO A 211 -18.47 5.58 0.47
N ASP A 212 -19.67 5.33 1.00
CA ASP A 212 -20.85 6.01 0.48
C ASP A 212 -21.09 7.33 1.20
N LEU A 213 -20.84 7.38 2.50
CA LEU A 213 -20.70 8.64 3.21
C LEU A 213 -19.30 8.72 3.78
N ILE A 214 -18.83 9.95 3.95
CA ILE A 214 -17.51 10.22 4.49
C ILE A 214 -17.72 11.30 5.55
N VAL A 215 -17.77 10.89 6.81
CA VAL A 215 -18.18 11.77 7.90
C VAL A 215 -16.93 12.38 8.48
N CYS A 216 -16.61 13.59 8.05
CA CYS A 216 -15.37 14.24 8.48
C CYS A 216 -15.57 14.93 9.81
N ARG A 217 -14.69 14.66 10.77
CA ARG A 217 -14.81 15.19 12.10
C ARG A 217 -13.68 16.15 12.40
N SER A 218 -14.02 17.38 12.75
CA SER A 218 -13.05 18.45 12.93
C SER A 218 -13.38 19.21 14.22
N SER A 219 -12.75 20.36 14.37
CA SER A 219 -13.03 21.26 15.48
C SER A 219 -14.07 22.29 15.10
N THR A 220 -13.84 23.00 14.03
CA THR A 220 -14.79 23.91 13.41
C THR A 220 -15.50 23.20 12.27
N PRO A 221 -16.69 23.63 11.87
CA PRO A 221 -17.34 23.04 10.69
C PRO A 221 -16.54 23.30 9.43
N ILE A 222 -16.38 22.25 8.62
CA ILE A 222 -15.43 22.28 7.52
C ILE A 222 -15.98 23.15 6.39
N GLU A 223 -15.07 23.82 5.70
CA GLU A 223 -15.42 24.81 4.69
C GLU A 223 -16.00 24.12 3.46
N MET A 224 -16.79 24.86 2.69
CA MET A 224 -17.46 24.31 1.51
C MET A 224 -16.52 24.06 0.35
N ALA A 225 -15.28 24.53 0.41
CA ALA A 225 -14.27 24.14 -0.55
C ALA A 225 -13.47 22.95 -0.09
N VAL A 226 -13.52 22.65 1.20
CA VAL A 226 -12.87 21.46 1.73
C VAL A 226 -13.65 20.20 1.34
N LYS A 227 -14.97 20.22 1.52
CA LYS A 227 -15.76 19.08 1.07
C LYS A 227 -15.84 18.99 -0.45
N GLU A 228 -15.53 20.06 -1.15
CA GLU A 228 -15.34 19.97 -2.59
C GLU A 228 -14.05 19.24 -2.93
N LYS A 229 -13.04 19.32 -2.06
CA LYS A 229 -11.79 18.63 -2.31
C LYS A 229 -11.90 17.15 -2.05
N ILE A 230 -12.65 16.75 -1.02
CA ILE A 230 -12.80 15.33 -0.71
C ILE A 230 -13.67 14.65 -1.75
N SER A 231 -14.51 15.40 -2.44
CA SER A 231 -15.36 14.82 -3.48
C SER A 231 -14.57 14.32 -4.67
N MET A 232 -13.42 14.92 -4.93
CA MET A 232 -12.63 14.53 -6.09
C MET A 232 -11.70 13.37 -5.77
N PHE A 233 -11.26 13.24 -4.52
CA PHE A 233 -10.29 12.22 -4.15
C PHE A 233 -10.91 11.03 -3.45
N CYS A 234 -12.22 11.02 -3.21
CA CYS A 234 -12.84 9.92 -2.47
C CYS A 234 -14.12 9.44 -3.12
N HIS A 235 -14.42 9.88 -4.35
CA HIS A 235 -15.41 9.27 -5.24
C HIS A 235 -16.83 9.35 -4.68
N VAL A 236 -17.24 10.55 -4.30
CA VAL A 236 -18.59 10.77 -3.82
C VAL A 236 -18.94 12.23 -4.08
N ASN A 237 -20.23 12.52 -4.23
CA ASN A 237 -20.68 13.87 -4.49
C ASN A 237 -20.50 14.73 -3.24
N PRO A 238 -20.34 16.06 -3.39
CA PRO A 238 -20.04 16.90 -2.21
C PRO A 238 -21.18 17.02 -1.22
N GLU A 239 -22.40 16.60 -1.56
CA GLU A 239 -23.48 16.59 -0.58
C GLU A 239 -23.35 15.47 0.44
N GLN A 240 -22.36 14.60 0.28
CA GLN A 240 -22.22 13.41 1.12
C GLN A 240 -20.97 13.46 1.99
N VAL A 241 -20.33 14.62 2.11
CA VAL A 241 -19.24 14.80 3.03
C VAL A 241 -19.82 15.52 4.24
N ILE A 242 -20.29 14.75 5.20
CA ILE A 242 -20.97 15.28 6.37
C ILE A 242 -19.92 15.73 7.38
N CYS A 243 -20.09 16.92 7.93
CA CYS A 243 -19.21 17.38 8.99
C CYS A 243 -19.81 17.10 10.35
N ILE A 244 -18.94 16.96 11.33
CA ILE A 244 -19.33 16.96 12.74
C ILE A 244 -18.24 17.64 13.56
N HIS A 245 -18.54 18.83 14.05
CA HIS A 245 -17.54 19.66 14.70
C HIS A 245 -17.55 19.38 16.21
N ASP A 246 -16.91 20.24 17.00
CA ASP A 246 -16.85 20.06 18.44
C ASP A 246 -18.21 20.28 19.06
N VAL A 247 -18.98 19.20 19.16
CA VAL A 247 -20.32 19.28 19.69
C VAL A 247 -20.28 19.54 21.19
N SER A 248 -21.25 20.30 21.68
CA SER A 248 -21.33 20.60 23.10
C SER A 248 -22.01 19.50 23.88
N SER A 249 -22.56 18.49 23.20
CA SER A 249 -23.28 17.41 23.85
C SER A 249 -23.36 16.25 22.88
N THR A 250 -23.64 15.07 23.42
CA THR A 250 -23.89 13.93 22.55
C THR A 250 -25.28 13.94 21.98
N TYR A 251 -26.21 14.66 22.60
CA TYR A 251 -27.58 14.70 22.10
C TYR A 251 -27.73 15.55 20.85
N ARG A 252 -26.77 16.44 20.60
CA ARG A 252 -26.81 17.25 19.39
C ARG A 252 -26.34 16.48 18.18
N VAL A 253 -25.55 15.41 18.39
CA VAL A 253 -25.03 14.62 17.26
C VAL A 253 -26.14 14.00 16.39
N PRO A 254 -27.26 13.47 16.93
CA PRO A 254 -28.33 13.06 16.02
C PRO A 254 -29.01 14.20 15.28
N VAL A 255 -29.24 15.34 15.93
CA VAL A 255 -29.91 16.44 15.22
C VAL A 255 -28.94 17.19 14.33
N LEU A 256 -27.63 17.02 14.54
CA LEU A 256 -26.67 17.65 13.63
C LEU A 256 -26.56 16.89 12.33
N LEU A 257 -26.66 15.56 12.37
CA LEU A 257 -26.57 14.77 11.15
C LEU A 257 -27.82 14.96 10.29
N GLU A 258 -28.96 15.23 10.91
CA GLU A 258 -30.20 15.41 10.14
C GLU A 258 -30.17 16.69 9.33
N GLU A 259 -29.59 17.76 9.88
CA GLU A 259 -29.45 19.00 9.14
C GLU A 259 -28.41 18.90 8.04
N GLN A 260 -27.55 17.89 8.09
CA GLN A 260 -26.66 17.54 6.99
C GLN A 260 -27.35 16.69 5.93
N SER A 261 -28.66 16.43 6.09
CA SER A 261 -29.52 15.78 5.10
C SER A 261 -29.09 14.34 4.83
N ILE A 262 -28.77 13.59 5.89
CA ILE A 262 -28.46 12.17 5.68
C ILE A 262 -29.73 11.36 5.45
N VAL A 263 -30.88 11.85 5.91
CA VAL A 263 -32.13 11.09 5.78
C VAL A 263 -32.52 11.00 4.32
N LYS A 264 -32.26 12.07 3.57
CA LYS A 264 -32.50 12.06 2.13
C LYS A 264 -31.50 11.16 1.42
N TYR A 265 -30.32 10.95 1.99
CA TYR A 265 -29.34 10.11 1.31
C TYR A 265 -29.67 8.63 1.46
N PHE A 266 -29.98 8.20 2.68
CA PHE A 266 -30.33 6.80 2.88
C PHE A 266 -31.68 6.43 2.29
N LYS A 267 -32.49 7.40 1.88
CA LYS A 267 -33.72 7.09 1.19
C LYS A 267 -33.44 6.54 -0.20
N GLU A 268 -32.44 7.09 -0.89
CA GLU A 268 -32.12 6.63 -2.24
C GLU A 268 -31.04 5.58 -2.25
N ARG A 269 -30.12 5.61 -1.27
CA ARG A 269 -29.04 4.63 -1.26
C ARG A 269 -29.53 3.25 -0.86
N LEU A 270 -30.36 3.16 0.17
CA LEU A 270 -30.80 1.88 0.66
C LEU A 270 -32.26 1.55 0.30
N HIS A 271 -32.97 2.49 -0.33
CA HIS A 271 -34.39 2.33 -0.73
C HIS A 271 -35.29 1.99 0.45
N LEU A 272 -35.05 2.64 1.57
CA LEU A 272 -35.79 2.38 2.80
C LEU A 272 -37.17 3.03 2.75
N PRO A 273 -38.16 2.44 3.44
CA PRO A 273 -39.49 3.06 3.48
C PRO A 273 -39.62 4.13 4.55
N ILE A 274 -38.95 5.27 4.36
CA ILE A 274 -39.07 6.35 5.34
C ILE A 274 -40.37 7.11 5.13
N GLY A 275 -40.53 7.69 3.96
CA GLY A 275 -41.52 8.73 3.74
C GLY A 275 -40.87 10.10 3.71
N ASP A 276 -41.68 11.10 3.37
CA ASP A 276 -41.20 12.48 3.26
C ASP A 276 -42.15 13.39 4.03
N SER A 277 -41.69 13.85 5.19
CA SER A 277 -42.44 14.65 6.15
C SER A 277 -41.41 15.40 6.98
N ALA A 278 -41.80 15.85 8.18
CA ALA A 278 -40.81 16.17 9.19
C ALA A 278 -39.98 14.92 9.43
N SER A 279 -38.69 14.97 9.06
CA SER A 279 -37.94 13.79 8.67
C SER A 279 -37.68 12.82 9.81
N ASN A 280 -37.77 13.26 11.05
CA ASN A 280 -37.75 12.35 12.18
C ASN A 280 -38.74 12.82 13.23
N LEU A 281 -38.61 12.26 14.43
CA LEU A 281 -39.11 12.93 15.62
C LEU A 281 -38.00 13.86 16.09
N LEU A 282 -37.96 15.05 15.47
CA LEU A 282 -37.10 16.12 15.95
C LEU A 282 -37.54 16.61 17.32
N PHE A 283 -38.81 16.43 17.65
CA PHE A 283 -39.49 16.81 18.88
C PHE A 283 -39.05 16.01 20.08
N LYS A 284 -38.06 15.14 19.97
CA LYS A 284 -37.49 14.46 21.12
C LYS A 284 -36.03 14.82 21.32
N TRP A 285 -35.19 14.68 20.29
CA TRP A 285 -33.78 14.87 20.51
C TRP A 285 -33.39 16.33 20.57
N ARG A 286 -33.92 17.15 19.65
CA ARG A 286 -33.66 18.58 19.75
C ARG A 286 -34.37 19.18 20.95
N ASN A 287 -35.53 18.62 21.30
CA ASN A 287 -36.32 19.15 22.41
C ASN A 287 -35.67 18.84 23.76
N MET A 288 -34.68 17.95 23.81
CA MET A 288 -33.88 17.82 25.02
C MET A 288 -32.48 18.41 24.86
N ALA A 289 -31.95 18.51 23.64
CA ALA A 289 -30.66 19.14 23.47
C ALA A 289 -30.76 20.65 23.70
N ASP A 290 -31.95 21.21 23.50
CA ASP A 290 -32.18 22.57 23.96
C ASP A 290 -32.28 22.63 25.48
N ARG A 291 -32.75 21.55 26.11
CA ARG A 291 -32.81 21.54 27.56
C ARG A 291 -31.45 21.27 28.19
N TYR A 292 -30.57 20.57 27.48
CA TYR A 292 -29.28 20.22 28.05
C TYR A 292 -28.36 21.42 28.14
N GLU A 293 -28.42 22.33 27.17
CA GLU A 293 -27.63 23.54 27.26
C GLU A 293 -28.29 24.58 28.14
N ARG A 294 -29.61 24.55 28.27
CA ARG A 294 -30.32 25.42 29.20
C ARG A 294 -30.37 24.72 30.57
N LEU A 295 -29.22 24.72 31.23
CA LEU A 295 -29.09 24.18 32.58
C LEU A 295 -28.20 25.12 33.37
N GLN A 296 -28.77 25.76 34.38
CA GLN A 296 -28.01 26.63 35.25
C GLN A 296 -28.10 26.26 36.72
N LYS A 297 -28.97 25.33 37.08
CA LYS A 297 -29.09 24.87 38.45
C LYS A 297 -28.23 23.63 38.68
N ILE A 298 -27.97 23.33 39.94
CA ILE A 298 -26.95 22.37 40.33
C ILE A 298 -27.52 21.39 41.34
N CYS A 299 -27.32 20.09 41.10
CA CYS A 299 -27.65 19.01 42.01
C CYS A 299 -26.42 18.18 42.32
N SER A 300 -25.37 18.83 42.81
CA SER A 300 -24.03 18.24 42.87
C SER A 300 -24.01 17.11 43.89
N ILE A 301 -24.24 15.89 43.42
CA ILE A 301 -24.24 14.69 44.22
C ILE A 301 -22.88 14.02 44.12
N ALA A 302 -22.54 13.26 45.14
CA ALA A 302 -21.25 12.59 45.21
C ALA A 302 -21.39 11.15 44.78
N LEU A 303 -20.25 10.56 44.43
CA LEU A 303 -20.19 9.17 43.96
C LEU A 303 -18.85 8.62 44.46
N VAL A 304 -18.88 7.97 45.61
CA VAL A 304 -17.67 7.34 46.13
C VAL A 304 -17.44 6.02 45.40
N GLY A 305 -16.21 5.77 45.00
CA GLY A 305 -15.91 4.63 44.18
C GLY A 305 -14.52 4.10 44.45
N LYS A 306 -14.25 2.91 43.91
CA LYS A 306 -13.00 2.23 44.19
C LYS A 306 -11.83 2.79 43.39
N TYR A 307 -12.06 3.67 42.43
CA TYR A 307 -11.07 3.95 41.41
C TYR A 307 -10.55 5.37 41.56
N THR A 308 -9.38 5.62 41.00
CA THR A 308 -8.69 6.89 41.24
C THR A 308 -9.34 8.04 40.49
N LYS A 309 -9.79 7.79 39.25
CA LYS A 309 -10.39 8.84 38.43
C LYS A 309 -11.58 8.26 37.68
N LEU A 310 -12.29 9.13 36.97
CA LEU A 310 -13.32 8.68 36.03
C LEU A 310 -12.74 8.53 34.62
N ARG A 311 -11.61 7.84 34.50
CA ARG A 311 -11.31 7.16 33.24
C ARG A 311 -12.34 6.06 33.10
N ASP A 312 -13.25 6.21 32.15
CA ASP A 312 -14.68 6.32 32.45
C ASP A 312 -15.17 5.52 33.65
N CYS A 313 -15.10 4.19 33.59
CA CYS A 313 -15.25 3.19 34.67
C CYS A 313 -16.58 3.23 35.43
N TYR A 314 -17.38 4.26 35.23
CA TYR A 314 -18.74 4.38 35.71
C TYR A 314 -19.58 5.12 34.69
N ALA A 315 -19.28 4.90 33.44
CA ALA A 315 -19.93 5.63 32.47
C ALA A 315 -21.34 5.37 32.62
N SER A 316 -21.70 4.14 32.91
CA SER A 316 -23.09 3.87 32.99
C SER A 316 -23.77 4.62 34.04
N VAL A 317 -23.19 4.65 35.21
CA VAL A 317 -23.82 5.34 36.28
C VAL A 317 -23.93 6.77 35.94
N PHE A 318 -22.90 7.34 35.37
CA PHE A 318 -22.89 8.74 35.09
C PHE A 318 -24.02 9.02 34.21
N LYS A 319 -24.15 8.19 33.24
CA LYS A 319 -25.19 8.41 32.29
C LYS A 319 -26.56 8.32 32.87
N ALA A 320 -26.82 7.35 33.73
CA ALA A 320 -28.16 7.29 34.29
C ALA A 320 -28.38 8.52 35.03
N LEU A 321 -27.40 8.93 35.82
CA LEU A 321 -27.62 10.09 36.62
C LEU A 321 -28.01 11.25 35.81
N GLU A 322 -27.35 11.58 34.69
CA GLU A 322 -27.80 12.78 33.96
C GLU A 322 -29.18 12.63 33.46
N HIS A 323 -29.49 11.46 33.04
CA HIS A 323 -30.81 11.19 32.51
C HIS A 323 -31.89 11.65 33.47
N SER A 324 -31.64 11.48 34.77
CA SER A 324 -32.53 12.08 35.75
C SER A 324 -32.41 13.59 35.75
N ALA A 325 -31.17 14.10 35.76
CA ALA A 325 -30.92 15.53 35.83
C ALA A 325 -31.42 16.31 34.63
N LEU A 326 -31.61 15.63 33.49
CA LEU A 326 -32.27 16.28 32.36
C LEU A 326 -33.75 16.46 32.62
N ALA A 327 -34.35 15.56 33.39
CA ALA A 327 -35.78 15.65 33.69
C ALA A 327 -36.09 16.51 34.91
N ILE A 328 -35.07 17.02 35.61
CA ILE A 328 -35.28 17.89 36.76
C ILE A 328 -34.81 19.31 36.47
N ASN A 329 -34.23 19.55 35.29
CA ASN A 329 -33.60 20.82 34.89
C ASN A 329 -32.50 21.22 35.87
N HIS A 330 -31.47 20.38 35.94
CA HIS A 330 -30.32 20.65 36.79
C HIS A 330 -29.05 20.18 36.11
N LYS A 331 -28.07 21.07 35.97
CA LYS A 331 -26.75 20.66 35.52
C LYS A 331 -26.09 19.85 36.63
N LEU A 332 -25.88 18.56 36.40
CA LEU A 332 -25.33 17.68 37.42
C LEU A 332 -23.82 17.85 37.52
N ASN A 333 -23.36 18.26 38.70
CA ASN A 333 -21.93 18.35 38.99
C ASN A 333 -21.56 17.07 39.72
N LEU A 334 -21.04 16.10 38.97
CA LEU A 334 -20.67 14.83 39.60
C LEU A 334 -19.33 15.01 40.29
N MET A 335 -19.34 15.03 41.61
CA MET A 335 -18.11 15.04 42.39
C MET A 335 -17.71 13.59 42.61
N TYR A 336 -16.59 13.20 42.00
CA TYR A 336 -16.12 11.82 42.10
C TYR A 336 -15.12 11.72 43.23
N ILE A 337 -15.49 10.99 44.27
CA ILE A 337 -14.65 10.82 45.45
C ILE A 337 -14.05 9.42 45.39
N ASP A 338 -12.75 9.32 45.63
CA ASP A 338 -12.12 8.01 45.74
C ASP A 338 -12.34 7.47 47.15
N SER A 339 -12.66 6.18 47.24
CA SER A 339 -12.98 5.59 48.54
C SER A 339 -11.74 5.42 49.39
N ILE A 340 -10.58 5.24 48.77
CA ILE A 340 -9.34 5.11 49.51
C ILE A 340 -9.01 6.42 50.23
N ASP A 341 -9.36 7.56 49.62
CA ASP A 341 -9.01 8.85 50.20
C ASP A 341 -9.84 9.20 51.43
N LEU A 342 -10.93 8.49 51.71
CA LEU A 342 -11.71 8.79 52.90
C LEU A 342 -11.37 7.89 54.07
N GLU A 343 -10.39 7.00 53.91
CA GLU A 343 -10.11 5.98 54.91
C GLU A 343 -9.32 6.59 56.08
N LYS A 344 -9.16 5.79 57.13
CA LYS A 344 -8.28 6.17 58.23
C LYS A 344 -6.82 6.12 57.83
N ILE A 345 -6.50 5.35 56.78
CA ILE A 345 -5.13 5.26 56.28
C ILE A 345 -4.66 6.60 55.73
N THR A 346 -5.54 7.31 55.02
CA THR A 346 -5.11 8.46 54.24
C THR A 346 -4.80 9.65 55.14
N GLU A 347 -5.60 9.86 56.19
CA GLU A 347 -5.42 11.03 57.06
C GLU A 347 -4.11 10.95 57.84
N THR A 348 -3.63 9.74 58.12
CA THR A 348 -2.33 9.60 58.75
C THR A 348 -1.21 9.97 57.79
N GLU A 349 -1.20 9.38 56.59
CA GLU A 349 -0.05 9.52 55.72
C GLU A 349 -0.13 10.69 54.74
N ASP A 350 -1.32 11.17 54.40
CA ASP A 350 -1.47 12.18 53.36
C ASP A 350 -2.77 12.94 53.58
N PRO A 351 -2.71 14.07 54.30
CA PRO A 351 -3.96 14.77 54.65
C PRO A 351 -4.59 15.54 53.50
N VAL A 352 -3.83 15.88 52.46
CA VAL A 352 -4.37 16.68 51.37
C VAL A 352 -5.30 15.84 50.52
N LYS A 353 -4.89 14.62 50.19
CA LYS A 353 -5.79 13.68 49.52
C LYS A 353 -6.98 13.32 50.41
N PHE A 354 -6.80 13.35 51.73
CA PHE A 354 -7.90 13.03 52.63
C PHE A 354 -8.95 14.13 52.64
N HIS A 355 -8.55 15.34 53.03
CA HIS A 355 -9.53 16.38 53.33
C HIS A 355 -10.20 16.91 52.07
N GLU A 356 -9.49 16.95 50.95
CA GLU A 356 -10.07 17.44 49.71
C GLU A 356 -11.17 16.51 49.21
N ALA A 357 -11.02 15.21 49.45
CA ALA A 357 -12.09 14.28 49.10
C ALA A 357 -13.23 14.36 50.11
N TRP A 358 -12.96 14.59 51.38
CA TRP A 358 -14.04 14.68 52.35
C TRP A 358 -14.79 15.98 52.15
N GLN A 359 -14.05 17.01 51.86
CA GLN A 359 -14.73 18.30 51.69
C GLN A 359 -15.79 18.20 50.61
N LYS A 360 -15.53 17.39 49.57
CA LYS A 360 -16.53 17.16 48.54
C LYS A 360 -17.73 16.41 49.10
N LEU A 361 -17.50 15.53 50.06
CA LEU A 361 -18.60 14.76 50.63
C LEU A 361 -19.47 15.61 51.53
N CYS A 362 -18.89 16.63 52.15
CA CYS A 362 -19.66 17.50 53.02
C CYS A 362 -20.56 18.45 52.24
N LYS A 363 -20.06 19.02 51.14
CA LYS A 363 -20.85 19.93 50.34
C LYS A 363 -21.94 19.21 49.55
N ALA A 364 -21.75 17.92 49.30
CA ALA A 364 -22.65 17.15 48.46
C ALA A 364 -24.00 16.96 49.12
N ASP A 365 -25.03 16.92 48.29
CA ASP A 365 -26.39 16.64 48.73
C ASP A 365 -26.92 15.36 48.09
N GLY A 366 -26.03 14.41 47.84
CA GLY A 366 -26.40 13.05 47.50
C GLY A 366 -25.18 12.14 47.43
N ILE A 367 -25.24 11.00 48.11
CA ILE A 367 -24.20 9.98 48.03
C ILE A 367 -24.72 8.82 47.21
N LEU A 368 -23.98 8.43 46.19
CA LEU A 368 -24.26 7.22 45.41
C LEU A 368 -23.09 6.26 45.59
N VAL A 369 -23.41 5.04 46.00
CA VAL A 369 -22.40 3.98 46.12
C VAL A 369 -22.69 2.95 45.04
N PRO A 370 -21.93 2.90 43.97
CA PRO A 370 -22.20 1.93 42.91
C PRO A 370 -21.57 0.57 43.21
N GLY A 371 -21.65 -0.33 42.24
CA GLY A 371 -21.17 -1.68 42.42
C GLY A 371 -19.66 -1.76 42.44
N GLY A 372 -19.18 -2.96 42.79
CA GLY A 372 -17.76 -3.19 42.89
C GLY A 372 -17.44 -4.50 43.57
N PHE A 373 -16.29 -5.07 43.23
CA PHE A 373 -15.86 -6.36 43.75
C PHE A 373 -14.55 -6.19 44.49
N GLY A 374 -14.53 -6.61 45.75
CA GLY A 374 -13.28 -6.78 46.47
C GLY A 374 -13.24 -5.99 47.78
N ILE A 375 -12.21 -6.33 48.56
CA ILE A 375 -11.93 -5.64 49.83
C ILE A 375 -11.35 -4.26 49.60
N ARG A 376 -10.82 -3.99 48.42
CA ARG A 376 -10.13 -2.71 48.17
C ARG A 376 -11.14 -1.57 48.09
N GLY A 377 -10.86 -0.50 48.83
CA GLY A 377 -11.74 0.64 48.86
C GLY A 377 -13.06 0.41 49.54
N THR A 378 -13.13 -0.60 50.41
CA THR A 378 -14.40 -0.90 51.07
C THR A 378 -14.58 -0.10 52.35
N LEU A 379 -13.52 0.00 53.16
CA LEU A 379 -13.63 0.63 54.47
C LEU A 379 -13.83 2.14 54.37
N GLY A 380 -13.47 2.74 53.24
CA GLY A 380 -13.77 4.14 53.04
C GLY A 380 -15.25 4.40 52.81
N LYS A 381 -15.89 3.56 51.98
CA LYS A 381 -17.31 3.74 51.71
C LYS A 381 -18.17 3.42 52.91
N LEU A 382 -17.67 2.64 53.86
CA LEU A 382 -18.42 2.43 55.10
C LEU A 382 -18.47 3.69 55.94
N GLN A 383 -17.48 4.57 55.80
CA GLN A 383 -17.58 5.86 56.46
C GLN A 383 -18.60 6.75 55.77
N ALA A 384 -18.73 6.62 54.46
CA ALA A 384 -19.63 7.49 53.71
C ALA A 384 -21.10 7.11 53.91
N ILE A 385 -21.39 5.83 54.09
CA ILE A 385 -22.76 5.42 54.34
C ILE A 385 -23.18 5.85 55.75
N SER A 386 -22.24 5.82 56.70
CA SER A 386 -22.50 6.39 58.01
C SER A 386 -22.66 7.90 57.94
N TRP A 387 -22.07 8.53 56.93
CA TRP A 387 -22.29 9.95 56.73
C TRP A 387 -23.65 10.24 56.11
N ALA A 388 -24.32 9.22 55.56
CA ALA A 388 -25.64 9.42 55.00
C ALA A 388 -26.70 9.19 56.08
N ARG A 389 -26.39 8.31 57.02
CA ARG A 389 -27.34 7.97 58.05
C ARG A 389 -27.34 8.95 59.21
N THR A 390 -26.18 9.53 59.54
CA THR A 390 -26.05 10.39 60.70
C THR A 390 -26.10 11.87 60.36
N LYS A 391 -26.29 12.23 59.09
CA LYS A 391 -26.33 13.63 58.71
C LYS A 391 -27.42 13.88 57.67
N LYS A 392 -28.20 12.85 57.30
CA LYS A 392 -29.45 12.94 56.56
C LYS A 392 -29.26 13.54 55.17
N ILE A 393 -28.46 12.84 54.36
CA ILE A 393 -28.27 13.19 52.96
C ILE A 393 -28.90 12.06 52.15
N PRO A 394 -29.57 12.35 51.02
CA PRO A 394 -30.12 11.26 50.20
C PRO A 394 -29.05 10.31 49.68
N PHE A 395 -29.35 9.02 49.76
CA PHE A 395 -28.40 7.96 49.52
C PHE A 395 -29.00 6.93 48.57
N LEU A 396 -28.14 6.34 47.76
CA LEU A 396 -28.51 5.18 46.96
C LEU A 396 -27.35 4.21 46.88
N GLY A 397 -27.59 2.96 47.21
CA GLY A 397 -26.59 1.91 47.15
C GLY A 397 -26.95 0.95 46.01
N VAL A 398 -25.94 0.58 45.24
CA VAL A 398 -26.12 -0.26 44.05
C VAL A 398 -25.17 -1.44 44.19
N CYS A 399 -25.71 -2.60 44.58
CA CYS A 399 -25.13 -3.94 44.41
C CYS A 399 -23.93 -4.23 45.30
N LEU A 400 -23.33 -3.20 45.88
CA LEU A 400 -22.37 -3.36 46.95
C LEU A 400 -22.78 -2.38 48.03
N GLY A 401 -23.36 -1.26 47.59
CA GLY A 401 -23.89 -0.29 48.52
C GLY A 401 -25.09 -0.79 49.28
N MET A 402 -25.92 -1.63 48.65
CA MET A 402 -26.97 -2.30 49.38
C MET A 402 -26.38 -3.28 50.39
N GLN A 403 -25.28 -3.92 50.03
CA GLN A 403 -24.64 -4.85 50.96
C GLN A 403 -23.96 -4.10 52.09
N LEU A 404 -23.25 -3.03 51.78
CA LEU A 404 -22.49 -2.34 52.81
C LEU A 404 -23.37 -1.50 53.73
N ALA A 405 -24.52 -1.05 53.26
CA ALA A 405 -25.42 -0.30 54.13
C ALA A 405 -26.04 -1.20 55.19
N VAL A 406 -26.42 -2.42 54.79
CA VAL A 406 -26.99 -3.38 55.74
C VAL A 406 -25.92 -3.83 56.72
N ILE A 407 -24.65 -3.87 56.30
CA ILE A 407 -23.57 -4.18 57.22
C ILE A 407 -23.40 -3.06 58.25
N GLU A 408 -23.32 -1.82 57.79
CA GLU A 408 -23.03 -0.73 58.72
C GLU A 408 -24.23 -0.36 59.57
N PHE A 409 -25.45 -0.72 59.14
CA PHE A 409 -26.61 -0.50 59.99
C PHE A 409 -26.57 -1.41 61.20
N ALA A 410 -26.05 -2.64 61.02
CA ALA A 410 -25.87 -3.53 62.16
C ALA A 410 -24.76 -3.05 63.07
N ARG A 411 -23.76 -2.35 62.52
CA ARG A 411 -22.65 -1.88 63.32
C ARG A 411 -22.97 -0.62 64.10
N ASN A 412 -23.98 0.15 63.70
CA ASN A 412 -24.15 1.49 64.24
C ASN A 412 -25.55 1.76 64.78
N CYS A 413 -26.50 0.87 64.58
CA CYS A 413 -27.80 0.97 65.22
C CYS A 413 -28.17 -0.29 65.99
N LEU A 414 -27.53 -1.41 65.67
CA LEU A 414 -27.70 -2.65 66.41
C LEU A 414 -26.48 -3.02 67.22
N ASN A 415 -25.34 -2.37 66.96
CA ASN A 415 -24.05 -2.60 67.64
C ASN A 415 -23.59 -4.05 67.52
N LEU A 416 -23.87 -4.65 66.37
CA LEU A 416 -23.28 -5.94 66.01
C LEU A 416 -21.99 -5.67 65.24
N LYS A 417 -21.00 -5.16 65.96
CA LYS A 417 -19.81 -4.60 65.32
C LYS A 417 -18.94 -5.69 64.71
N ASP A 418 -19.00 -6.90 65.24
CA ASP A 418 -18.25 -8.01 64.68
C ASP A 418 -18.86 -8.55 63.39
N ALA A 419 -20.05 -8.11 63.00
CA ALA A 419 -20.67 -8.58 61.79
C ALA A 419 -20.04 -7.93 60.56
N ASP A 420 -19.78 -8.74 59.55
CA ASP A 420 -19.08 -8.33 58.35
C ASP A 420 -19.65 -9.16 57.22
N SER A 421 -18.97 -9.21 56.09
CA SER A 421 -19.39 -10.08 55.01
C SER A 421 -18.58 -11.37 55.07
N THR A 422 -18.78 -12.22 54.05
CA THR A 422 -17.90 -13.36 53.85
C THR A 422 -16.97 -13.16 52.67
N GLU A 423 -17.18 -12.11 51.87
CA GLU A 423 -16.15 -11.68 50.95
C GLU A 423 -14.97 -11.09 51.71
N PHE A 424 -15.26 -10.46 52.84
CA PHE A 424 -14.31 -9.67 53.59
C PHE A 424 -14.10 -10.44 54.89
N ARG A 425 -12.83 -10.81 55.19
CA ARG A 425 -12.37 -11.71 56.25
C ARG A 425 -13.29 -12.94 56.36
N PRO A 426 -13.16 -13.88 55.40
CA PRO A 426 -14.25 -14.83 55.10
C PRO A 426 -14.70 -15.72 56.25
N ASN A 427 -13.80 -16.12 57.13
CA ASN A 427 -14.20 -16.85 58.32
C ASN A 427 -14.87 -15.86 59.26
N ALA A 428 -16.18 -15.75 59.15
CA ALA A 428 -17.09 -14.74 59.68
C ALA A 428 -17.47 -15.06 61.12
N PRO A 429 -17.26 -14.12 62.03
CA PRO A 429 -17.77 -14.28 63.39
C PRO A 429 -19.29 -14.24 63.41
N VAL A 430 -19.84 -13.19 62.80
CA VAL A 430 -21.27 -13.05 62.61
C VAL A 430 -21.53 -12.91 61.11
N PRO A 431 -21.96 -13.96 60.45
CA PRO A 431 -22.06 -13.95 58.97
C PRO A 431 -23.29 -13.24 58.45
N LEU A 432 -23.19 -11.92 58.30
CA LEU A 432 -24.36 -11.16 57.90
C LEU A 432 -24.52 -11.10 56.38
N VAL A 433 -23.43 -11.03 55.64
CA VAL A 433 -23.46 -11.08 54.19
C VAL A 433 -22.70 -12.32 53.75
N ILE A 434 -23.42 -13.32 53.27
CA ILE A 434 -22.81 -14.60 52.94
C ILE A 434 -22.83 -14.79 51.44
N ASP A 435 -22.21 -15.86 50.98
CA ASP A 435 -22.24 -16.22 49.57
C ASP A 435 -23.46 -17.10 49.33
N MET A 436 -24.14 -16.85 48.21
CA MET A 436 -25.25 -17.70 47.78
C MET A 436 -25.31 -17.61 46.26
N PRO A 437 -24.56 -18.44 45.56
CA PRO A 437 -24.61 -18.45 44.11
C PRO A 437 -25.84 -19.23 43.62
N GLU A 438 -26.14 -19.05 42.35
CA GLU A 438 -27.33 -19.69 41.82
C GLU A 438 -27.05 -21.12 41.37
N HIS A 439 -28.13 -21.88 41.19
CA HIS A 439 -28.07 -23.23 40.65
C HIS A 439 -29.16 -23.35 39.59
N ASN A 440 -28.83 -22.96 38.38
CA ASN A 440 -29.73 -23.15 37.26
C ASN A 440 -29.43 -24.50 36.60
N PRO A 441 -30.46 -25.33 36.36
CA PRO A 441 -30.21 -26.65 35.76
C PRO A 441 -29.75 -26.56 34.32
N GLY A 442 -28.49 -26.91 34.07
CA GLY A 442 -27.90 -26.77 32.75
C GLY A 442 -26.44 -26.35 32.82
N ASN A 443 -26.00 -25.89 33.98
CA ASN A 443 -24.58 -25.62 34.24
C ASN A 443 -24.17 -26.40 35.48
N LEU A 444 -22.88 -26.30 35.80
CA LEU A 444 -22.30 -27.01 36.94
C LEU A 444 -21.62 -26.01 37.86
N GLY A 445 -21.90 -26.12 39.15
CA GLY A 445 -21.29 -25.24 40.13
C GLY A 445 -22.11 -24.01 40.42
N GLY A 446 -21.47 -23.08 41.13
CA GLY A 446 -22.11 -21.86 41.55
C GLY A 446 -22.04 -20.74 40.54
N THR A 447 -23.12 -20.52 39.81
CA THR A 447 -23.20 -19.45 38.83
C THR A 447 -23.53 -18.13 39.50
N MET A 448 -23.07 -17.04 38.88
CA MET A 448 -23.43 -15.71 39.32
C MET A 448 -24.91 -15.45 39.05
N ARG A 449 -25.55 -14.75 39.98
CA ARG A 449 -26.87 -14.20 39.69
C ARG A 449 -26.71 -13.14 38.63
N LEU A 450 -27.18 -13.41 37.42
CA LEU A 450 -26.77 -12.62 36.27
C LEU A 450 -27.88 -12.53 35.25
N GLY A 451 -28.32 -11.32 34.97
CA GLY A 451 -29.30 -11.06 33.93
C GLY A 451 -30.59 -10.49 34.47
N ILE A 452 -31.61 -10.47 33.61
CA ILE A 452 -32.95 -10.07 34.04
C ILE A 452 -33.52 -11.15 34.92
N ARG A 453 -33.77 -10.80 36.17
CA ARG A 453 -34.56 -11.62 37.06
C ARG A 453 -35.74 -10.79 37.54
N ARG A 454 -36.66 -11.45 38.23
CA ARG A 454 -37.85 -10.79 38.72
C ARG A 454 -37.61 -10.32 40.15
N THR A 455 -38.11 -9.13 40.46
CA THR A 455 -38.03 -8.57 41.80
C THR A 455 -39.43 -8.22 42.26
N VAL A 456 -39.85 -8.80 43.39
CA VAL A 456 -41.20 -8.66 43.91
C VAL A 456 -41.15 -7.78 45.14
N PHE A 457 -42.01 -6.78 45.19
CA PHE A 457 -42.12 -5.95 46.38
C PHE A 457 -42.80 -6.72 47.51
N LYS A 458 -42.63 -6.21 48.73
CA LYS A 458 -43.24 -6.81 49.90
C LYS A 458 -44.30 -5.92 50.52
N THR A 459 -43.97 -4.68 50.85
CA THR A 459 -44.89 -3.79 51.50
C THR A 459 -45.69 -2.98 50.50
N GLU A 460 -46.45 -2.01 51.00
CA GLU A 460 -47.17 -1.05 50.18
C GLU A 460 -46.61 0.36 50.27
N ASN A 461 -46.13 0.76 51.45
CA ASN A 461 -45.53 2.08 51.61
C ASN A 461 -44.07 2.12 51.17
N SER A 462 -43.79 1.66 49.96
CA SER A 462 -42.44 1.69 49.44
C SER A 462 -42.22 2.96 48.64
N ILE A 463 -41.07 3.61 48.86
CA ILE A 463 -40.75 4.80 48.09
C ILE A 463 -40.28 4.41 46.69
N LEU A 464 -39.97 3.14 46.45
CA LEU A 464 -39.73 2.68 45.09
C LEU A 464 -41.00 2.24 44.38
N ARG A 465 -41.96 1.65 45.11
CA ARG A 465 -43.25 1.36 44.49
C ARG A 465 -43.97 2.65 44.09
N LYS A 466 -43.74 3.72 44.85
CA LYS A 466 -44.16 5.05 44.40
C LYS A 466 -43.47 5.46 43.11
N LEU A 467 -42.21 5.07 42.92
CA LEU A 467 -41.48 5.55 41.75
C LEU A 467 -41.69 4.68 40.52
N TYR A 468 -41.70 3.36 40.66
CA TYR A 468 -41.88 2.51 39.49
C TYR A 468 -43.29 2.55 38.94
N GLY A 469 -44.27 3.03 39.70
CA GLY A 469 -45.61 3.16 39.18
C GLY A 469 -46.58 2.15 39.75
N ASP A 470 -46.39 1.84 41.04
CA ASP A 470 -47.29 1.01 41.84
C ASP A 470 -47.44 -0.40 41.27
N VAL A 471 -46.40 -0.88 40.58
CA VAL A 471 -46.45 -2.19 39.94
C VAL A 471 -46.08 -3.27 40.95
N PRO A 472 -46.55 -4.50 40.79
CA PRO A 472 -46.16 -5.54 41.76
C PRO A 472 -44.75 -6.02 41.57
N PHE A 473 -44.25 -6.06 40.34
CA PHE A 473 -42.94 -6.63 40.06
C PHE A 473 -42.20 -5.75 39.07
N ILE A 474 -40.88 -5.75 39.20
CA ILE A 474 -40.00 -5.08 38.26
C ILE A 474 -38.98 -6.08 37.76
N GLU A 475 -38.35 -5.75 36.64
CA GLU A 475 -37.35 -6.60 36.02
C GLU A 475 -36.11 -5.77 35.75
N GLU A 476 -35.01 -6.09 36.43
CA GLU A 476 -33.78 -5.34 36.31
C GLU A 476 -32.61 -6.32 36.18
N ARG A 477 -31.48 -5.81 35.73
CA ARG A 477 -30.32 -6.63 35.42
C ARG A 477 -29.52 -6.86 36.70
N HIS A 478 -29.20 -8.11 36.98
CA HIS A 478 -28.36 -8.46 38.11
C HIS A 478 -26.96 -8.82 37.65
N ARG A 479 -25.97 -8.48 38.48
CA ARG A 479 -24.60 -8.98 38.28
C ARG A 479 -23.95 -8.93 39.66
N HIS A 480 -23.94 -10.06 40.36
CA HIS A 480 -23.24 -10.23 41.63
C HIS A 480 -23.20 -11.71 41.97
N ARG A 481 -22.70 -12.01 43.17
CA ARG A 481 -22.66 -13.34 43.71
C ARG A 481 -23.26 -13.47 45.09
N PHE A 482 -23.34 -12.38 45.84
CA PHE A 482 -23.54 -12.42 47.28
C PHE A 482 -24.93 -11.94 47.65
N GLU A 483 -25.34 -12.31 48.86
CA GLU A 483 -26.63 -11.94 49.38
C GLU A 483 -26.49 -11.56 50.84
N VAL A 484 -27.52 -10.94 51.37
CA VAL A 484 -27.65 -10.79 52.79
C VAL A 484 -28.15 -12.12 53.35
N ASN A 485 -27.65 -12.49 54.52
CA ASN A 485 -27.92 -13.83 55.07
C ASN A 485 -29.37 -13.92 55.52
N PRO A 486 -30.13 -14.93 55.04
CA PRO A 486 -31.50 -15.10 55.53
C PRO A 486 -31.61 -15.48 57.00
N ASN A 487 -30.53 -15.93 57.63
CA ASN A 487 -30.55 -16.17 59.07
C ASN A 487 -30.16 -14.94 59.87
N LEU A 488 -30.16 -13.77 59.26
CA LEU A 488 -30.06 -12.51 59.99
C LEU A 488 -31.31 -11.64 59.79
N ILE A 489 -32.40 -12.22 59.29
CA ILE A 489 -33.68 -11.52 59.29
C ILE A 489 -34.22 -11.43 60.71
N LYS A 490 -33.84 -12.41 61.56
CA LYS A 490 -34.23 -12.42 62.98
C LYS A 490 -33.76 -11.18 63.72
N GLN A 491 -32.59 -10.65 63.35
CA GLN A 491 -32.06 -9.45 63.97
C GLN A 491 -32.58 -8.17 63.32
N PHE A 492 -33.53 -8.27 62.39
CA PHE A 492 -34.01 -7.13 61.62
C PHE A 492 -35.53 -6.99 61.69
N GLU A 493 -36.16 -7.54 62.73
CA GLU A 493 -37.61 -7.71 62.69
C GLU A 493 -38.40 -6.42 62.90
N GLN A 494 -37.86 -5.47 63.66
CA GLN A 494 -38.69 -4.36 64.13
C GLN A 494 -38.08 -2.98 63.97
N ASN A 495 -36.77 -2.87 63.71
CA ASN A 495 -36.12 -1.57 63.75
C ASN A 495 -36.28 -0.79 62.46
N ASP A 496 -35.47 0.27 62.30
CA ASP A 496 -35.66 1.27 61.27
C ASP A 496 -35.56 0.70 59.86
N LEU A 497 -34.47 -0.01 59.59
CA LEU A 497 -34.26 -0.57 58.26
C LEU A 497 -35.08 -1.84 58.09
N SER A 498 -35.79 -1.95 56.98
CA SER A 498 -36.53 -3.16 56.67
C SER A 498 -36.34 -3.48 55.20
N PHE A 499 -36.78 -4.67 54.82
CA PHE A 499 -36.63 -5.15 53.46
C PHE A 499 -37.92 -4.98 52.67
N VAL A 500 -37.78 -4.51 51.44
CA VAL A 500 -38.90 -4.33 50.54
C VAL A 500 -38.81 -5.24 49.32
N GLY A 501 -37.61 -5.37 48.75
CA GLY A 501 -37.45 -6.20 47.57
C GLY A 501 -37.18 -7.65 47.89
N GLN A 502 -37.58 -8.52 46.97
CA GLN A 502 -37.52 -9.97 47.14
C GLN A 502 -37.65 -10.60 45.77
N ASP A 503 -36.94 -11.71 45.57
CA ASP A 503 -37.05 -12.45 44.31
C ASP A 503 -38.26 -13.38 44.35
N VAL A 504 -38.34 -14.30 43.39
CA VAL A 504 -39.52 -15.14 43.25
C VAL A 504 -39.57 -16.18 44.37
N ASP A 505 -38.55 -17.04 44.44
CA ASP A 505 -38.54 -18.11 45.42
C ASP A 505 -38.11 -17.67 46.81
N GLY A 506 -37.90 -16.36 47.02
CA GLY A 506 -37.91 -15.78 48.34
C GLY A 506 -36.66 -15.95 49.18
N ASP A 507 -35.64 -16.64 48.69
CA ASP A 507 -34.45 -16.86 49.49
C ASP A 507 -33.60 -15.60 49.61
N ARG A 508 -33.77 -14.64 48.71
CA ARG A 508 -32.83 -13.54 48.55
C ARG A 508 -33.57 -12.21 48.64
N MET A 509 -33.06 -11.32 49.47
CA MET A 509 -33.67 -10.00 49.62
C MET A 509 -32.99 -8.99 48.71
N GLU A 510 -33.79 -8.03 48.23
CA GLU A 510 -33.33 -7.16 47.16
C GLU A 510 -33.21 -5.70 47.57
N ILE A 511 -34.29 -5.08 48.05
CA ILE A 511 -34.37 -3.62 48.17
C ILE A 511 -34.69 -3.24 49.61
N ILE A 512 -33.94 -2.28 50.14
CA ILE A 512 -34.11 -1.78 51.49
C ILE A 512 -34.59 -0.34 51.46
N GLU A 513 -35.32 0.07 52.49
CA GLU A 513 -35.79 1.45 52.63
C GLU A 513 -35.73 1.83 54.11
N LEU A 514 -34.79 2.71 54.46
CA LEU A 514 -34.64 3.14 55.84
C LEU A 514 -35.71 4.16 56.20
N ALA A 515 -36.24 4.05 57.41
CA ALA A 515 -37.27 4.96 57.89
C ALA A 515 -36.65 6.20 58.52
N ASN A 516 -37.47 7.25 58.62
CA ASN A 516 -37.13 8.54 59.24
C ASN A 516 -35.90 9.17 58.57
N HIS A 517 -35.91 9.15 57.24
CA HIS A 517 -34.89 9.68 56.36
C HIS A 517 -35.54 9.77 54.99
N PRO A 518 -35.47 10.93 54.31
CA PRO A 518 -36.16 11.07 53.02
C PRO A 518 -35.74 10.10 51.93
N TYR A 519 -34.47 9.69 51.86
CA TYR A 519 -34.09 8.75 50.82
C TYR A 519 -32.86 7.99 51.27
N PHE A 520 -33.05 6.74 51.69
CA PHE A 520 -31.93 5.83 51.98
C PHE A 520 -32.37 4.46 51.47
N VAL A 521 -32.07 4.17 50.21
CA VAL A 521 -32.46 2.92 49.59
C VAL A 521 -31.25 2.25 48.99
N GLY A 522 -31.29 0.92 48.92
CA GLY A 522 -30.21 0.14 48.38
C GLY A 522 -30.75 -1.01 47.57
N VAL A 523 -30.12 -1.32 46.44
CA VAL A 523 -30.63 -2.32 45.52
C VAL A 523 -29.55 -3.35 45.23
N GLN A 524 -29.96 -4.60 45.06
CA GLN A 524 -29.02 -5.62 44.60
C GLN A 524 -28.79 -5.54 43.10
N PHE A 525 -29.81 -5.16 42.35
CA PHE A 525 -29.65 -5.06 40.91
C PHE A 525 -28.90 -3.78 40.54
N HIS A 526 -28.58 -3.69 39.26
CA HIS A 526 -28.00 -2.47 38.70
C HIS A 526 -29.10 -1.68 38.03
N PRO A 527 -29.55 -0.56 38.59
CA PRO A 527 -30.61 0.22 37.94
C PRO A 527 -30.15 0.96 36.70
N GLU A 528 -28.83 1.02 36.46
CA GLU A 528 -28.28 1.88 35.41
C GLU A 528 -28.75 1.46 34.03
N PHE A 529 -28.65 0.18 33.72
CA PHE A 529 -28.64 -0.20 32.32
C PHE A 529 -30.04 -0.25 31.70
N SER A 530 -31.08 -0.06 32.49
CA SER A 530 -32.44 0.03 31.96
C SER A 530 -32.87 1.46 31.70
N SER A 531 -31.99 2.42 31.92
CA SER A 531 -32.33 3.81 31.72
C SER A 531 -32.21 4.20 30.26
N ARG A 532 -32.95 5.22 29.88
CA ARG A 532 -32.92 5.83 28.56
C ARG A 532 -32.78 7.33 28.79
N PRO A 533 -32.61 8.16 27.77
CA PRO A 533 -32.75 9.60 27.99
C PRO A 533 -34.20 10.07 27.91
N MET A 534 -35.13 9.13 27.75
CA MET A 534 -36.54 9.48 27.76
C MET A 534 -37.11 9.12 29.12
N LYS A 535 -36.95 7.88 29.52
CA LYS A 535 -37.34 7.47 30.85
C LYS A 535 -36.09 7.32 31.71
N PRO A 536 -36.00 8.06 32.81
CA PRO A 536 -34.89 7.86 33.73
C PRO A 536 -34.99 6.54 34.46
N SER A 537 -33.90 6.07 34.99
CA SER A 537 -33.96 4.91 35.86
C SER A 537 -34.58 5.34 37.19
N PRO A 538 -35.67 4.70 37.61
CA PRO A 538 -36.48 5.21 38.74
C PRO A 538 -35.76 5.27 40.07
N PRO A 539 -34.76 4.43 40.39
CA PRO A 539 -33.96 4.77 41.58
C PRO A 539 -33.12 6.02 41.40
N TYR A 540 -32.60 6.27 40.20
CA TYR A 540 -31.80 7.47 40.00
C TYR A 540 -32.63 8.73 39.95
N LEU A 541 -33.91 8.63 39.66
CA LEU A 541 -34.76 9.81 39.72
C LEU A 541 -35.03 10.20 41.17
N GLY A 542 -35.32 9.21 42.01
CA GLY A 542 -35.53 9.47 43.42
C GLY A 542 -34.29 9.91 44.17
N LEU A 543 -33.11 9.62 43.64
CA LEU A 543 -31.90 10.15 44.24
C LEU A 543 -31.69 11.60 43.88
N LEU A 544 -32.28 12.07 42.78
CA LEU A 544 -32.20 13.48 42.45
C LEU A 544 -33.46 14.25 42.77
N LEU A 545 -34.60 13.58 42.91
CA LEU A 545 -35.76 14.28 43.44
C LEU A 545 -35.59 14.60 44.91
N ALA A 546 -34.83 13.80 45.63
CA ALA A 546 -34.53 14.10 47.02
C ALA A 546 -33.33 14.99 47.18
N ALA A 547 -32.51 15.13 46.13
CA ALA A 547 -31.35 16.01 46.17
C ALA A 547 -31.69 17.44 45.80
N THR A 548 -32.95 17.73 45.54
CA THR A 548 -33.35 19.10 45.27
C THR A 548 -34.66 19.48 45.95
N GLY A 549 -35.23 18.60 46.78
CA GLY A 549 -36.44 18.90 47.50
C GLY A 549 -37.71 18.56 46.77
N ASN A 550 -37.64 18.21 45.49
CA ASN A 550 -38.85 17.93 44.72
C ASN A 550 -39.39 16.51 44.94
N LEU A 551 -38.83 15.75 45.87
CA LEU A 551 -39.33 14.41 46.14
C LEU A 551 -40.69 14.45 46.83
N ASN A 552 -40.99 15.55 47.51
CA ASN A 552 -42.33 15.73 48.07
C ASN A 552 -43.36 15.95 46.97
N ALA A 553 -43.16 16.98 46.14
CA ALA A 553 -44.17 17.37 45.17
C ALA A 553 -44.28 16.42 43.99
N TYR A 554 -43.25 15.60 43.75
CA TYR A 554 -43.37 14.59 42.70
C TYR A 554 -44.38 13.52 43.07
N LEU A 555 -44.50 13.22 44.37
CA LEU A 555 -45.40 12.18 44.83
C LEU A 555 -46.74 12.76 45.28
N GLN A 556 -47.16 13.86 44.67
CA GLN A 556 -48.50 14.40 44.84
C GLN A 556 -49.19 14.59 43.50
N GLN A 557 -48.69 13.92 42.46
CA GLN A 557 -49.33 13.91 41.15
C GLN A 557 -48.95 12.65 40.40
N MET B 1 29.85 14.22 0.69
CA MET B 1 29.29 15.24 1.56
C MET B 1 28.10 14.69 2.33
N LYS B 2 27.97 15.09 3.59
CA LYS B 2 26.86 14.62 4.41
C LYS B 2 25.55 15.24 3.94
N TYR B 3 24.47 14.49 4.11
CA TYR B 3 23.19 14.82 3.53
C TYR B 3 22.13 14.60 4.59
N ILE B 4 21.22 15.56 4.73
CA ILE B 4 20.10 15.45 5.64
C ILE B 4 18.85 15.69 4.83
N LEU B 5 17.99 14.69 4.76
CA LEU B 5 16.77 14.75 3.96
C LEU B 5 15.59 14.83 4.92
N VAL B 6 14.98 15.98 5.02
CA VAL B 6 13.72 16.08 5.74
C VAL B 6 12.64 15.70 4.74
N THR B 7 11.55 15.16 5.25
CA THR B 7 10.44 14.76 4.39
C THR B 7 9.17 14.78 5.22
N GLY B 8 8.07 15.14 4.57
CA GLY B 8 6.85 15.37 5.29
C GLY B 8 6.13 14.09 5.62
N GLY B 9 5.23 14.19 6.58
CA GLY B 9 4.56 13.01 7.07
C GLY B 9 3.11 12.95 6.72
N VAL B 10 2.27 13.40 7.64
CA VAL B 10 0.84 13.15 7.53
C VAL B 10 0.18 14.17 6.63
N ILE B 11 0.39 15.45 6.90
CA ILE B 11 -0.28 16.53 6.20
C ILE B 11 0.74 17.50 5.64
N SER B 12 0.24 18.54 4.99
CA SER B 12 1.07 19.49 4.28
C SER B 12 1.66 20.55 5.17
N GLY B 13 0.80 21.35 5.81
CA GLY B 13 1.27 22.52 6.54
C GLY B 13 1.79 22.23 7.92
N ILE B 14 2.74 21.31 8.03
CA ILE B 14 3.39 21.00 9.29
C ILE B 14 4.41 22.05 9.65
N GLY B 15 5.33 22.35 8.75
CA GLY B 15 6.51 23.06 9.19
C GLY B 15 7.81 22.36 8.89
N LYS B 16 7.88 21.72 7.72
CA LYS B 16 9.16 21.24 7.19
C LYS B 16 10.20 22.35 7.18
N GLY B 17 9.84 23.50 6.61
CA GLY B 17 10.80 24.55 6.37
C GLY B 17 11.34 25.20 7.63
N ILE B 18 10.56 25.17 8.71
CA ILE B 18 11.12 25.63 9.97
C ILE B 18 11.90 24.51 10.65
N ILE B 19 11.55 23.25 10.41
CA ILE B 19 12.38 22.16 10.90
C ILE B 19 13.68 22.07 10.10
N ALA B 20 13.58 22.14 8.78
CA ALA B 20 14.76 21.94 7.93
C ALA B 20 15.75 23.08 8.08
N SER B 21 15.28 24.30 8.24
CA SER B 21 16.19 25.40 8.47
C SER B 21 16.75 25.39 9.88
N SER B 22 16.00 24.89 10.86
CA SER B 22 16.55 24.84 12.21
C SER B 22 17.56 23.73 12.38
N ILE B 23 17.54 22.71 11.52
CA ILE B 23 18.67 21.79 11.48
C ILE B 23 19.87 22.50 10.88
N GLY B 24 19.63 23.47 10.00
CA GLY B 24 20.71 24.26 9.47
C GLY B 24 21.35 25.16 10.52
N THR B 25 20.53 25.82 11.34
CA THR B 25 21.05 26.77 12.33
C THR B 25 21.87 26.09 13.42
N ILE B 26 21.51 24.86 13.76
CA ILE B 26 22.33 24.09 14.69
C ILE B 26 23.70 23.86 14.10
N LEU B 27 23.74 23.25 12.92
CA LEU B 27 25.02 22.87 12.34
C LEU B 27 25.75 24.04 11.70
N LYS B 28 25.07 25.17 11.48
CA LYS B 28 25.80 26.41 11.21
C LYS B 28 26.54 26.86 12.46
N SER B 29 25.89 26.80 13.60
CA SER B 29 26.45 27.25 14.86
C SER B 29 27.20 26.14 15.61
N CYS B 30 27.44 25.00 14.97
CA CYS B 30 28.38 24.02 15.48
C CYS B 30 29.73 24.15 14.79
N GLY B 31 29.88 25.06 13.85
CA GLY B 31 31.11 25.23 13.12
C GLY B 31 31.10 24.66 11.72
N LEU B 32 30.11 23.87 11.38
CA LEU B 32 30.07 23.23 10.07
C LEU B 32 29.50 24.18 9.03
N ARG B 33 29.83 23.95 7.77
CA ARG B 33 29.34 24.74 6.66
C ARG B 33 28.17 24.02 5.99
N VAL B 34 27.06 24.75 5.79
CA VAL B 34 25.77 24.15 5.45
C VAL B 34 25.33 24.71 4.11
N THR B 35 24.73 23.85 3.27
CA THR B 35 23.96 24.30 2.11
C THR B 35 22.50 23.96 2.32
N ALA B 36 21.71 24.23 1.29
CA ALA B 36 20.29 23.94 1.37
C ALA B 36 19.76 23.75 -0.03
N ILE B 37 19.15 22.60 -0.29
CA ILE B 37 18.55 22.28 -1.57
C ILE B 37 17.10 21.95 -1.30
N LYS B 38 16.21 22.91 -1.48
CA LYS B 38 14.79 22.65 -1.27
C LYS B 38 14.21 22.03 -2.53
N ILE B 39 13.74 20.79 -2.41
CA ILE B 39 12.99 20.16 -3.49
C ILE B 39 11.62 20.79 -3.53
N ASP B 40 11.04 20.90 -4.71
CA ASP B 40 9.67 21.37 -4.83
C ASP B 40 8.86 20.45 -5.74
N PRO B 41 7.67 20.03 -5.31
CA PRO B 41 6.82 19.21 -6.16
C PRO B 41 6.16 19.97 -7.30
N TYR B 42 6.19 21.29 -7.32
CA TYR B 42 5.47 22.02 -8.35
C TYR B 42 6.32 22.10 -9.61
N ILE B 43 5.72 22.65 -10.68
CA ILE B 43 6.26 22.50 -12.03
C ILE B 43 6.96 23.78 -12.52
N ASN B 44 6.83 24.89 -11.81
CA ASN B 44 7.24 26.20 -12.33
C ASN B 44 8.75 26.32 -12.41
N ILE B 45 9.31 26.05 -13.59
CA ILE B 45 10.71 26.39 -13.87
C ILE B 45 10.86 27.91 -13.89
N ASP B 46 11.90 28.40 -13.22
CA ASP B 46 12.18 29.84 -13.04
C ASP B 46 10.97 30.53 -12.43
N ALA B 47 10.70 30.11 -11.19
CA ALA B 47 9.36 30.03 -10.63
C ALA B 47 8.59 31.36 -10.62
N GLY B 48 9.28 32.49 -10.57
CA GLY B 48 8.59 33.76 -10.41
C GLY B 48 7.79 34.28 -11.58
N THR B 49 6.87 33.47 -12.08
CA THR B 49 5.76 33.91 -12.89
C THR B 49 4.47 33.94 -12.10
N PHE B 50 4.53 33.75 -10.80
CA PHE B 50 3.36 33.67 -9.97
C PHE B 50 2.68 34.98 -9.75
N SER B 51 1.64 34.95 -8.96
CA SER B 51 0.95 36.15 -8.62
C SER B 51 1.40 36.07 -7.24
N PRO B 52 1.88 37.19 -6.61
CA PRO B 52 2.27 36.97 -5.23
C PRO B 52 1.07 36.61 -4.43
N TYR B 53 -0.15 37.01 -4.78
CA TYR B 53 -1.25 36.69 -3.89
C TYR B 53 -1.32 35.26 -3.81
N GLU B 54 -1.28 34.58 -4.92
CA GLU B 54 -1.35 33.16 -4.85
C GLU B 54 0.03 32.85 -4.53
N HIS B 55 0.32 31.65 -4.09
CA HIS B 55 1.67 31.35 -3.72
C HIS B 55 2.05 32.28 -2.65
N GLY B 56 2.81 33.26 -3.05
CA GLY B 56 3.33 34.28 -2.16
C GLY B 56 4.78 34.68 -2.39
N GLU B 57 4.98 35.96 -2.68
CA GLU B 57 6.23 36.67 -2.46
C GLU B 57 7.41 36.10 -3.23
N VAL B 58 7.48 36.36 -4.53
CA VAL B 58 8.62 35.94 -5.36
C VAL B 58 9.91 36.48 -4.78
N PHE B 59 10.83 35.58 -4.47
CA PHE B 59 12.10 35.87 -3.81
C PHE B 59 13.19 36.04 -4.86
N VAL B 60 14.20 36.84 -4.56
CA VAL B 60 15.24 37.23 -5.52
C VAL B 60 16.59 36.84 -4.96
N LEU B 61 17.41 36.19 -5.79
CA LEU B 61 18.75 35.79 -5.42
C LEU B 61 19.79 36.74 -6.00
N ASN B 62 21.06 36.37 -5.89
CA ASN B 62 22.13 37.22 -6.40
C ASN B 62 22.25 37.11 -7.90
N ASP B 63 22.21 35.90 -8.43
CA ASP B 63 22.44 35.70 -9.85
C ASP B 63 21.24 36.11 -10.70
N GLY B 64 20.08 36.27 -10.09
CA GLY B 64 18.90 36.64 -10.86
C GLY B 64 17.82 35.60 -10.85
N GLY B 65 17.74 34.84 -9.76
CA GLY B 65 16.71 33.83 -9.67
C GLY B 65 15.34 34.41 -9.38
N GLU B 66 14.32 33.70 -9.82
CA GLU B 66 12.93 34.02 -9.52
C GLU B 66 12.42 32.80 -8.75
N VAL B 67 12.72 32.78 -7.45
CA VAL B 67 12.80 31.54 -6.68
C VAL B 67 11.76 31.62 -5.56
N ASP B 68 11.36 30.43 -5.09
CA ASP B 68 10.33 30.20 -4.07
C ASP B 68 10.50 31.08 -2.84
N LEU B 69 9.34 31.41 -2.24
CA LEU B 69 9.27 32.03 -0.93
C LEU B 69 10.10 31.28 0.11
N ASP B 70 9.92 29.97 0.20
CA ASP B 70 10.53 29.21 1.28
C ASP B 70 12.02 28.99 1.11
N LEU B 71 12.62 29.45 0.01
CA LEU B 71 14.07 29.50 -0.04
C LEU B 71 14.61 30.74 0.64
N GLY B 72 13.75 31.74 0.87
CA GLY B 72 14.18 32.87 1.67
C GLY B 72 14.36 32.53 3.13
N ASN B 73 13.71 31.48 3.60
CA ASN B 73 13.85 31.06 4.99
C ASN B 73 15.22 30.49 5.28
N TYR B 74 15.94 30.01 4.26
CA TYR B 74 17.30 29.55 4.46
C TYR B 74 18.29 30.70 4.46
N GLU B 75 18.00 31.76 3.73
CA GLU B 75 18.92 32.88 3.67
C GLU B 75 18.74 33.87 4.81
N ARG B 76 17.99 33.50 5.85
CA ARG B 76 17.91 34.28 7.07
C ARG B 76 18.37 33.50 8.27
N PHE B 77 17.87 32.27 8.42
CA PHE B 77 18.37 31.38 9.45
C PHE B 77 19.81 30.96 9.21
N LEU B 78 20.34 31.16 8.02
CA LEU B 78 21.77 31.11 7.80
C LEU B 78 22.15 32.36 7.01
N ASP B 79 23.43 32.68 6.99
CA ASP B 79 23.91 33.80 6.18
C ASP B 79 24.21 33.39 4.74
N ILE B 80 23.74 32.20 4.36
CA ILE B 80 23.84 31.66 3.02
C ILE B 80 23.27 32.62 1.98
N ASN B 81 23.94 32.68 0.81
CA ASN B 81 23.37 33.25 -0.41
C ASN B 81 23.18 32.14 -1.43
N LEU B 82 21.92 31.77 -1.69
CA LEU B 82 21.56 30.64 -2.53
C LEU B 82 21.64 31.00 -4.01
N TYR B 83 21.69 29.96 -4.84
CA TYR B 83 21.78 30.09 -6.28
C TYR B 83 20.50 29.56 -6.94
N LYS B 84 20.29 29.92 -8.20
CA LYS B 84 18.99 29.66 -8.80
C LYS B 84 18.78 28.19 -9.13
N ASP B 85 19.87 27.44 -9.25
CA ASP B 85 19.80 25.99 -9.39
C ASP B 85 19.92 25.29 -8.05
N ASN B 86 20.03 26.04 -6.96
CA ASN B 86 20.05 25.47 -5.63
C ASN B 86 18.64 25.33 -5.08
N ASN B 87 17.65 25.78 -5.83
CA ASN B 87 16.28 25.30 -5.77
C ASN B 87 16.12 24.23 -6.84
N ILE B 88 15.17 23.32 -6.62
CA ILE B 88 14.89 22.31 -7.63
C ILE B 88 13.40 21.94 -7.61
N THR B 89 12.74 22.14 -8.73
CA THR B 89 11.32 21.87 -8.86
C THR B 89 11.13 20.71 -9.81
N THR B 90 9.93 20.15 -9.79
CA THR B 90 9.59 19.02 -10.66
C THR B 90 9.71 19.39 -12.14
N GLY B 91 9.20 20.55 -12.51
CA GLY B 91 9.38 21.00 -13.86
C GLY B 91 10.73 21.57 -14.19
N LYS B 92 11.70 21.45 -13.29
CA LYS B 92 13.07 21.77 -13.62
C LYS B 92 13.84 20.53 -14.03
N ILE B 93 13.53 19.36 -13.46
CA ILE B 93 14.13 18.12 -13.94
C ILE B 93 13.57 17.74 -15.29
N TYR B 94 12.24 17.76 -15.42
CA TYR B 94 11.58 17.34 -16.65
C TYR B 94 11.93 18.25 -17.82
N GLN B 95 12.21 19.52 -17.56
CA GLN B 95 12.75 20.33 -18.64
C GLN B 95 14.21 20.01 -18.88
N HIS B 96 14.96 19.62 -17.86
CA HIS B 96 16.37 19.31 -18.04
C HIS B 96 16.57 18.01 -18.80
N VAL B 97 15.60 17.11 -18.77
CA VAL B 97 15.77 15.80 -19.38
C VAL B 97 15.19 15.82 -20.78
N ILE B 98 14.10 16.57 -20.98
CA ILE B 98 13.57 16.77 -22.32
C ILE B 98 14.56 17.53 -23.19
N ASN B 99 15.28 18.49 -22.61
CA ASN B 99 16.33 19.15 -23.37
C ASN B 99 17.50 18.23 -23.67
N LYS B 100 17.72 17.21 -22.85
CA LYS B 100 18.81 16.27 -23.13
C LYS B 100 18.41 15.15 -24.07
N GLU B 101 17.12 14.82 -24.14
CA GLU B 101 16.71 13.77 -25.05
C GLU B 101 16.55 14.28 -26.48
N ARG B 102 16.45 15.59 -26.67
CA ARG B 102 16.32 16.12 -28.02
C ARG B 102 17.68 16.44 -28.61
N ARG B 103 18.65 16.79 -27.78
CA ARG B 103 20.02 16.85 -28.25
C ARG B 103 20.54 15.48 -28.63
N GLY B 104 20.03 14.43 -28.00
CA GLY B 104 20.52 13.09 -28.21
C GLY B 104 21.56 12.67 -27.21
N ASP B 105 21.59 13.28 -26.02
CA ASP B 105 22.64 13.01 -25.04
C ASP B 105 22.45 11.69 -24.32
N TYR B 106 21.42 10.92 -24.64
CA TYR B 106 21.23 9.58 -24.11
C TYR B 106 21.48 8.50 -25.14
N LEU B 107 21.71 8.87 -26.39
CA LEU B 107 21.95 7.95 -27.51
C LEU B 107 20.78 6.99 -27.70
N GLY B 108 19.62 7.56 -27.97
CA GLY B 108 18.40 6.79 -28.07
C GLY B 108 17.99 6.28 -26.70
N LYS B 109 18.08 4.96 -26.52
CA LYS B 109 18.03 4.27 -25.24
C LYS B 109 16.73 4.39 -24.46
N THR B 110 15.70 5.08 -24.97
CA THR B 110 14.34 5.09 -24.43
C THR B 110 14.32 5.58 -22.98
N VAL B 111 14.50 6.90 -22.84
CA VAL B 111 14.58 7.49 -21.52
C VAL B 111 13.30 7.29 -20.72
N GLN B 112 13.45 7.14 -19.41
CA GLN B 112 12.42 6.64 -18.53
C GLN B 112 12.43 7.47 -17.26
N VAL B 113 11.42 7.30 -16.41
CA VAL B 113 11.44 8.04 -15.16
C VAL B 113 12.32 7.33 -14.15
N VAL B 114 12.51 6.03 -14.28
CA VAL B 114 13.60 5.31 -13.62
C VAL B 114 14.44 4.67 -14.72
N PRO B 115 15.74 4.96 -14.83
CA PRO B 115 16.54 5.82 -13.96
C PRO B 115 16.74 7.24 -14.43
N HIS B 116 16.27 7.60 -15.63
CA HIS B 116 16.75 8.83 -16.26
C HIS B 116 16.18 10.10 -15.65
N ILE B 117 15.17 10.00 -14.80
CA ILE B 117 14.81 11.14 -13.96
C ILE B 117 15.52 11.06 -12.62
N THR B 118 15.53 9.86 -12.01
CA THR B 118 16.15 9.70 -10.71
C THR B 118 17.66 9.84 -10.77
N ASP B 119 18.28 9.63 -11.93
CA ASP B 119 19.69 10.01 -12.07
C ASP B 119 19.83 11.52 -12.15
N ALA B 120 18.89 12.19 -12.82
CA ALA B 120 18.99 13.63 -13.00
C ALA B 120 18.76 14.38 -11.71
N VAL B 121 18.00 13.80 -10.79
CA VAL B 121 17.89 14.38 -9.46
C VAL B 121 19.18 14.14 -8.68
N GLN B 122 19.76 12.94 -8.81
CA GLN B 122 20.96 12.63 -8.06
C GLN B 122 22.20 13.32 -8.62
N GLU B 123 22.27 13.51 -9.93
CA GLU B 123 23.34 14.34 -10.48
C GLU B 123 23.19 15.79 -10.05
N TRP B 124 21.95 16.22 -9.86
CA TRP B 124 21.69 17.60 -9.43
C TRP B 124 22.17 17.81 -8.00
N VAL B 125 21.79 16.91 -7.10
CA VAL B 125 22.09 17.09 -5.69
C VAL B 125 23.54 16.73 -5.36
N MET B 126 24.20 15.92 -6.20
CA MET B 126 25.64 15.76 -6.04
C MET B 126 26.41 17.00 -6.48
N ASN B 127 25.83 17.85 -7.31
CA ASN B 127 26.53 19.02 -7.80
C ASN B 127 26.26 20.26 -6.97
N GLN B 128 24.98 20.60 -6.75
CA GLN B 128 24.65 21.79 -5.98
C GLN B 128 24.95 21.66 -4.50
N ALA B 129 25.24 20.46 -4.01
CA ALA B 129 25.82 20.38 -2.68
C ALA B 129 27.25 20.87 -2.67
N LYS B 130 27.98 20.67 -3.76
CA LYS B 130 29.40 21.02 -3.80
C LYS B 130 29.65 22.52 -3.94
N VAL B 131 28.71 23.27 -4.50
CA VAL B 131 28.98 24.68 -4.81
C VAL B 131 28.99 25.49 -3.52
N PRO B 132 30.01 26.33 -3.29
CA PRO B 132 30.10 27.05 -2.01
C PRO B 132 29.04 28.12 -1.88
N VAL B 133 28.03 27.84 -1.06
CA VAL B 133 26.86 28.69 -1.00
C VAL B 133 27.08 29.84 -0.02
N ASP B 134 28.06 29.73 0.86
CA ASP B 134 28.54 30.86 1.63
C ASP B 134 29.42 31.72 0.73
N GLY B 135 29.68 32.95 1.18
CA GLY B 135 30.64 33.79 0.49
C GLY B 135 32.06 33.26 0.59
N ASN B 136 32.35 32.47 1.62
CA ASN B 136 33.66 31.85 1.75
C ASN B 136 33.79 30.71 0.74
N LYS B 137 34.71 30.86 -0.20
CA LYS B 137 34.88 29.86 -1.25
C LYS B 137 35.62 28.67 -0.67
N GLU B 138 34.86 27.61 -0.38
CA GLU B 138 35.32 26.38 0.24
C GLU B 138 34.19 25.37 0.09
N GLU B 139 34.53 24.11 -0.19
CA GLU B 139 33.51 23.10 -0.38
C GLU B 139 32.79 22.84 0.94
N PRO B 140 31.45 22.77 0.92
CA PRO B 140 30.70 22.65 2.19
C PRO B 140 30.77 21.28 2.82
N GLN B 141 30.03 21.10 3.89
CA GLN B 141 30.22 19.90 4.71
C GLN B 141 28.95 19.09 4.93
N ILE B 142 27.78 19.75 5.03
CA ILE B 142 26.51 19.05 5.01
C ILE B 142 25.62 19.70 3.97
N CYS B 143 24.40 19.16 3.83
CA CYS B 143 23.46 19.64 2.85
C CYS B 143 22.06 19.28 3.34
N VAL B 144 21.35 20.24 3.89
CA VAL B 144 19.97 20.02 4.28
C VAL B 144 19.13 20.01 3.01
N ILE B 145 18.29 18.98 2.86
CA ILE B 145 17.44 18.84 1.68
C ILE B 145 16.00 18.84 2.15
N GLU B 146 15.20 19.72 1.60
CA GLU B 146 13.80 19.83 1.98
C GLU B 146 12.93 19.30 0.85
N LEU B 147 12.43 18.09 1.01
CA LEU B 147 11.48 17.53 0.06
C LEU B 147 10.11 18.09 0.38
N GLY B 148 9.68 19.07 -0.40
CA GLY B 148 8.39 19.67 -0.17
C GLY B 148 7.25 18.74 -0.53
N GLY B 149 6.08 19.04 0.01
CA GLY B 149 4.93 18.19 -0.16
C GLY B 149 4.98 16.98 0.75
N THR B 150 3.83 16.32 0.89
CA THR B 150 3.71 15.20 1.82
C THR B 150 4.33 13.96 1.19
N ILE B 151 4.05 12.81 1.76
CA ILE B 151 4.60 11.59 1.18
C ILE B 151 3.46 10.63 0.96
N GLY B 152 3.62 9.75 -0.03
CA GLY B 152 2.51 9.02 -0.56
C GLY B 152 1.72 9.76 -1.62
N ASP B 153 1.96 11.05 -1.80
CA ASP B 153 1.43 11.81 -2.91
C ASP B 153 2.24 11.47 -4.16
N ILE B 154 1.70 11.85 -5.32
CA ILE B 154 2.29 11.31 -6.54
C ILE B 154 3.26 12.30 -7.18
N GLU B 155 3.80 13.21 -6.37
CA GLU B 155 5.05 13.89 -6.73
C GLU B 155 6.21 13.43 -5.88
N GLY B 156 5.96 12.74 -4.78
CA GLY B 156 7.04 12.18 -4.02
C GLY B 156 7.62 11.01 -4.79
N MET B 157 6.75 10.36 -5.56
CA MET B 157 7.13 9.15 -6.30
C MET B 157 8.30 9.34 -7.28
N PRO B 158 8.47 10.45 -8.00
CA PRO B 158 9.75 10.66 -8.68
C PRO B 158 10.91 10.97 -7.75
N PHE B 159 10.65 11.57 -6.59
CA PHE B 159 11.73 12.04 -5.75
C PHE B 159 12.11 11.10 -4.63
N VAL B 160 11.15 10.41 -4.00
CA VAL B 160 11.54 9.47 -2.96
C VAL B 160 12.15 8.23 -3.57
N GLU B 161 11.88 7.95 -4.84
CA GLU B 161 12.65 6.96 -5.56
C GLU B 161 14.05 7.47 -5.85
N ALA B 162 14.18 8.77 -6.09
CA ALA B 162 15.48 9.35 -6.37
C ALA B 162 16.35 9.38 -5.13
N PHE B 163 15.74 9.52 -3.95
CA PHE B 163 16.50 9.43 -2.71
C PHE B 163 16.51 8.03 -2.12
N ARG B 164 15.72 7.11 -2.68
CA ARG B 164 15.85 5.71 -2.30
C ARG B 164 17.19 5.16 -2.76
N GLN B 165 17.52 5.37 -4.04
CA GLN B 165 18.79 4.94 -4.60
C GLN B 165 19.95 5.79 -4.11
N PHE B 166 19.67 6.97 -3.57
CA PHE B 166 20.70 7.89 -3.13
C PHE B 166 21.21 7.56 -1.74
N GLN B 167 20.55 6.64 -1.03
CA GLN B 167 21.10 6.13 0.22
C GLN B 167 22.38 5.35 -0.02
N PHE B 168 22.51 4.73 -1.18
CA PHE B 168 23.58 3.81 -1.46
C PHE B 168 24.62 4.38 -2.41
N LYS B 169 24.32 5.48 -3.09
CA LYS B 169 25.37 6.26 -3.75
C LYS B 169 26.32 6.81 -2.71
N ALA B 170 25.80 7.55 -1.75
CA ALA B 170 26.55 7.85 -0.55
C ALA B 170 26.64 6.61 0.32
N LYS B 171 27.48 6.69 1.34
CA LYS B 171 27.56 5.60 2.30
C LYS B 171 26.40 5.73 3.29
N ARG B 172 26.23 4.70 4.13
CA ARG B 172 25.27 4.77 5.24
C ARG B 172 25.58 5.92 6.18
N GLU B 173 26.86 6.22 6.38
CA GLU B 173 27.27 7.28 7.28
C GLU B 173 27.46 8.61 6.58
N ASN B 174 26.69 8.87 5.52
CA ASN B 174 26.69 10.16 4.86
C ASN B 174 25.29 10.67 4.60
N PHE B 175 24.25 9.94 4.96
CA PHE B 175 22.88 10.26 4.55
C PHE B 175 21.94 9.99 5.71
N CYS B 176 21.59 11.03 6.45
CA CYS B 176 20.59 10.89 7.49
C CYS B 176 19.20 11.06 6.89
N ASN B 177 18.19 11.11 7.75
CA ASN B 177 16.82 11.21 7.28
C ASN B 177 15.96 11.75 8.41
N ILE B 178 15.21 12.81 8.11
CA ILE B 178 14.26 13.39 9.05
C ILE B 178 12.88 13.16 8.48
N HIS B 179 11.92 12.80 9.33
CA HIS B 179 10.54 12.61 8.90
C HIS B 179 9.66 13.36 9.87
N VAL B 180 9.13 14.50 9.43
CA VAL B 180 8.37 15.37 10.31
C VAL B 180 6.91 14.96 10.22
N SER B 181 6.27 14.73 11.37
CA SER B 181 4.98 14.07 11.39
C SER B 181 3.99 14.79 12.28
N LEU B 182 2.70 14.58 11.98
CA LEU B 182 1.59 15.16 12.72
C LEU B 182 1.11 14.18 13.78
N VAL B 183 1.02 14.64 15.02
CA VAL B 183 0.50 13.80 16.09
C VAL B 183 -0.72 14.47 16.71
N PRO B 184 -1.90 14.31 16.11
CA PRO B 184 -3.07 15.09 16.51
C PRO B 184 -3.64 14.61 17.84
N GLN B 185 -4.56 15.42 18.36
CA GLN B 185 -5.29 15.07 19.56
C GLN B 185 -6.63 15.77 19.52
N LEU B 186 -7.59 15.24 20.26
CA LEU B 186 -8.89 15.87 20.38
C LEU B 186 -9.00 16.57 21.73
N SER B 187 -9.95 17.51 21.82
CA SER B 187 -9.91 18.52 22.87
C SER B 187 -10.27 17.92 24.23
N ALA B 188 -11.51 17.44 24.37
CA ALA B 188 -12.02 17.05 25.68
C ALA B 188 -11.51 15.69 26.15
N THR B 189 -10.75 14.98 25.32
CA THR B 189 -10.27 13.65 25.65
C THR B 189 -8.82 13.65 26.12
N GLY B 190 -7.96 14.46 25.51
CA GLY B 190 -6.58 14.56 25.94
C GLY B 190 -5.65 13.50 25.38
N GLU B 191 -6.20 12.45 24.78
CA GLU B 191 -5.38 11.37 24.21
C GLU B 191 -4.60 11.87 23.01
N GLN B 192 -3.31 11.59 22.99
CA GLN B 192 -2.39 12.15 22.01
C GLN B 192 -1.95 10.96 21.17
N LYS B 193 -2.50 10.85 19.97
CA LYS B 193 -2.86 9.52 19.48
C LYS B 193 -1.70 8.78 18.82
N THR B 194 -1.20 9.27 17.67
CA THR B 194 -0.12 8.76 16.81
C THR B 194 -0.43 7.52 15.98
N LYS B 195 -1.68 7.28 15.60
CA LYS B 195 -1.91 6.41 14.44
C LYS B 195 -1.34 6.92 13.13
N PRO B 196 -1.50 8.18 12.70
CA PRO B 196 -1.05 8.53 11.34
C PRO B 196 0.46 8.59 11.21
N THR B 197 1.18 8.73 12.32
CA THR B 197 2.63 8.62 12.27
C THR B 197 3.05 7.21 11.96
N GLN B 198 2.29 6.21 12.43
CA GLN B 198 2.58 4.82 12.10
C GLN B 198 2.32 4.55 10.63
N ASN B 199 1.18 4.99 10.12
CA ASN B 199 0.83 4.68 8.74
C ASN B 199 1.57 5.53 7.73
N SER B 200 2.21 6.60 8.16
CA SER B 200 3.06 7.36 7.25
C SER B 200 4.43 6.73 7.11
N VAL B 201 4.96 6.18 8.20
CA VAL B 201 6.27 5.54 8.15
C VAL B 201 6.19 4.22 7.41
N ARG B 202 5.08 3.49 7.58
CA ARG B 202 4.82 2.31 6.77
C ARG B 202 4.71 2.67 5.29
N ALA B 203 4.11 3.82 4.98
CA ALA B 203 4.15 4.30 3.61
C ALA B 203 5.55 4.73 3.22
N LEU B 204 6.34 5.21 4.17
CA LEU B 204 7.69 5.66 3.84
C LEU B 204 8.63 4.48 3.63
N ARG B 205 8.51 3.43 4.45
CA ARG B 205 9.36 2.26 4.26
C ARG B 205 9.06 1.56 2.96
N GLY B 206 7.79 1.57 2.53
CA GLY B 206 7.43 1.02 1.23
C GLY B 206 7.95 1.84 0.08
N LEU B 207 8.31 3.09 0.32
CA LEU B 207 8.95 3.92 -0.69
C LEU B 207 10.47 3.82 -0.65
N GLY B 208 11.03 3.27 0.42
CA GLY B 208 12.43 2.93 0.44
C GLY B 208 13.30 3.74 1.36
N LEU B 209 12.74 4.51 2.27
CA LEU B 209 13.52 5.24 3.24
C LEU B 209 13.05 4.88 4.64
N SER B 210 13.98 4.86 5.58
CA SER B 210 13.58 4.68 6.96
C SER B 210 13.97 5.91 7.76
N PRO B 211 13.09 6.39 8.64
CA PRO B 211 13.38 7.63 9.37
C PRO B 211 14.46 7.41 10.41
N ASP B 212 15.46 8.29 10.41
CA ASP B 212 16.44 8.29 11.50
C ASP B 212 16.00 9.19 12.64
N LEU B 213 15.38 10.32 12.33
CA LEU B 213 14.62 11.08 13.30
C LEU B 213 13.17 11.14 12.85
N ILE B 214 12.28 11.27 13.83
CA ILE B 214 10.85 11.36 13.58
C ILE B 214 10.36 12.53 14.42
N VAL B 215 10.19 13.69 13.77
CA VAL B 215 9.94 14.94 14.47
C VAL B 215 8.44 15.12 14.55
N CYS B 216 7.86 14.75 15.68
CA CYS B 216 6.41 14.80 15.84
C CYS B 216 5.97 16.19 16.24
N ARG B 217 5.00 16.74 15.53
CA ARG B 217 4.54 18.09 15.76
C ARG B 217 3.11 18.08 16.27
N SER B 218 2.90 18.68 17.44
CA SER B 218 1.61 18.64 18.12
C SER B 218 1.27 20.03 18.63
N SER B 219 0.26 20.08 19.49
CA SER B 219 -0.11 21.32 20.17
C SER B 219 0.58 21.43 21.52
N THR B 220 0.44 20.44 22.35
CA THR B 220 1.15 20.29 23.60
C THR B 220 2.36 19.38 23.40
N PRO B 221 3.39 19.48 24.23
CA PRO B 221 4.51 18.54 24.12
C PRO B 221 4.06 17.11 24.42
N ILE B 222 4.53 16.18 23.56
CA ILE B 222 3.98 14.84 23.56
C ILE B 222 4.49 14.07 24.78
N GLU B 223 3.65 13.18 25.29
CA GLU B 223 3.91 12.49 26.53
C GLU B 223 5.02 11.44 26.33
N MET B 224 5.70 11.09 27.42
CA MET B 224 6.83 10.17 27.35
C MET B 224 6.41 8.72 27.10
N ALA B 225 5.12 8.41 27.18
CA ALA B 225 4.62 7.12 26.74
C ALA B 225 4.19 7.14 25.29
N VAL B 226 3.97 8.33 24.74
CA VAL B 226 3.64 8.47 23.33
C VAL B 226 4.88 8.23 22.46
N LYS B 227 6.01 8.85 22.83
CA LYS B 227 7.23 8.58 22.09
C LYS B 227 7.77 7.18 22.36
N GLU B 228 7.32 6.53 23.43
CA GLU B 228 7.61 5.11 23.59
C GLU B 228 6.80 4.27 22.62
N LYS B 229 5.62 4.75 22.22
CA LYS B 229 4.80 4.01 21.27
C LYS B 229 5.34 4.12 19.86
N ILE B 230 5.85 5.30 19.48
CA ILE B 230 6.38 5.47 18.14
C ILE B 230 7.69 4.73 17.97
N SER B 231 8.39 4.45 19.07
CA SER B 231 9.64 3.72 19.00
C SER B 231 9.45 2.28 18.57
N MET B 232 8.29 1.69 18.85
CA MET B 232 8.05 0.31 18.52
C MET B 232 7.53 0.15 17.09
N PHE B 233 6.82 1.15 16.57
CA PHE B 233 6.20 1.05 15.26
C PHE B 233 6.96 1.78 14.18
N CYS B 234 8.06 2.46 14.49
CA CYS B 234 8.78 3.23 13.49
C CYS B 234 10.28 3.01 13.54
N HIS B 235 10.75 2.02 14.31
CA HIS B 235 12.10 1.46 14.23
C HIS B 235 13.18 2.47 14.58
N VAL B 236 13.02 3.10 15.75
CA VAL B 236 14.02 4.05 16.23
C VAL B 236 13.90 4.10 17.75
N ASN B 237 15.01 4.42 18.42
CA ASN B 237 15.01 4.49 19.86
C ASN B 237 14.20 5.69 20.33
N PRO B 238 13.65 5.65 21.56
CA PRO B 238 12.75 6.73 22.00
C PRO B 238 13.44 8.07 22.22
N GLU B 239 14.77 8.12 22.27
CA GLU B 239 15.46 9.40 22.36
C GLU B 239 15.44 10.18 21.05
N GLN B 240 14.90 9.60 19.98
CA GLN B 240 14.93 10.20 18.65
C GLN B 240 13.55 10.58 18.14
N VAL B 241 12.55 10.60 19.02
CA VAL B 241 11.24 11.11 18.67
C VAL B 241 11.17 12.52 19.25
N ILE B 242 11.57 13.49 18.45
CA ILE B 242 11.66 14.88 18.88
C ILE B 242 10.28 15.50 18.78
N CYS B 243 9.87 16.20 19.82
CA CYS B 243 8.62 16.94 19.76
C CYS B 243 8.86 18.39 19.37
N ILE B 244 7.85 18.99 18.78
CA ILE B 244 7.79 20.44 18.58
C ILE B 244 6.34 20.91 18.72
N HIS B 245 6.06 21.59 19.81
CA HIS B 245 4.70 21.96 20.15
C HIS B 245 4.37 23.33 19.56
N ASP B 246 3.27 23.94 20.01
CA ASP B 246 2.87 25.25 19.50
C ASP B 246 3.83 26.32 19.97
N VAL B 247 4.86 26.55 19.16
CA VAL B 247 5.88 27.52 19.50
C VAL B 247 5.32 28.94 19.40
N SER B 248 5.79 29.80 20.29
CA SER B 248 5.35 31.19 20.28
C SER B 248 6.11 32.04 19.26
N SER B 249 7.14 31.47 18.64
CA SER B 249 7.97 32.20 17.70
C SER B 249 8.72 31.19 16.85
N THR B 250 9.22 31.67 15.71
CA THR B 250 10.08 30.80 14.92
C THR B 250 11.49 30.75 15.45
N TYR B 251 11.89 31.73 16.26
CA TYR B 251 13.26 31.75 16.79
C TYR B 251 13.45 30.73 17.89
N ARG B 252 12.36 30.26 18.50
CA ARG B 252 12.46 29.24 19.54
C ARG B 252 12.64 27.86 18.95
N VAL B 253 12.26 27.67 17.69
CA VAL B 253 12.39 26.35 17.05
C VAL B 253 13.85 25.86 16.98
N PRO B 254 14.87 26.68 16.68
CA PRO B 254 16.23 26.14 16.82
C PRO B 254 16.66 25.82 18.23
N VAL B 255 16.29 26.64 19.22
CA VAL B 255 16.71 26.32 20.59
C VAL B 255 15.84 25.25 21.21
N LEU B 256 14.67 24.97 20.63
CA LEU B 256 13.86 23.88 21.14
C LEU B 256 14.40 22.54 20.68
N LEU B 257 14.93 22.45 19.46
CA LEU B 257 15.47 21.20 18.98
C LEU B 257 16.77 20.84 19.69
N GLU B 258 17.53 21.84 20.13
CA GLU B 258 18.79 21.58 20.82
C GLU B 258 18.55 20.94 22.19
N GLU B 259 17.51 21.39 22.90
CA GLU B 259 17.18 20.79 24.18
C GLU B 259 16.60 19.40 24.03
N GLN B 260 16.16 19.04 22.82
CA GLN B 260 15.80 17.66 22.49
C GLN B 260 17.01 16.82 22.12
N SER B 261 18.21 17.39 22.22
CA SER B 261 19.50 16.68 22.08
C SER B 261 19.69 16.12 20.67
N ILE B 262 19.36 16.91 19.66
CA ILE B 262 19.62 16.45 18.30
C ILE B 262 21.11 16.57 17.95
N VAL B 263 21.84 17.47 18.63
CA VAL B 263 23.25 17.68 18.32
C VAL B 263 24.05 16.44 18.67
N LYS B 264 23.66 15.77 19.75
CA LYS B 264 24.30 14.52 20.13
C LYS B 264 23.92 13.40 19.16
N TYR B 265 22.77 13.51 18.50
CA TYR B 265 22.38 12.44 17.58
C TYR B 265 23.14 12.53 16.26
N PHE B 266 23.21 13.73 15.68
CA PHE B 266 23.95 13.88 14.43
C PHE B 266 25.46 13.75 14.60
N LYS B 267 25.96 13.75 15.85
CA LYS B 267 27.37 13.50 16.05
C LYS B 267 27.71 12.04 15.76
N GLU B 268 26.83 11.12 16.14
CA GLU B 268 27.08 9.70 15.91
C GLU B 268 26.48 9.20 14.62
N ARG B 269 25.37 9.80 14.17
CA ARG B 269 24.73 9.32 12.95
C ARG B 269 25.53 9.71 11.72
N LEU B 270 26.01 10.94 11.64
CA LEU B 270 26.70 11.41 10.46
C LEU B 270 28.22 11.54 10.66
N HIS B 271 28.72 11.30 11.88
CA HIS B 271 30.15 11.39 12.23
C HIS B 271 30.74 12.77 11.91
N LEU B 272 29.98 13.81 12.20
CA LEU B 272 30.36 15.18 11.91
C LEU B 272 31.40 15.68 12.91
N PRO B 273 32.28 16.58 12.50
CA PRO B 273 33.25 17.15 13.45
C PRO B 273 32.70 18.32 14.25
N ILE B 274 31.76 18.05 15.16
CA ILE B 274 31.21 19.12 15.98
C ILE B 274 32.17 19.47 17.12
N GLY B 275 32.45 18.49 17.97
CA GLY B 275 33.04 18.74 19.27
C GLY B 275 32.00 18.64 20.36
N ASP B 276 32.48 18.72 21.59
CA ASP B 276 31.61 18.61 22.77
C ASP B 276 31.92 19.75 23.73
N SER B 277 31.01 20.72 23.77
CA SER B 277 31.14 21.97 24.52
C SER B 277 29.72 22.48 24.74
N ALA B 278 29.57 23.77 25.01
CA ALA B 278 28.29 24.42 24.80
C ALA B 278 27.91 24.22 23.34
N SER B 279 26.85 23.42 23.11
CA SER B 279 26.68 22.67 21.87
C SER B 279 26.46 23.54 20.63
N ASN B 280 26.04 24.78 20.80
CA ASN B 280 26.00 25.72 19.69
C ASN B 280 26.42 27.09 20.20
N LEU B 281 26.15 28.10 19.38
CA LEU B 281 26.03 29.47 19.88
C LEU B 281 24.58 29.63 20.33
N LEU B 282 24.32 29.17 21.55
CA LEU B 282 23.04 29.44 22.20
C LEU B 282 22.87 30.92 22.50
N PHE B 283 23.97 31.65 22.62
CA PHE B 283 24.10 33.07 22.90
C PHE B 283 23.64 33.95 21.76
N LYS B 284 23.08 33.41 20.68
CA LYS B 284 22.48 34.20 19.64
C LYS B 284 20.99 33.94 19.50
N TRP B 285 20.58 32.68 19.36
CA TRP B 285 19.19 32.41 19.08
C TRP B 285 18.32 32.50 20.33
N ARG B 286 18.78 31.92 21.44
CA ARG B 286 18.03 32.08 22.68
C ARG B 286 18.11 33.51 23.18
N ASN B 287 19.24 34.19 22.91
CA ASN B 287 19.44 35.54 23.39
C ASN B 287 18.58 36.54 22.63
N MET B 288 17.99 36.15 21.50
CA MET B 288 16.97 36.97 20.88
C MET B 288 15.56 36.42 21.05
N ALA B 289 15.41 35.12 21.26
CA ALA B 289 14.08 34.59 21.53
C ALA B 289 13.59 35.01 22.89
N ASP B 290 14.51 35.29 23.82
CA ASP B 290 14.13 35.96 25.04
C ASP B 290 13.75 37.40 24.79
N ARG B 291 14.36 38.03 23.79
CA ARG B 291 14.01 39.42 23.48
C ARG B 291 12.70 39.50 22.69
N TYR B 292 12.36 38.45 21.95
CA TYR B 292 11.16 38.50 21.13
C TYR B 292 9.90 38.41 21.97
N GLU B 293 9.92 37.61 23.03
CA GLU B 293 8.77 37.57 23.91
C GLU B 293 8.75 38.74 24.89
N ARG B 294 9.90 39.30 25.20
CA ARG B 294 9.97 40.52 26.02
C ARG B 294 9.86 41.73 25.08
N LEU B 295 8.64 41.95 24.61
CA LEU B 295 8.33 43.10 23.77
C LEU B 295 6.99 43.65 24.22
N GLN B 296 6.98 44.86 24.76
CA GLN B 296 5.75 45.51 25.16
C GLN B 296 5.54 46.86 24.51
N LYS B 297 6.53 47.39 23.82
CA LYS B 297 6.40 48.66 23.13
C LYS B 297 6.00 48.43 21.67
N ILE B 298 5.50 49.49 21.04
CA ILE B 298 4.80 49.39 19.76
C ILE B 298 5.36 50.42 18.79
N CYS B 299 5.70 49.97 17.58
CA CYS B 299 6.10 50.81 16.46
C CYS B 299 5.20 50.59 15.27
N SER B 300 3.90 50.75 15.46
CA SER B 300 2.88 50.29 14.52
C SER B 300 2.96 51.11 13.24
N ILE B 301 3.71 50.61 12.27
CA ILE B 301 3.91 51.22 10.97
C ILE B 301 2.95 50.58 9.97
N ALA B 302 2.61 51.33 8.94
CA ALA B 302 1.67 50.87 7.94
C ALA B 302 2.42 50.36 6.72
N LEU B 303 1.69 49.57 5.92
CA LEU B 303 2.25 48.96 4.72
C LEU B 303 1.10 48.89 3.71
N VAL B 304 1.01 49.91 2.86
CA VAL B 304 0.00 49.91 1.81
C VAL B 304 0.47 49.01 0.67
N GLY B 305 -0.44 48.18 0.18
CA GLY B 305 -0.07 47.18 -0.79
C GLY B 305 -1.21 46.90 -1.76
N LYS B 306 -0.90 46.16 -2.81
CA LYS B 306 -1.86 45.91 -3.86
C LYS B 306 -2.87 44.84 -3.51
N TYR B 307 -2.69 44.12 -2.41
CA TYR B 307 -3.37 42.86 -2.21
C TYR B 307 -4.37 42.99 -1.07
N THR B 308 -5.34 42.07 -1.05
CA THR B 308 -6.46 42.22 -0.12
C THR B 308 -6.06 41.86 1.30
N LYS B 309 -5.21 40.85 1.48
CA LYS B 309 -4.80 40.40 2.80
C LYS B 309 -3.32 40.05 2.77
N LEU B 310 -2.78 39.72 3.94
CA LEU B 310 -1.44 39.14 4.03
C LEU B 310 -1.50 37.62 4.03
N ARG B 311 -2.23 37.04 3.08
CA ARG B 311 -1.91 35.69 2.64
C ARG B 311 -0.58 35.79 1.94
N ASP B 312 0.46 35.24 2.56
CA ASP B 312 1.61 36.01 3.00
C ASP B 312 1.98 37.20 2.13
N CYS B 313 2.41 36.97 0.88
CA CYS B 313 2.56 37.92 -0.23
C CYS B 313 3.52 39.09 0.01
N TYR B 314 3.94 39.29 1.25
CA TYR B 314 4.98 40.23 1.65
C TYR B 314 5.77 39.64 2.79
N ALA B 315 5.93 38.36 2.78
CA ALA B 315 6.54 37.75 3.87
C ALA B 315 7.85 38.35 3.99
N SER B 316 8.51 38.61 2.88
CA SER B 316 9.82 39.13 3.02
C SER B 316 9.87 40.43 3.67
N VAL B 317 9.00 41.32 3.29
CA VAL B 317 9.02 42.61 3.87
C VAL B 317 8.73 42.50 5.31
N PHE B 318 7.78 41.67 5.68
CA PHE B 318 7.37 41.57 7.04
C PHE B 318 8.53 41.17 7.82
N LYS B 319 9.22 40.21 7.29
CA LYS B 319 10.35 39.70 8.01
C LYS B 319 11.43 40.71 8.18
N ALA B 320 11.75 41.50 7.17
CA ALA B 320 12.81 42.46 7.38
C ALA B 320 12.37 43.37 8.43
N LEU B 321 11.13 43.82 8.36
CA LEU B 321 10.69 44.77 9.33
C LEU B 321 10.87 44.28 10.70
N GLU B 322 10.48 43.06 11.06
CA GLU B 322 10.69 42.65 12.47
C GLU B 322 12.12 42.66 12.83
N HIS B 323 12.93 42.23 11.92
CA HIS B 323 14.35 42.15 12.17
C HIS B 323 14.87 43.48 12.70
N SER B 324 14.34 44.59 12.19
CA SER B 324 14.65 45.88 12.78
C SER B 324 14.02 46.00 14.16
N ALA B 325 12.74 45.64 14.28
CA ALA B 325 12.00 45.79 15.52
C ALA B 325 12.53 44.93 16.64
N LEU B 326 13.26 43.85 16.33
CA LEU B 326 13.94 43.10 17.37
C LEU B 326 15.14 43.87 17.90
N ALA B 327 15.76 44.71 17.07
CA ALA B 327 16.92 45.48 17.49
C ALA B 327 16.55 46.81 18.13
N ILE B 328 15.26 47.17 18.15
CA ILE B 328 14.82 48.41 18.76
C ILE B 328 13.99 48.15 20.02
N ASN B 329 13.73 46.87 20.33
CA ASN B 329 12.85 46.42 21.42
C ASN B 329 11.45 47.00 21.27
N HIS B 330 10.80 46.62 20.17
CA HIS B 330 9.42 47.06 19.91
C HIS B 330 8.65 45.93 19.24
N LYS B 331 7.51 45.56 19.83
CA LYS B 331 6.60 44.64 19.16
C LYS B 331 5.97 45.37 17.98
N LEU B 332 6.29 44.92 16.77
CA LEU B 332 5.81 45.59 15.57
C LEU B 332 4.37 45.18 15.27
N ASN B 333 3.48 46.16 15.25
CA ASN B 333 2.08 45.97 14.87
C ASN B 333 1.98 46.36 13.41
N LEU B 334 2.07 45.38 12.51
CA LEU B 334 1.99 45.70 11.10
C LEU B 334 0.53 45.90 10.72
N MET B 335 0.15 47.15 10.45
CA MET B 335 -1.17 47.44 9.94
C MET B 335 -1.09 47.35 8.43
N TYR B 336 -1.78 46.36 7.87
CA TYR B 336 -1.76 46.13 6.44
C TYR B 336 -2.94 46.82 5.79
N ILE B 337 -2.67 47.84 5.00
CA ILE B 337 -3.69 48.63 4.34
C ILE B 337 -3.73 48.22 2.87
N ASP B 338 -4.92 47.97 2.35
CA ASP B 338 -5.07 47.71 0.93
C ASP B 338 -5.10 49.04 0.18
N SER B 339 -4.40 49.09 -0.95
CA SER B 339 -4.28 50.34 -1.69
C SER B 339 -5.57 50.70 -2.40
N ILE B 340 -6.37 49.70 -2.76
CA ILE B 340 -7.65 49.94 -3.40
C ILE B 340 -8.59 50.65 -2.44
N ASP B 341 -8.50 50.33 -1.14
CA ASP B 341 -9.42 50.90 -0.16
C ASP B 341 -9.16 52.36 0.13
N LEU B 342 -8.03 52.92 -0.28
CA LEU B 342 -7.78 54.34 -0.04
C LEU B 342 -8.10 55.20 -1.24
N GLU B 343 -8.62 54.62 -2.31
CA GLU B 343 -8.82 55.34 -3.56
C GLU B 343 -10.06 56.22 -3.48
N LYS B 344 -10.24 57.06 -4.50
CA LYS B 344 -11.47 57.84 -4.63
C LYS B 344 -12.64 56.95 -5.02
N ILE B 345 -12.37 55.77 -5.59
CA ILE B 345 -13.41 54.83 -5.96
C ILE B 345 -14.13 54.31 -4.73
N THR B 346 -13.38 54.02 -3.66
CA THR B 346 -13.94 53.28 -2.54
C THR B 346 -14.89 54.15 -1.71
N GLU B 347 -14.55 55.43 -1.51
CA GLU B 347 -15.36 56.31 -0.66
C GLU B 347 -16.73 56.58 -1.29
N THR B 348 -16.82 56.54 -2.61
CA THR B 348 -18.12 56.67 -3.26
C THR B 348 -18.97 55.42 -3.03
N GLU B 349 -18.43 54.24 -3.31
CA GLU B 349 -19.25 53.04 -3.33
C GLU B 349 -19.30 52.29 -2.00
N ASP B 350 -18.30 52.44 -1.14
CA ASP B 350 -18.22 51.63 0.09
C ASP B 350 -17.39 52.37 1.12
N PRO B 351 -18.02 53.15 1.99
CA PRO B 351 -17.25 53.98 2.93
C PRO B 351 -16.63 53.22 4.08
N VAL B 352 -17.13 52.03 4.40
CA VAL B 352 -16.61 51.28 5.55
C VAL B 352 -15.24 50.71 5.21
N LYS B 353 -15.09 50.13 4.02
CA LYS B 353 -13.77 49.71 3.57
C LYS B 353 -12.83 50.91 3.37
N PHE B 354 -13.39 52.08 3.06
CA PHE B 354 -12.56 53.26 2.88
C PHE B 354 -12.00 53.76 4.20
N HIS B 355 -12.88 54.12 5.14
CA HIS B 355 -12.45 54.85 6.32
C HIS B 355 -11.67 53.97 7.28
N GLU B 356 -12.00 52.68 7.36
CA GLU B 356 -11.28 51.77 8.25
C GLU B 356 -9.84 51.58 7.81
N ALA B 357 -9.60 51.60 6.50
CA ALA B 357 -8.22 51.55 6.03
C ALA B 357 -7.52 52.88 6.20
N TRP B 358 -8.20 54.01 6.06
CA TRP B 358 -7.56 55.30 6.25
C TRP B 358 -7.27 55.50 7.71
N GLN B 359 -8.20 55.11 8.53
CA GLN B 359 -7.99 55.31 9.96
C GLN B 359 -6.70 54.67 10.41
N LYS B 360 -6.35 53.52 9.82
CA LYS B 360 -5.08 52.87 10.11
C LYS B 360 -3.91 53.72 9.63
N LEU B 361 -4.09 54.45 8.54
CA LEU B 361 -3.01 55.26 8.00
C LEU B 361 -2.78 56.49 8.85
N CYS B 362 -3.83 56.99 9.51
CA CYS B 362 -3.68 58.17 10.35
C CYS B 362 -2.99 57.86 11.66
N LYS B 363 -3.31 56.72 12.29
CA LYS B 363 -2.69 56.36 13.55
C LYS B 363 -1.24 55.91 13.35
N ALA B 364 -0.90 55.46 12.15
CA ALA B 364 0.41 54.90 11.88
C ALA B 364 1.50 55.96 11.94
N ASP B 365 2.68 55.53 12.38
CA ASP B 365 3.86 56.38 12.42
C ASP B 365 4.95 55.83 11.52
N GLY B 366 4.56 55.18 10.43
CA GLY B 366 5.45 54.83 9.34
C GLY B 366 4.70 54.25 8.16
N ILE B 367 4.94 54.76 6.96
CA ILE B 367 4.38 54.22 5.74
C ILE B 367 5.49 53.51 4.98
N LEU B 368 5.25 52.25 4.62
CA LEU B 368 6.14 51.49 3.75
C LEU B 368 5.38 51.15 2.48
N VAL B 369 5.96 51.50 1.34
CA VAL B 369 5.39 51.14 0.04
C VAL B 369 6.31 50.13 -0.60
N PRO B 370 5.96 48.85 -0.62
CA PRO B 370 6.83 47.85 -1.22
C PRO B 370 6.66 47.75 -2.73
N GLY B 371 7.31 46.78 -3.34
CA GLY B 371 7.30 46.63 -4.77
C GLY B 371 5.97 46.12 -5.30
N GLY B 372 5.85 46.15 -6.62
CA GLY B 372 4.64 45.73 -7.27
C GLY B 372 4.61 46.10 -8.73
N PHE B 373 3.87 45.33 -9.52
CA PHE B 373 3.78 45.52 -10.96
C PHE B 373 2.33 45.77 -11.34
N GLY B 374 2.10 46.89 -12.01
CA GLY B 374 0.83 47.11 -12.69
C GLY B 374 0.15 48.40 -12.26
N ILE B 375 -0.88 48.75 -13.04
CA ILE B 375 -1.73 49.92 -12.76
C ILE B 375 -2.65 49.66 -11.58
N ARG B 376 -2.89 48.40 -11.22
CA ARG B 376 -3.87 48.09 -10.18
C ARG B 376 -3.34 48.48 -8.80
N GLY B 377 -4.17 49.19 -8.05
CA GLY B 377 -3.79 49.65 -6.74
C GLY B 377 -2.71 50.73 -6.73
N THR B 378 -2.56 51.44 -7.83
CA THR B 378 -1.51 52.45 -7.89
C THR B 378 -1.99 53.81 -7.38
N LEU B 379 -3.20 54.20 -7.76
CA LEU B 379 -3.70 55.54 -7.44
C LEU B 379 -4.01 55.67 -5.96
N GLY B 380 -4.22 54.57 -5.24
CA GLY B 380 -4.37 54.65 -3.80
C GLY B 380 -3.07 54.96 -3.10
N LYS B 381 -1.97 54.32 -3.51
CA LYS B 381 -0.69 54.56 -2.88
C LYS B 381 -0.15 55.95 -3.19
N LEU B 382 -0.60 56.59 -4.27
CA LEU B 382 -0.22 57.97 -4.52
C LEU B 382 -0.85 58.92 -3.51
N GLN B 383 -2.00 58.55 -2.95
CA GLN B 383 -2.54 59.34 -1.86
C GLN B 383 -1.74 59.15 -0.58
N ALA B 384 -1.20 57.96 -0.38
CA ALA B 384 -0.47 57.67 0.85
C ALA B 384 0.91 58.31 0.88
N ILE B 385 1.56 58.44 -0.27
CA ILE B 385 2.85 59.10 -0.32
C ILE B 385 2.68 60.60 -0.10
N SER B 386 1.57 61.16 -0.61
CA SER B 386 1.23 62.53 -0.29
C SER B 386 0.87 62.69 1.18
N TRP B 387 0.42 61.62 1.82
CA TRP B 387 0.19 61.67 3.25
C TRP B 387 1.49 61.59 4.05
N ALA B 388 2.59 61.20 3.41
CA ALA B 388 3.86 61.15 4.10
C ALA B 388 4.58 62.48 3.95
N ARG B 389 4.34 63.16 2.84
CA ARG B 389 5.00 64.41 2.56
C ARG B 389 4.33 65.61 3.23
N THR B 390 3.00 65.58 3.36
CA THR B 390 2.26 66.72 3.87
C THR B 390 1.89 66.58 5.34
N LYS B 391 2.30 65.51 6.01
CA LYS B 391 1.97 65.32 7.41
C LYS B 391 3.16 64.76 8.18
N LYS B 392 4.31 64.57 7.52
CA LYS B 392 5.61 64.32 8.14
C LYS B 392 5.63 63.01 8.94
N ILE B 393 5.40 61.91 8.24
CA ILE B 393 5.51 60.58 8.82
C ILE B 393 6.69 59.92 8.12
N PRO B 394 7.51 59.13 8.83
CA PRO B 394 8.62 58.42 8.16
C PRO B 394 8.14 57.46 7.08
N PHE B 395 8.83 57.50 5.94
CA PHE B 395 8.41 56.83 4.73
C PHE B 395 9.57 56.03 4.16
N LEU B 396 9.24 54.90 3.53
CA LEU B 396 10.20 54.17 2.73
C LEU B 396 9.51 53.57 1.52
N GLY B 397 10.07 53.84 0.34
CA GLY B 397 9.56 53.30 -0.91
C GLY B 397 10.54 52.26 -1.46
N VAL B 398 9.98 51.15 -1.92
CA VAL B 398 10.76 50.01 -2.38
C VAL B 398 10.28 49.68 -3.79
N CYS B 399 11.05 50.09 -4.80
CA CYS B 399 11.05 49.58 -6.18
C CYS B 399 9.81 49.97 -7.00
N LEU B 400 8.76 50.43 -6.33
CA LEU B 400 7.65 51.08 -6.99
C LEU B 400 7.37 52.33 -6.20
N GLY B 401 7.63 52.25 -4.90
CA GLY B 401 7.50 53.40 -4.03
C GLY B 401 8.52 54.48 -4.33
N MET B 402 9.73 54.07 -4.73
CA MET B 402 10.70 55.05 -5.22
C MET B 402 10.21 55.66 -6.52
N GLN B 403 9.56 54.88 -7.36
CA GLN B 403 9.03 55.42 -8.60
C GLN B 403 7.84 56.33 -8.36
N LEU B 404 6.93 55.92 -7.48
CA LEU B 404 5.72 56.69 -7.29
C LEU B 404 5.95 57.94 -6.47
N ALA B 405 6.96 57.95 -5.60
CA ALA B 405 7.25 59.16 -4.84
C ALA B 405 7.82 60.26 -5.73
N VAL B 406 8.69 59.88 -6.67
CA VAL B 406 9.26 60.86 -7.61
C VAL B 406 8.17 61.35 -8.55
N ILE B 407 7.18 60.52 -8.87
CA ILE B 407 6.05 60.97 -9.66
C ILE B 407 5.21 62.00 -8.89
N GLU B 408 4.85 61.68 -7.66
CA GLU B 408 3.95 62.57 -6.93
C GLU B 408 4.65 63.82 -6.42
N PHE B 409 5.99 63.79 -6.32
CA PHE B 409 6.70 65.01 -5.97
C PHE B 409 6.63 66.02 -7.09
N ALA B 410 6.64 65.54 -8.34
CA ALA B 410 6.46 66.43 -9.48
C ALA B 410 5.04 66.95 -9.55
N ARG B 411 4.07 66.18 -9.07
CA ARG B 411 2.68 66.60 -9.12
C ARG B 411 2.31 67.60 -8.02
N ASN B 412 3.06 67.64 -6.93
CA ASN B 412 2.60 68.35 -5.75
C ASN B 412 3.60 69.37 -5.21
N CYS B 413 4.81 69.41 -5.73
CA CYS B 413 5.76 70.46 -5.40
C CYS B 413 6.30 71.16 -6.64
N LEU B 414 6.20 70.52 -7.80
CA LEU B 414 6.57 71.12 -9.06
C LEU B 414 5.37 71.42 -9.94
N ASN B 415 4.21 70.86 -9.60
CA ASN B 415 2.94 71.04 -10.33
C ASN B 415 3.06 70.60 -11.79
N LEU B 416 3.85 69.54 -12.02
CA LEU B 416 3.86 68.86 -13.31
C LEU B 416 2.84 67.73 -13.27
N LYS B 417 1.57 68.12 -13.23
CA LYS B 417 0.50 67.19 -12.91
C LYS B 417 0.27 66.19 -14.04
N ASP B 418 0.60 66.57 -15.28
CA ASP B 418 0.46 65.66 -16.40
C ASP B 418 1.57 64.61 -16.45
N ALA B 419 2.58 64.71 -15.60
CA ALA B 419 3.65 63.73 -15.60
C ALA B 419 3.22 62.45 -14.91
N ASP B 420 3.56 61.33 -15.52
CA ASP B 420 3.13 60.02 -15.06
C ASP B 420 4.26 59.06 -15.44
N SER B 421 3.98 57.76 -15.42
CA SER B 421 4.97 56.80 -15.88
C SER B 421 4.68 56.43 -17.33
N THR B 422 5.44 55.46 -17.84
CA THR B 422 5.10 54.84 -19.11
C THR B 422 4.54 53.44 -18.93
N GLU B 423 4.60 52.89 -17.73
CA GLU B 423 3.79 51.73 -17.42
C GLU B 423 2.32 52.09 -17.37
N PHE B 424 2.04 53.32 -16.95
CA PHE B 424 0.70 53.78 -16.64
C PHE B 424 0.40 54.84 -17.71
N ARG B 425 -0.70 54.63 -18.49
CA ARG B 425 -1.10 55.37 -19.70
C ARG B 425 0.11 55.64 -20.59
N PRO B 426 0.59 54.60 -21.31
CA PRO B 426 1.99 54.59 -21.82
C PRO B 426 2.36 55.71 -22.76
N ASN B 427 1.43 56.17 -23.58
CA ASN B 427 1.71 57.35 -24.42
C ASN B 427 1.69 58.56 -23.50
N ALA B 428 2.86 58.91 -22.99
CA ALA B 428 3.18 59.84 -21.92
C ALA B 428 3.21 61.27 -22.42
N PRO B 429 2.44 62.15 -21.80
CA PRO B 429 2.56 63.59 -22.11
C PRO B 429 3.89 64.13 -21.63
N VAL B 430 4.20 63.87 -20.37
CA VAL B 430 5.49 64.19 -19.77
C VAL B 430 6.10 62.90 -19.24
N PRO B 431 7.04 62.32 -19.95
CA PRO B 431 7.55 60.97 -19.59
C PRO B 431 8.56 60.99 -18.45
N LEU B 432 8.05 60.96 -17.23
CA LEU B 432 8.96 61.08 -16.09
C LEU B 432 9.51 59.73 -15.66
N VAL B 433 8.72 58.67 -15.74
CA VAL B 433 9.19 57.32 -15.46
C VAL B 433 9.07 56.51 -16.74
N ILE B 434 10.19 56.21 -17.37
CA ILE B 434 10.18 55.54 -18.66
C ILE B 434 10.69 54.12 -18.50
N ASP B 435 10.63 53.35 -19.58
CA ASP B 435 11.20 52.02 -19.60
C ASP B 435 12.65 52.10 -20.01
N MET B 436 13.50 51.33 -19.33
CA MET B 436 14.91 51.20 -19.71
C MET B 436 15.38 49.83 -19.28
N PRO B 437 15.19 48.82 -20.12
CA PRO B 437 15.66 47.48 -19.80
C PRO B 437 17.15 47.38 -20.05
N GLU B 438 17.73 46.31 -19.52
CA GLU B 438 19.17 46.15 -19.67
C GLU B 438 19.53 45.47 -20.98
N HIS B 439 20.81 45.59 -21.34
CA HIS B 439 21.38 44.91 -22.50
C HIS B 439 22.70 44.29 -22.06
N ASN B 440 22.62 43.09 -21.53
CA ASN B 440 23.82 42.33 -21.20
C ASN B 440 24.20 41.46 -22.40
N PRO B 441 25.47 41.49 -22.83
CA PRO B 441 25.88 40.70 -23.99
C PRO B 441 25.85 39.21 -23.72
N GLY B 442 24.91 38.50 -24.36
CA GLY B 442 24.72 37.09 -24.11
C GLY B 442 23.25 36.68 -24.17
N ASN B 443 22.36 37.67 -24.10
CA ASN B 443 20.93 37.47 -24.32
C ASN B 443 20.47 38.39 -25.44
N LEU B 444 19.19 38.25 -25.79
CA LEU B 444 18.59 39.03 -26.87
C LEU B 444 17.37 39.78 -26.33
N GLY B 445 17.29 41.06 -26.63
CA GLY B 445 16.16 41.87 -26.21
C GLY B 445 16.39 42.55 -24.88
N GLY B 446 15.29 43.11 -24.37
CA GLY B 446 15.32 43.85 -23.13
C GLY B 446 15.17 43.01 -21.89
N THR B 447 16.26 42.73 -21.21
CA THR B 447 16.26 41.97 -19.98
C THR B 447 15.90 42.85 -18.79
N MET B 448 15.29 42.24 -17.78
CA MET B 448 15.03 42.93 -16.53
C MET B 448 16.34 43.21 -15.80
N ARG B 449 16.41 44.37 -15.17
CA ARG B 449 17.49 44.63 -14.22
C ARG B 449 17.28 43.70 -13.04
N LEU B 450 18.15 42.71 -12.89
CA LEU B 450 17.83 41.58 -12.02
C LEU B 450 19.09 41.03 -11.39
N GLY B 451 19.15 41.05 -10.07
CA GLY B 451 20.23 40.44 -9.32
C GLY B 451 21.04 41.46 -8.54
N ILE B 452 22.18 41.00 -8.03
CA ILE B 452 23.12 41.90 -7.37
C ILE B 452 23.75 42.81 -8.41
N ARG B 453 23.50 44.10 -8.28
CA ARG B 453 24.23 45.11 -9.01
C ARG B 453 24.86 46.05 -8.01
N ARG B 454 25.71 46.93 -8.51
CA ARG B 454 26.41 47.88 -7.66
C ARG B 454 25.62 49.18 -7.61
N THR B 455 25.57 49.78 -6.42
CA THR B 455 24.92 51.07 -6.22
C THR B 455 25.92 52.02 -5.59
N VAL B 456 26.16 53.14 -6.26
CA VAL B 456 27.18 54.11 -5.85
C VAL B 456 26.48 55.33 -5.31
N PHE B 457 26.89 55.80 -4.14
CA PHE B 457 26.36 57.03 -3.59
C PHE B 457 26.90 58.23 -4.36
N LYS B 458 26.22 59.37 -4.21
CA LYS B 458 26.64 60.60 -4.85
C LYS B 458 27.11 61.66 -3.86
N THR B 459 26.29 61.98 -2.87
CA THR B 459 26.62 63.02 -1.91
C THR B 459 27.35 62.43 -0.70
N GLU B 460 27.54 63.27 0.31
CA GLU B 460 28.10 62.87 1.59
C GLU B 460 27.09 62.92 2.72
N ASN B 461 26.18 63.89 2.70
CA ASN B 461 25.15 64.00 3.72
C ASN B 461 23.95 63.08 3.43
N SER B 462 24.21 61.81 3.19
CA SER B 462 23.14 60.86 2.94
C SER B 462 22.73 60.18 4.24
N ILE B 463 21.42 60.07 4.47
CA ILE B 463 20.95 59.38 5.65
C ILE B 463 21.07 57.87 5.46
N LEU B 464 21.29 57.40 4.24
CA LEU B 464 21.63 55.99 4.04
C LEU B 464 23.12 55.71 4.16
N ARG B 465 23.97 56.66 3.73
CA ARG B 465 25.40 56.49 3.95
C ARG B 465 25.72 56.51 5.45
N LYS B 466 24.92 57.26 6.22
CA LYS B 466 24.98 57.14 7.67
C LYS B 466 24.59 55.74 8.14
N LEU B 467 23.65 55.09 7.46
CA LEU B 467 23.17 53.80 7.96
C LEU B 467 24.00 52.62 7.47
N TYR B 468 24.43 52.62 6.21
CA TYR B 468 25.22 51.49 5.73
C TYR B 468 26.62 51.46 6.30
N GLY B 469 27.11 52.56 6.86
CA GLY B 469 28.41 52.55 7.48
C GLY B 469 29.46 53.30 6.69
N ASP B 470 29.03 54.40 6.06
CA ASP B 470 29.90 55.36 5.37
C ASP B 470 30.67 54.72 4.22
N VAL B 471 30.11 53.68 3.62
CA VAL B 471 30.79 52.94 2.56
C VAL B 471 30.53 53.64 1.23
N PRO B 472 31.43 53.52 0.25
CA PRO B 472 31.16 54.16 -1.03
C PRO B 472 30.11 53.45 -1.86
N PHE B 473 30.04 52.12 -1.76
CA PHE B 473 29.15 51.35 -2.62
C PHE B 473 28.46 50.28 -1.79
N ILE B 474 27.25 49.94 -2.20
CA ILE B 474 26.50 48.84 -1.61
C ILE B 474 26.07 47.91 -2.74
N GLU B 475 25.72 46.68 -2.36
CA GLU B 475 25.29 45.66 -3.31
C GLU B 475 23.98 45.08 -2.83
N GLU B 476 22.92 45.31 -3.60
CA GLU B 476 21.59 44.84 -3.23
C GLU B 476 20.92 44.22 -4.45
N ARG B 477 19.86 43.46 -4.19
CA ARG B 477 19.20 42.69 -5.23
C ARG B 477 18.19 43.57 -5.95
N HIS B 478 18.25 43.59 -7.28
CA HIS B 478 17.30 44.31 -8.09
C HIS B 478 16.30 43.36 -8.72
N ARG B 479 15.06 43.82 -8.88
CA ARG B 479 14.07 43.13 -9.69
C ARG B 479 13.07 44.19 -10.14
N HIS B 480 13.25 44.71 -11.35
CA HIS B 480 12.32 45.64 -11.98
C HIS B 480 12.69 45.77 -13.44
N ARG B 481 12.00 46.68 -14.12
CA ARG B 481 12.27 47.02 -15.51
C ARG B 481 12.44 48.50 -15.75
N PHE B 482 11.93 49.35 -14.88
CA PHE B 482 11.70 50.75 -15.18
C PHE B 482 12.68 51.64 -14.42
N GLU B 483 12.83 52.86 -14.90
CA GLU B 483 13.71 53.84 -14.30
C GLU B 483 13.02 55.19 -14.30
N VAL B 484 13.58 56.10 -13.54
CA VAL B 484 13.24 57.50 -13.68
C VAL B 484 13.98 58.04 -14.89
N ASN B 485 13.33 58.91 -15.65
CA ASN B 485 13.87 59.36 -16.93
C ASN B 485 15.07 60.26 -16.70
N PRO B 486 16.23 59.98 -17.31
CA PRO B 486 17.37 60.88 -17.20
C PRO B 486 17.18 62.24 -17.83
N ASN B 487 16.19 62.41 -18.71
CA ASN B 487 15.87 63.72 -19.24
C ASN B 487 14.88 64.49 -18.38
N LEU B 488 14.65 64.05 -17.15
CA LEU B 488 13.92 64.83 -16.16
C LEU B 488 14.79 65.17 -14.95
N ILE B 489 16.10 65.02 -15.07
CA ILE B 489 17.01 65.54 -14.06
C ILE B 489 17.06 67.06 -14.14
N LYS B 490 16.81 67.61 -15.33
CA LYS B 490 16.75 69.06 -15.54
C LYS B 490 15.69 69.73 -14.68
N GLN B 491 14.57 69.06 -14.44
CA GLN B 491 13.50 69.58 -13.61
C GLN B 491 13.72 69.31 -12.12
N PHE B 492 14.86 68.75 -11.74
CA PHE B 492 15.13 68.32 -10.38
C PHE B 492 16.42 68.93 -9.82
N GLU B 493 16.87 70.06 -10.37
CA GLU B 493 18.24 70.49 -10.11
C GLU B 493 18.44 71.10 -8.73
N GLN B 494 17.41 71.74 -8.16
CA GLN B 494 17.64 72.58 -7.00
C GLN B 494 16.66 72.38 -5.85
N ASN B 495 15.53 71.70 -6.06
CA ASN B 495 14.49 71.67 -5.05
C ASN B 495 14.74 70.60 -3.99
N ASP B 496 13.69 70.29 -3.21
CA ASP B 496 13.82 69.51 -1.99
C ASP B 496 14.33 68.10 -2.25
N LEU B 497 13.67 67.39 -3.16
CA LEU B 497 14.07 66.02 -3.44
C LEU B 497 15.28 66.01 -4.36
N SER B 498 16.27 65.19 -4.01
CA SER B 498 17.44 65.02 -4.86
C SER B 498 17.80 63.55 -4.89
N PHE B 499 18.72 63.22 -5.79
CA PHE B 499 19.14 61.83 -5.99
C PHE B 499 20.45 61.57 -5.28
N VAL B 500 20.53 60.42 -4.62
CA VAL B 500 21.73 59.98 -3.93
C VAL B 500 22.30 58.71 -4.53
N GLY B 501 21.44 57.76 -4.87
CA GLY B 501 21.93 56.51 -5.43
C GLY B 501 22.09 56.56 -6.94
N GLN B 502 23.02 55.73 -7.44
CA GLN B 502 23.40 55.72 -8.83
C GLN B 502 24.14 54.41 -9.09
N ASP B 503 23.94 53.85 -10.29
CA ASP B 503 24.65 52.63 -10.66
C ASP B 503 26.04 52.98 -11.20
N VAL B 504 26.70 52.00 -11.82
CA VAL B 504 28.09 52.19 -12.23
C VAL B 504 28.17 53.12 -13.43
N ASP B 505 27.53 52.75 -14.53
CA ASP B 505 27.60 53.53 -15.75
C ASP B 505 26.67 54.73 -15.76
N GLY B 506 25.97 55.00 -14.66
CA GLY B 506 25.41 56.31 -14.41
C GLY B 506 24.10 56.63 -15.10
N ASP B 507 23.57 55.75 -15.94
CA ASP B 507 22.35 56.08 -16.65
C ASP B 507 21.13 56.02 -15.76
N ARG B 508 21.21 55.35 -14.62
CA ARG B 508 20.04 55.01 -13.83
C ARG B 508 20.21 55.50 -12.40
N MET B 509 19.21 56.19 -11.88
CA MET B 509 19.26 56.69 -10.52
C MET B 509 18.57 55.72 -9.57
N GLU B 510 19.09 55.66 -8.34
CA GLU B 510 18.69 54.60 -7.42
C GLU B 510 17.96 55.12 -6.19
N ILE B 511 18.57 56.00 -5.40
CA ILE B 511 18.12 56.30 -4.05
C ILE B 511 17.85 57.79 -3.92
N ILE B 512 16.70 58.14 -3.35
CA ILE B 512 16.30 59.53 -3.14
C ILE B 512 16.24 59.81 -1.65
N GLU B 513 16.45 61.08 -1.29
CA GLU B 513 16.36 61.54 0.10
C GLU B 513 15.74 62.92 0.12
N LEU B 514 14.50 63.03 0.59
CA LEU B 514 13.82 64.31 0.65
C LEU B 514 14.33 65.13 1.83
N ALA B 515 14.49 66.43 1.62
CA ALA B 515 14.97 67.33 2.65
C ALA B 515 13.79 67.85 3.50
N ASN B 516 14.15 68.35 4.69
CA ASN B 516 13.22 68.95 5.65
C ASN B 516 12.10 67.98 6.03
N HIS B 517 12.50 66.74 6.31
CA HIS B 517 11.65 65.63 6.70
C HIS B 517 12.60 64.58 7.28
N PRO B 518 12.33 64.05 8.48
CA PRO B 518 13.27 63.11 9.10
C PRO B 518 13.55 61.84 8.31
N TYR B 519 12.57 61.29 7.58
CA TYR B 519 12.86 60.08 6.81
C TYR B 519 11.88 59.99 5.66
N PHE B 520 12.37 60.30 4.45
CA PHE B 520 11.60 60.08 3.22
C PHE B 520 12.60 59.61 2.19
N VAL B 521 12.79 58.30 2.11
CA VAL B 521 13.75 57.71 1.19
C VAL B 521 13.07 56.66 0.35
N GLY B 522 13.59 56.46 -0.86
CA GLY B 522 13.04 55.50 -1.78
C GLY B 522 14.15 54.80 -2.54
N VAL B 523 14.02 53.49 -2.75
CA VAL B 523 15.09 52.70 -3.34
C VAL B 523 14.55 51.93 -4.54
N GLN B 524 15.41 51.79 -5.56
CA GLN B 524 15.04 50.92 -6.67
C GLN B 524 15.24 49.45 -6.33
N PHE B 525 16.24 49.13 -5.52
CA PHE B 525 16.47 47.75 -5.16
C PHE B 525 15.47 47.29 -4.11
N HIS B 526 15.52 46.00 -3.82
CA HIS B 526 14.75 45.43 -2.73
C HIS B 526 15.66 45.26 -1.53
N PRO B 527 15.51 46.06 -0.48
CA PRO B 527 16.38 45.91 0.70
C PRO B 527 16.07 44.68 1.52
N GLU B 528 14.94 44.01 1.24
CA GLU B 528 14.45 42.95 2.12
C GLU B 528 15.41 41.76 2.17
N PHE B 529 15.85 41.30 1.02
CA PHE B 529 16.38 39.95 0.96
C PHE B 529 17.81 39.85 1.46
N SER B 530 18.46 40.96 1.76
CA SER B 530 19.80 40.94 2.34
C SER B 530 19.76 41.00 3.86
N SER B 531 18.59 41.03 4.46
CA SER B 531 18.46 41.11 5.90
C SER B 531 18.65 39.75 6.54
N ARG B 532 19.07 39.77 7.80
CA ARG B 532 19.22 38.60 8.65
C ARG B 532 18.50 38.94 9.96
N PRO B 533 18.36 38.01 10.91
CA PRO B 533 17.93 38.44 12.24
C PRO B 533 19.09 38.91 13.10
N MET B 534 20.28 38.97 12.54
CA MET B 534 21.43 39.51 13.26
C MET B 534 21.66 40.93 12.80
N LYS B 535 21.83 41.11 11.50
CA LYS B 535 21.94 42.45 10.94
C LYS B 535 20.63 42.80 10.26
N PRO B 536 19.98 43.87 10.67
CA PRO B 536 18.79 44.33 9.98
C PRO B 536 19.13 44.88 8.61
N SER B 537 18.15 44.96 7.74
CA SER B 537 18.36 45.66 6.48
C SER B 537 18.39 47.16 6.77
N PRO B 538 19.45 47.86 6.39
CA PRO B 538 19.68 49.24 6.86
C PRO B 538 18.63 50.24 6.42
N PRO B 539 17.94 50.09 5.28
CA PRO B 539 16.76 50.96 5.10
C PRO B 539 15.63 50.66 6.06
N TYR B 540 15.43 49.39 6.42
CA TYR B 540 14.35 49.06 7.34
C TYR B 540 14.68 49.45 8.77
N LEU B 541 15.95 49.61 9.10
CA LEU B 541 16.28 50.09 10.44
C LEU B 541 15.97 51.56 10.56
N GLY B 542 16.33 52.35 9.54
CA GLY B 542 16.02 53.76 9.53
C GLY B 542 14.55 54.09 9.42
N LEU B 543 13.74 53.15 8.93
CA LEU B 543 12.30 53.36 8.94
C LEU B 543 11.72 53.11 10.32
N LEU B 544 12.41 52.34 11.15
CA LEU B 544 11.94 52.16 12.52
C LEU B 544 12.72 52.98 13.53
N LEU B 545 13.92 53.43 13.20
CA LEU B 545 14.57 54.40 14.08
C LEU B 545 13.88 55.76 14.00
N ALA B 546 13.27 56.07 12.88
CA ALA B 546 12.50 57.30 12.77
C ALA B 546 11.07 57.13 13.22
N ALA B 547 10.60 55.89 13.35
CA ALA B 547 9.25 55.63 13.82
C ALA B 547 9.16 55.56 15.33
N THR B 548 10.27 55.78 16.03
CA THR B 548 10.23 55.83 17.48
C THR B 548 11.08 56.95 18.05
N GLY B 549 11.65 57.82 17.23
CA GLY B 549 12.42 58.94 17.69
C GLY B 549 13.89 58.66 17.90
N ASN B 550 14.31 57.40 17.83
CA ASN B 550 15.71 57.07 18.08
C ASN B 550 16.62 57.30 16.88
N LEU B 551 16.11 57.89 15.79
CA LEU B 551 16.94 58.16 14.63
C LEU B 551 17.94 59.26 14.92
N ASN B 552 17.64 60.14 15.88
CA ASN B 552 18.61 61.14 16.31
C ASN B 552 19.77 60.49 17.04
N ALA B 553 19.48 59.77 18.13
CA ALA B 553 20.53 59.26 19.00
C ALA B 553 21.29 58.08 18.40
N TYR B 554 20.72 57.41 17.39
CA TYR B 554 21.48 56.36 16.72
C TYR B 554 22.64 56.94 15.93
N LEU B 555 22.48 58.14 15.39
CA LEU B 555 23.51 58.77 14.59
C LEU B 555 24.38 59.71 15.41
N GLN B 556 24.55 59.42 16.69
CA GLN B 556 25.51 60.09 17.54
C GLN B 556 26.45 59.10 18.21
N GLN B 557 26.54 57.89 17.67
CA GLN B 557 27.49 56.89 18.14
C GLN B 557 27.80 55.91 17.01
N MET C 1 19.89 -16.64 20.52
CA MET C 1 20.04 -17.65 19.49
C MET C 1 19.82 -17.02 18.12
N LYS C 2 20.61 -17.46 17.13
CA LYS C 2 20.48 -16.92 15.79
C LYS C 2 19.18 -17.41 15.15
N TYR C 3 18.62 -16.58 14.28
CA TYR C 3 17.30 -16.78 13.74
C TYR C 3 17.35 -16.52 12.25
N ILE C 4 16.75 -17.41 11.46
CA ILE C 4 16.65 -17.24 10.03
C ILE C 4 15.17 -17.35 9.68
N LEU C 5 14.61 -16.28 9.15
CA LEU C 5 13.19 -16.21 8.81
C LEU C 5 13.06 -16.22 7.30
N VAL C 6 12.62 -17.33 6.76
CA VAL C 6 12.26 -17.34 5.35
C VAL C 6 10.83 -16.84 5.27
N THR C 7 10.49 -16.22 4.15
CA THR C 7 9.13 -15.72 3.96
C THR C 7 8.86 -15.66 2.47
N GLY C 8 7.60 -15.90 2.12
CA GLY C 8 7.27 -16.06 0.73
C GLY C 8 7.10 -14.73 0.03
N GLY C 9 7.17 -14.80 -1.29
CA GLY C 9 7.16 -13.58 -2.07
C GLY C 9 5.92 -13.39 -2.87
N VAL C 10 5.96 -13.80 -4.13
CA VAL C 10 4.93 -13.43 -5.07
C VAL C 10 3.73 -14.36 -4.95
N ILE C 11 3.97 -15.66 -5.05
CA ILE C 11 2.91 -16.66 -5.08
C ILE C 11 3.14 -17.68 -3.99
N SER C 12 2.24 -18.65 -3.94
CA SER C 12 2.22 -19.65 -2.87
C SER C 12 3.18 -20.79 -3.11
N GLY C 13 2.99 -21.54 -4.19
CA GLY C 13 3.73 -22.76 -4.40
C GLY C 13 5.12 -22.56 -4.98
N ILE C 14 5.92 -21.72 -4.33
CA ILE C 14 7.30 -21.52 -4.73
C ILE C 14 8.18 -22.66 -4.28
N GLY C 15 8.14 -23.01 -3.00
CA GLY C 15 9.21 -23.83 -2.49
C GLY C 15 9.94 -23.22 -1.32
N LYS C 16 9.21 -22.55 -0.43
CA LYS C 16 9.74 -22.16 0.88
C LYS C 16 10.36 -23.35 1.60
N GLY C 17 9.60 -24.45 1.69
CA GLY C 17 10.01 -25.57 2.51
C GLY C 17 11.23 -26.30 2.00
N ILE C 18 11.48 -26.25 0.69
CA ILE C 18 12.74 -26.79 0.20
C ILE C 18 13.85 -25.77 0.33
N ILE C 19 13.54 -24.47 0.30
CA ILE C 19 14.56 -23.47 0.60
C ILE C 19 14.88 -23.47 2.08
N ALA C 20 13.85 -23.47 2.93
CA ALA C 20 14.07 -23.35 4.37
C ALA C 20 14.77 -24.56 4.94
N SER C 21 14.46 -25.75 4.44
CA SER C 21 15.16 -26.93 4.91
C SER C 21 16.57 -27.01 4.34
N SER C 22 16.80 -26.49 3.13
CA SER C 22 18.15 -26.53 2.59
C SER C 22 19.06 -25.51 3.25
N ILE C 23 18.51 -24.46 3.87
CA ILE C 23 19.34 -23.64 4.73
C ILE C 23 19.67 -24.43 5.99
N GLY C 24 18.79 -25.34 6.40
CA GLY C 24 19.09 -26.21 7.51
C GLY C 24 20.22 -27.18 7.22
N THR C 25 20.19 -27.80 6.03
CA THR C 25 21.18 -28.82 5.69
C THR C 25 22.58 -28.25 5.55
N ILE C 26 22.69 -27.01 5.09
CA ILE C 26 23.98 -26.35 5.07
C ILE C 26 24.52 -26.20 6.48
N LEU C 27 23.75 -25.56 7.33
CA LEU C 27 24.23 -25.27 8.67
C LEU C 27 24.18 -26.48 9.60
N LYS C 28 23.47 -27.54 9.22
CA LYS C 28 23.68 -28.82 9.88
C LYS C 28 25.04 -29.36 9.55
N SER C 29 25.42 -29.30 8.29
CA SER C 29 26.68 -29.82 7.80
C SER C 29 27.82 -28.82 7.86
N CYS C 30 27.62 -27.68 8.52
CA CYS C 30 28.72 -26.80 8.89
C CYS C 30 29.15 -27.00 10.33
N GLY C 31 28.49 -27.90 11.06
CA GLY C 31 28.81 -28.15 12.45
C GLY C 31 27.83 -27.54 13.43
N LEU C 32 26.97 -26.64 12.98
CA LEU C 32 26.05 -25.96 13.88
C LEU C 32 24.83 -26.83 14.15
N ARG C 33 24.16 -26.57 15.27
CA ARG C 33 22.97 -27.29 15.66
C ARG C 33 21.74 -26.46 15.30
N VAL C 34 20.77 -27.07 14.62
CA VAL C 34 19.70 -26.37 13.95
C VAL C 34 18.37 -26.83 14.54
N THR C 35 17.44 -25.90 14.72
CA THR C 35 16.03 -26.24 14.95
C THR C 35 15.19 -25.80 13.76
N ALA C 36 13.89 -25.96 13.90
CA ALA C 36 12.99 -25.57 12.82
C ALA C 36 11.63 -25.27 13.43
N ILE C 37 11.12 -24.07 13.20
CA ILE C 37 9.81 -23.67 13.67
C ILE C 37 9.03 -23.23 12.45
N LYS C 38 8.21 -24.10 11.90
CA LYS C 38 7.41 -23.73 10.75
C LYS C 38 6.15 -23.02 11.22
N ILE C 39 6.01 -21.75 10.84
CA ILE C 39 4.78 -21.02 11.07
C ILE C 39 3.75 -21.54 10.08
N ASP C 40 2.49 -21.55 10.48
CA ASP C 40 1.42 -21.90 9.56
C ASP C 40 0.29 -20.90 9.64
N PRO C 41 -0.19 -20.40 8.50
CA PRO C 41 -1.33 -19.47 8.51
C PRO C 41 -2.66 -20.14 8.80
N TYR C 42 -2.76 -21.46 8.78
CA TYR C 42 -4.06 -22.09 8.95
C TYR C 42 -4.39 -22.20 10.43
N ILE C 43 -5.61 -22.65 10.73
CA ILE C 43 -6.20 -22.51 12.06
C ILE C 43 -6.18 -23.82 12.85
N ASN C 44 -5.85 -24.94 12.23
CA ASN C 44 -6.05 -26.26 12.84
C ASN C 44 -5.08 -26.50 13.98
N ILE C 45 -5.51 -26.24 15.21
CA ILE C 45 -4.79 -26.68 16.39
C ILE C 45 -4.83 -28.20 16.46
N ASP C 46 -3.67 -28.81 16.73
CA ASP C 46 -3.46 -30.26 16.77
C ASP C 46 -3.91 -30.87 15.44
N ALA C 47 -3.17 -30.48 14.40
CA ALA C 47 -3.68 -30.31 13.05
C ALA C 47 -4.31 -31.56 12.46
N GLY C 48 -3.90 -32.76 12.87
CA GLY C 48 -4.36 -33.96 12.21
C GLY C 48 -5.80 -34.38 12.43
N THR C 49 -6.72 -33.48 12.14
CA THR C 49 -8.11 -33.79 11.89
C THR C 49 -8.44 -33.74 10.42
N PHE C 50 -7.44 -33.61 9.57
CA PHE C 50 -7.64 -33.46 8.14
C PHE C 50 -8.04 -34.72 7.46
N SER C 51 -8.20 -34.63 6.16
CA SER C 51 -8.51 -35.79 5.39
C SER C 51 -7.22 -35.79 4.75
N PRO C 52 -6.53 -36.96 4.63
CA PRO C 52 -5.25 -36.83 3.96
C PRO C 52 -5.47 -36.40 2.56
N TYR C 53 -6.59 -36.69 1.91
CA TYR C 53 -6.69 -36.30 0.51
C TYR C 53 -6.55 -34.88 0.45
N GLU C 54 -7.27 -34.16 1.28
CA GLU C 54 -7.15 -32.74 1.23
C GLU C 54 -5.94 -32.56 2.00
N HIS C 55 -5.33 -31.41 1.95
CA HIS C 55 -4.11 -31.23 2.68
C HIS C 55 -3.15 -32.23 2.18
N GLY C 56 -3.00 -33.25 2.98
CA GLY C 56 -2.08 -34.35 2.69
C GLY C 56 -1.28 -34.84 3.89
N GLU C 57 -1.45 -36.13 4.18
CA GLU C 57 -0.50 -36.96 4.90
C GLU C 57 -0.19 -36.45 6.32
N VAL C 58 -1.11 -36.66 7.26
CA VAL C 58 -0.88 -36.32 8.66
C VAL C 58 0.38 -36.98 9.18
N PHE C 59 1.32 -36.17 9.64
CA PHE C 59 2.64 -36.59 10.10
C PHE C 59 2.61 -36.80 11.61
N VAL C 60 3.46 -37.70 12.09
CA VAL C 60 3.46 -38.14 13.49
C VAL C 60 4.82 -37.88 14.10
N LEU C 61 4.85 -37.28 15.28
CA LEU C 61 6.06 -36.99 16.01
C LEU C 61 6.29 -38.02 17.12
N ASN C 62 7.27 -37.75 17.98
CA ASN C 62 7.57 -38.66 19.07
C ASN C 62 6.58 -38.52 20.20
N ASP C 63 6.28 -37.29 20.59
CA ASP C 63 5.42 -37.06 21.74
C ASP C 63 3.95 -37.33 21.46
N GLY C 64 3.57 -37.41 20.19
CA GLY C 64 2.19 -37.67 19.86
C GLY C 64 1.54 -36.54 19.09
N GLY C 65 2.31 -35.81 18.32
CA GLY C 65 1.76 -34.73 17.55
C GLY C 65 0.98 -35.21 16.34
N GLU C 66 0.01 -34.40 15.94
CA GLU C 66 -0.75 -34.61 14.72
C GLU C 66 -0.44 -33.39 13.86
N VAL C 67 0.69 -33.42 13.18
CA VAL C 67 1.41 -32.23 12.74
C VAL C 67 1.49 -32.26 11.22
N ASP C 68 1.66 -31.06 10.63
CA ASP C 68 1.69 -30.78 9.20
C ASP C 68 2.62 -31.72 8.44
N LEU C 69 2.23 -31.97 7.19
CA LEU C 69 3.08 -32.63 6.19
C LEU C 69 4.46 -31.99 6.10
N ASP C 70 4.51 -30.67 5.95
CA ASP C 70 5.77 -30.01 5.67
C ASP C 70 6.69 -29.90 6.87
N LEU C 71 6.28 -30.36 8.05
CA LEU C 71 7.23 -30.54 9.13
C LEU C 71 8.00 -31.84 9.00
N GLY C 72 7.50 -32.77 8.20
CA GLY C 72 8.27 -33.96 7.91
C GLY C 72 9.47 -33.69 7.04
N ASN C 73 9.45 -32.60 6.28
CA ASN C 73 10.58 -32.25 5.43
C ASN C 73 11.77 -31.80 6.25
N TYR C 74 11.57 -31.35 7.48
CA TYR C 74 12.70 -31.01 8.33
C TYR C 74 13.29 -32.24 9.01
N GLU C 75 12.47 -33.25 9.27
CA GLU C 75 12.97 -34.44 9.93
C GLU C 75 13.59 -35.44 8.98
N ARG C 76 13.84 -35.05 7.73
CA ARG C 76 14.61 -35.87 6.81
C ARG C 76 15.85 -35.17 6.32
N PHE C 77 15.72 -33.90 5.92
CA PHE C 77 16.88 -33.09 5.60
C PHE C 77 17.74 -32.79 6.80
N LEU C 78 17.22 -32.99 8.01
CA LEU C 78 18.05 -33.05 9.20
C LEU C 78 17.64 -34.30 9.97
N ASP C 79 18.49 -34.72 10.90
CA ASP C 79 18.14 -35.85 11.76
C ASP C 79 17.34 -35.41 12.99
N ILE C 80 16.84 -34.18 12.95
CA ILE C 80 15.99 -33.59 13.97
C ILE C 80 14.77 -34.46 14.26
N ASN C 81 14.38 -34.54 15.54
CA ASN C 81 13.07 -35.02 15.95
C ASN C 81 12.29 -33.87 16.57
N LEU C 82 11.27 -33.39 15.85
CA LEU C 82 10.51 -32.21 16.21
C LEU C 82 9.47 -32.51 17.28
N TYR C 83 8.99 -31.45 17.92
CA TYR C 83 8.00 -31.54 18.98
C TYR C 83 6.69 -30.89 18.54
N LYS C 84 5.61 -31.18 19.24
CA LYS C 84 4.30 -30.80 18.73
C LYS C 84 4.04 -29.31 18.86
N ASP C 85 4.76 -28.63 19.76
CA ASP C 85 4.74 -27.19 19.85
C ASP C 85 5.84 -26.55 19.04
N ASN C 86 6.64 -27.34 18.34
CA ASN C 86 7.66 -26.83 17.45
C ASN C 86 7.09 -26.58 16.06
N ASN C 87 5.83 -26.92 15.85
CA ASN C 87 4.98 -26.33 14.85
C ASN C 87 4.18 -25.22 15.50
N ILE C 88 3.76 -24.25 14.70
CA ILE C 88 2.92 -23.18 15.22
C ILE C 88 1.94 -22.69 14.15
N THR C 89 0.66 -22.80 14.45
CA THR C 89 -0.39 -22.40 13.53
C THR C 89 -1.10 -21.20 14.09
N THR C 90 -1.88 -20.54 13.23
CA THR C 90 -2.64 -19.36 13.63
C THR C 90 -3.65 -19.69 14.72
N GLY C 91 -4.36 -20.79 14.56
CA GLY C 91 -5.26 -21.21 15.62
C GLY C 91 -4.61 -21.87 16.80
N LYS C 92 -3.28 -21.86 16.88
CA LYS C 92 -2.60 -22.27 18.10
C LYS C 92 -2.27 -21.09 18.98
N ILE C 93 -1.97 -19.92 18.38
CA ILE C 93 -1.80 -18.73 19.20
C ILE C 93 -3.13 -18.25 19.74
N TYR C 94 -4.14 -18.16 18.87
CA TYR C 94 -5.44 -17.63 19.27
C TYR C 94 -6.12 -18.53 20.29
N GLN C 95 -5.85 -19.83 20.27
CA GLN C 95 -6.31 -20.64 21.37
C GLN C 95 -5.46 -20.43 22.62
N HIS C 96 -4.17 -20.15 22.46
CA HIS C 96 -3.31 -19.95 23.61
C HIS C 96 -3.61 -18.65 24.32
N VAL C 97 -4.18 -17.67 23.63
CA VAL C 97 -4.40 -16.36 24.23
C VAL C 97 -5.81 -16.28 24.78
N ILE C 98 -6.76 -16.93 24.10
CA ILE C 98 -8.11 -17.04 24.65
C ILE C 98 -8.12 -17.84 25.94
N ASN C 99 -7.29 -18.88 26.02
CA ASN C 99 -7.16 -19.60 27.29
C ASN C 99 -6.49 -18.76 28.36
N LYS C 100 -5.66 -17.79 28.00
CA LYS C 100 -5.05 -16.94 29.01
C LYS C 100 -5.91 -15.77 29.40
N GLU C 101 -6.81 -15.32 28.53
CA GLU C 101 -7.66 -14.21 28.91
C GLU C 101 -8.84 -14.65 29.77
N ARG C 102 -9.17 -15.95 29.78
CA ARG C 102 -10.27 -16.42 30.59
C ARG C 102 -9.79 -16.83 31.98
N ARG C 103 -8.55 -17.28 32.09
CA ARG C 103 -7.95 -17.44 33.40
C ARG C 103 -7.75 -16.10 34.09
N GLY C 104 -7.57 -15.04 33.31
CA GLY C 104 -7.26 -13.74 33.86
C GLY C 104 -5.79 -13.43 33.94
N ASP C 105 -4.96 -14.08 33.12
CA ASP C 105 -3.52 -13.94 33.20
C ASP C 105 -3.01 -12.64 32.61
N TYR C 106 -3.90 -11.78 32.11
CA TYR C 106 -3.53 -10.45 31.66
C TYR C 106 -4.02 -9.35 32.58
N LEU C 107 -4.79 -9.69 33.61
CA LEU C 107 -5.36 -8.76 34.60
C LEU C 107 -6.22 -7.70 33.91
N GLY C 108 -7.27 -8.16 33.25
CA GLY C 108 -8.11 -7.28 32.46
C GLY C 108 -7.37 -6.79 31.24
N LYS C 109 -7.07 -5.50 31.22
CA LYS C 109 -6.12 -4.84 30.32
C LYS C 109 -6.46 -4.90 28.84
N THR C 110 -7.60 -5.47 28.44
CA THR C 110 -8.15 -5.38 27.08
C THR C 110 -7.15 -5.92 26.04
N VAL C 111 -7.03 -7.25 26.02
CA VAL C 111 -6.07 -7.91 25.14
C VAL C 111 -6.37 -7.63 23.68
N GLN C 112 -5.30 -7.54 22.89
CA GLN C 112 -5.34 -6.98 21.55
C GLN C 112 -4.49 -7.85 20.64
N VAL C 113 -4.56 -7.63 19.34
CA VAL C 113 -3.70 -8.42 18.46
C VAL C 113 -2.30 -7.82 18.42
N VAL C 114 -2.17 -6.53 18.70
CA VAL C 114 -0.88 -5.94 19.05
C VAL C 114 -1.04 -5.32 20.43
N PRO C 115 -0.25 -5.71 21.43
CA PRO C 115 0.86 -6.66 21.37
C PRO C 115 0.54 -8.08 21.80
N HIS C 116 -0.68 -8.36 22.27
CA HIS C 116 -0.91 -9.59 23.02
C HIS C 116 -0.96 -10.83 22.15
N ILE C 117 -1.04 -10.69 20.83
CA ILE C 117 -0.77 -11.82 19.95
C ILE C 117 0.69 -11.84 19.54
N THR C 118 1.23 -10.68 19.16
CA THR C 118 2.61 -10.61 18.71
C THR C 118 3.60 -10.88 19.84
N ASP C 119 3.20 -10.68 21.09
CA ASP C 119 4.04 -11.17 22.19
C ASP C 119 3.96 -12.68 22.29
N ALA C 120 2.77 -13.25 22.06
CA ALA C 120 2.59 -14.68 22.21
C ALA C 120 3.30 -15.45 21.12
N VAL C 121 3.49 -14.85 19.95
CA VAL C 121 4.33 -15.45 18.93
C VAL C 121 5.79 -15.35 19.34
N GLN C 122 6.19 -14.21 19.88
CA GLN C 122 7.59 -14.02 20.24
C GLN C 122 7.99 -14.79 21.49
N GLU C 123 7.08 -14.95 22.45
CA GLU C 123 7.35 -15.83 23.57
C GLU C 123 7.43 -17.28 23.12
N TRP C 124 6.68 -17.62 22.07
CA TRP C 124 6.70 -18.98 21.54
C TRP C 124 8.05 -19.28 20.90
N VAL C 125 8.50 -18.39 20.02
CA VAL C 125 9.70 -18.65 19.26
C VAL C 125 10.97 -18.41 20.09
N MET C 126 10.89 -17.63 21.17
CA MET C 126 12.01 -17.59 22.11
C MET C 126 12.12 -18.87 22.93
N ASN C 127 11.07 -19.65 23.04
CA ASN C 127 11.09 -20.86 23.85
C ASN C 127 11.40 -22.10 23.03
N GLN C 128 10.65 -22.34 21.95
CA GLN C 128 10.88 -23.52 21.13
C GLN C 128 12.16 -23.47 20.33
N ALA C 129 12.82 -22.32 20.24
CA ALA C 129 14.17 -22.33 19.74
C ALA C 129 15.14 -22.93 20.74
N LYS C 130 14.86 -22.76 22.04
CA LYS C 130 15.78 -23.22 23.07
C LYS C 130 15.73 -24.73 23.30
N VAL C 131 14.62 -25.38 22.99
CA VAL C 131 14.46 -26.79 23.35
C VAL C 131 15.34 -27.65 22.43
N PRO C 132 16.13 -28.58 22.97
CA PRO C 132 17.06 -29.34 22.13
C PRO C 132 16.34 -30.33 21.23
N VAL C 133 16.25 -29.99 19.94
CA VAL C 133 15.42 -30.75 19.03
C VAL C 133 16.18 -31.94 18.48
N ASP C 134 17.50 -31.95 18.57
CA ASP C 134 18.30 -33.14 18.35
C ASP C 134 18.18 -34.04 19.57
N GLY C 135 18.58 -35.30 19.40
CA GLY C 135 18.68 -36.19 20.55
C GLY C 135 19.76 -35.78 21.53
N ASN C 136 20.78 -35.05 21.05
CA ASN C 136 21.82 -34.55 21.92
C ASN C 136 21.28 -33.40 22.75
N LYS C 137 21.22 -33.58 24.06
CA LYS C 137 20.66 -32.56 24.95
C LYS C 137 21.69 -31.45 25.13
N GLU C 138 21.46 -30.35 24.41
CA GLU C 138 22.33 -29.18 24.35
C GLU C 138 21.53 -28.08 23.67
N GLU C 139 21.66 -26.85 24.16
CA GLU C 139 20.91 -25.75 23.59
C GLU C 139 21.38 -25.48 22.16
N PRO C 140 20.46 -25.29 21.22
CA PRO C 140 20.85 -25.16 19.81
C PRO C 140 21.47 -23.82 19.47
N GLN C 141 21.76 -23.61 18.20
CA GLN C 141 22.57 -22.47 17.81
C GLN C 141 21.92 -21.57 16.77
N ILE C 142 21.14 -22.13 15.83
CA ILE C 142 20.30 -21.33 14.97
C ILE C 142 18.88 -21.87 15.02
N CYS C 143 17.99 -21.22 14.26
CA CYS C 143 16.59 -21.59 14.24
C CYS C 143 16.02 -21.13 12.90
N VAL C 144 15.85 -22.06 11.97
CA VAL C 144 15.19 -21.74 10.72
C VAL C 144 13.70 -21.60 10.99
N ILE C 145 13.10 -20.52 10.53
CA ILE C 145 11.67 -20.25 10.73
C ILE C 145 11.01 -20.15 9.38
N GLU C 146 10.00 -20.95 9.15
CA GLU C 146 9.30 -20.95 7.87
C GLU C 146 7.93 -20.32 8.05
N LEU C 147 7.80 -19.06 7.62
CA LEU C 147 6.51 -18.40 7.62
C LEU C 147 5.76 -18.86 6.39
N GLY C 148 4.82 -19.78 6.58
CA GLY C 148 4.03 -20.27 5.47
C GLY C 148 3.07 -19.24 4.94
N GLY C 149 2.63 -19.47 3.70
CA GLY C 149 1.78 -18.52 3.02
C GLY C 149 2.57 -17.35 2.47
N THR C 150 1.94 -16.61 1.57
CA THR C 150 2.61 -15.51 0.88
C THR C 150 2.69 -14.31 1.80
N ILE C 151 3.00 -13.15 1.26
CA ILE C 151 3.06 -11.97 2.09
C ILE C 151 2.20 -10.91 1.45
N GLY C 152 1.67 -10.01 2.29
CA GLY C 152 0.58 -9.17 1.89
C GLY C 152 -0.79 -9.80 2.03
N ASP C 153 -0.85 -11.11 2.26
CA ASP C 153 -2.09 -11.77 2.64
C ASP C 153 -2.40 -11.47 4.09
N ILE C 154 -3.64 -11.75 4.50
CA ILE C 154 -4.07 -11.22 5.78
C ILE C 154 -3.94 -12.27 6.88
N GLU C 155 -3.06 -13.25 6.69
CA GLU C 155 -2.51 -14.01 7.80
C GLU C 155 -1.06 -13.68 8.08
N GLY C 156 -0.39 -13.00 7.15
CA GLY C 156 0.96 -12.56 7.42
C GLY C 156 0.89 -11.43 8.42
N MET C 157 -0.21 -10.67 8.36
CA MET C 157 -0.38 -9.49 9.18
C MET C 157 -0.29 -9.73 10.69
N PRO C 158 -0.79 -10.83 11.27
CA PRO C 158 -0.41 -11.10 12.66
C PRO C 158 1.02 -11.56 12.84
N PHE C 159 1.64 -12.16 11.83
CA PHE C 159 2.96 -12.76 12.01
C PHE C 159 4.10 -11.89 11.54
N VAL C 160 3.94 -11.14 10.44
CA VAL C 160 5.04 -10.28 10.03
C VAL C 160 5.12 -9.07 10.94
N GLU C 161 4.04 -8.73 11.63
CA GLU C 161 4.13 -7.77 12.73
C GLU C 161 4.84 -8.38 13.91
N ALA C 162 4.66 -9.68 14.13
CA ALA C 162 5.30 -10.35 15.24
C ALA C 162 6.79 -10.51 15.00
N PHE C 163 7.21 -10.64 13.74
CA PHE C 163 8.64 -10.65 13.43
C PHE C 163 9.18 -9.28 13.08
N ARG C 164 8.32 -8.28 12.93
CA ARG C 164 8.79 -6.91 12.82
C ARG C 164 9.42 -6.45 14.12
N GLN C 165 8.71 -6.65 15.23
CA GLN C 165 9.22 -6.30 16.55
C GLN C 165 10.30 -7.26 17.01
N PHE C 166 10.40 -8.43 16.40
CA PHE C 166 11.35 -9.44 16.80
C PHE C 166 12.73 -9.21 16.22
N GLN C 167 12.86 -8.26 15.29
CA GLN C 167 14.18 -7.84 14.83
C GLN C 167 14.96 -7.18 15.95
N PHE C 168 14.26 -6.52 16.87
CA PHE C 168 14.88 -5.68 17.86
C PHE C 168 14.85 -6.30 19.26
N LYS C 169 14.07 -7.35 19.47
CA LYS C 169 14.26 -8.18 20.65
C LYS C 169 15.61 -8.85 20.60
N ALA C 170 15.88 -9.59 19.53
CA ALA C 170 17.24 -9.98 19.24
C ALA C 170 18.03 -8.78 18.74
N LYS C 171 19.34 -8.96 18.64
CA LYS C 171 20.19 -7.92 18.08
C LYS C 171 20.08 -8.00 16.54
N ARG C 172 20.65 -6.99 15.87
CA ARG C 172 20.78 -7.02 14.41
C ARG C 172 21.58 -8.22 13.94
N GLU C 173 22.58 -8.63 14.71
CA GLU C 173 23.43 -9.75 14.35
C GLU C 173 22.94 -11.06 14.93
N ASN C 174 21.64 -11.22 15.09
CA ASN C 174 21.05 -12.48 15.49
C ASN C 174 19.85 -12.87 14.66
N PHE C 175 19.45 -12.06 13.69
CA PHE C 175 18.19 -12.26 12.98
C PHE C 175 18.40 -11.95 11.50
N CYS C 176 18.61 -12.99 10.69
CA CYS C 176 18.68 -12.80 9.26
C CYS C 176 17.28 -12.84 8.67
N ASN C 177 17.20 -12.82 7.35
CA ASN C 177 15.91 -12.80 6.68
C ASN C 177 16.08 -13.30 5.26
N ILE C 178 15.26 -14.29 4.88
CA ILE C 178 15.24 -14.83 3.53
C ILE C 178 13.90 -14.47 2.94
N HIS C 179 13.88 -14.06 1.68
CA HIS C 179 12.63 -13.73 0.99
C HIS C 179 12.67 -14.46 -0.34
N VAL C 180 11.89 -15.52 -0.46
CA VAL C 180 11.93 -16.36 -1.66
C VAL C 180 10.89 -15.83 -2.62
N SER C 181 11.30 -15.59 -3.87
CA SER C 181 10.48 -14.82 -4.80
C SER C 181 10.38 -15.50 -6.15
N LEU C 182 9.30 -15.17 -6.87
CA LEU C 182 9.01 -15.68 -8.20
C LEU C 182 9.53 -14.69 -9.24
N VAL C 183 10.32 -15.19 -10.18
CA VAL C 183 10.80 -14.35 -11.27
C VAL C 183 10.35 -14.95 -12.60
N PRO C 184 9.12 -14.66 -13.03
CA PRO C 184 8.55 -15.35 -14.18
C PRO C 184 9.15 -14.88 -15.49
N GLN C 185 8.82 -15.62 -16.54
CA GLN C 185 9.21 -15.25 -17.89
C GLN C 185 8.20 -15.85 -18.85
N LEU C 186 8.12 -15.26 -20.03
CA LEU C 186 7.25 -15.79 -21.08
C LEU C 186 8.10 -16.52 -22.11
N SER C 187 7.43 -17.38 -22.89
CA SER C 187 8.13 -18.43 -23.63
C SER C 187 8.91 -17.86 -24.81
N ALA C 188 8.20 -17.28 -25.78
CA ALA C 188 8.82 -16.89 -27.04
C ALA C 188 9.62 -15.60 -26.96
N THR C 189 9.61 -14.93 -25.81
CA THR C 189 10.28 -13.65 -25.64
C THR C 189 11.63 -13.79 -24.93
N GLY C 190 11.71 -14.64 -23.91
CA GLY C 190 12.95 -14.87 -23.21
C GLY C 190 13.28 -13.87 -22.13
N GLU C 191 12.56 -12.75 -22.06
CA GLU C 191 12.81 -11.74 -21.05
C GLU C 191 12.43 -12.26 -19.67
N GLN C 192 13.33 -12.08 -18.72
CA GLN C 192 13.21 -12.68 -17.39
C GLN C 192 13.01 -11.50 -16.45
N LYS C 193 11.76 -11.29 -16.03
CA LYS C 193 11.28 -9.93 -15.89
C LYS C 193 11.66 -9.26 -14.57
N THR C 194 11.14 -9.76 -13.43
CA THR C 194 11.31 -9.30 -12.03
C THR C 194 10.60 -8.01 -11.64
N LYS C 195 9.49 -7.66 -12.27
CA LYS C 195 8.56 -6.73 -11.61
C LYS C 195 7.97 -7.24 -10.30
N PRO C 196 7.44 -8.47 -10.17
CA PRO C 196 6.75 -8.81 -8.91
C PRO C 196 7.68 -8.98 -7.74
N THR C 197 8.97 -9.22 -7.99
CA THR C 197 9.94 -9.23 -6.91
C THR C 197 10.12 -7.84 -6.33
N GLN C 198 10.02 -6.82 -7.18
CA GLN C 198 10.10 -5.44 -6.69
C GLN C 198 8.88 -5.09 -5.84
N ASN C 199 7.69 -5.42 -6.33
CA ASN C 199 6.48 -5.03 -5.62
C ASN C 199 6.19 -5.91 -4.43
N SER C 200 6.86 -7.04 -4.29
CA SER C 200 6.72 -7.83 -3.08
C SER C 200 7.62 -7.32 -1.97
N VAL C 201 8.82 -6.86 -2.32
CA VAL C 201 9.73 -6.32 -1.32
C VAL C 201 9.25 -4.97 -0.82
N ARG C 202 8.67 -4.16 -1.72
CA ARG C 202 8.00 -2.93 -1.29
C ARG C 202 6.83 -3.24 -0.37
N ALA C 203 6.11 -4.32 -0.62
CA ALA C 203 5.11 -4.75 0.34
C ALA C 203 5.75 -5.28 1.61
N LEU C 204 6.94 -5.86 1.50
CA LEU C 204 7.60 -6.41 2.68
C LEU C 204 8.19 -5.30 3.54
N ARG C 205 8.78 -4.27 2.93
CA ARG C 205 9.33 -3.18 3.72
C ARG C 205 8.24 -2.39 4.43
N GLY C 206 7.06 -2.29 3.81
CA GLY C 206 5.92 -1.68 4.46
C GLY C 206 5.37 -2.49 5.61
N LEU C 207 5.70 -3.78 5.65
CA LEU C 207 5.35 -4.62 6.79
C LEU C 207 6.43 -4.63 7.85
N GLY C 208 7.63 -4.17 7.54
CA GLY C 208 8.63 -3.95 8.55
C GLY C 208 9.83 -4.87 8.51
N LEU C 209 10.03 -5.63 7.45
CA LEU C 209 11.21 -6.45 7.31
C LEU C 209 11.92 -6.09 6.02
N SER C 210 13.25 -6.19 6.04
CA SER C 210 13.98 -6.02 4.80
C SER C 210 14.72 -7.31 4.48
N PRO C 211 14.72 -7.74 3.22
CA PRO C 211 15.34 -9.03 2.88
C PRO C 211 16.85 -8.93 2.96
N ASP C 212 17.47 -9.89 3.64
CA ASP C 212 18.92 -10.01 3.59
C ASP C 212 19.36 -10.91 2.45
N LEU C 213 18.62 -11.98 2.18
CA LEU C 213 18.74 -12.71 0.92
C LEU C 213 17.41 -12.63 0.19
N ILE C 214 17.49 -12.71 -1.13
CA ILE C 214 16.33 -12.69 -1.99
C ILE C 214 16.49 -13.84 -2.96
N VAL C 215 15.81 -14.95 -2.67
CA VAL C 215 16.04 -16.21 -3.38
C VAL C 215 15.05 -16.26 -4.53
N CYS C 216 15.50 -15.89 -5.72
CA CYS C 216 14.61 -15.83 -6.87
C CYS C 216 14.48 -17.19 -7.52
N ARG C 217 13.25 -17.62 -7.74
CA ARG C 217 12.99 -18.95 -8.28
C ARG C 217 12.38 -18.84 -9.67
N SER C 218 13.02 -19.45 -10.66
CA SER C 218 12.63 -19.33 -12.04
C SER C 218 12.65 -20.70 -12.69
N SER C 219 12.57 -20.71 -14.02
CA SER C 219 12.70 -21.92 -14.80
C SER C 219 14.14 -22.15 -15.24
N THR C 220 14.72 -21.17 -15.88
CA THR C 220 16.13 -21.12 -16.24
C THR C 220 16.88 -20.32 -15.19
N PRO C 221 18.19 -20.53 -15.03
CA PRO C 221 18.96 -19.68 -14.12
C PRO C 221 18.98 -18.23 -14.58
N ILE C 222 18.76 -17.32 -13.63
CA ILE C 222 18.50 -15.93 -13.97
C ILE C 222 19.79 -15.25 -14.42
N GLU C 223 19.65 -14.31 -15.36
CA GLU C 223 20.79 -13.69 -16.00
C GLU C 223 21.48 -12.74 -15.03
N MET C 224 22.77 -12.48 -15.28
CA MET C 224 23.57 -11.65 -14.39
C MET C 224 23.22 -10.17 -14.46
N ALA C 225 22.41 -9.75 -15.44
CA ALA C 225 21.86 -8.40 -15.44
C ALA C 225 20.52 -8.34 -14.76
N VAL C 226 19.87 -9.49 -14.57
CA VAL C 226 18.62 -9.56 -13.83
C VAL C 226 18.87 -9.39 -12.34
N LYS C 227 19.85 -10.10 -11.80
CA LYS C 227 20.19 -9.91 -10.40
C LYS C 227 20.87 -8.57 -10.14
N GLU C 228 21.39 -7.93 -11.19
CA GLU C 228 21.82 -6.55 -11.04
C GLU C 228 20.62 -5.61 -10.92
N LYS C 229 19.49 -5.98 -11.51
CA LYS C 229 18.30 -5.14 -11.41
C LYS C 229 17.65 -5.24 -10.05
N ILE C 230 17.62 -6.44 -9.46
CA ILE C 230 17.01 -6.61 -8.16
C ILE C 230 17.85 -5.97 -7.07
N SER C 231 19.14 -5.80 -7.32
CA SER C 231 20.02 -5.17 -6.35
C SER C 231 19.70 -3.70 -6.14
N MET C 232 19.15 -3.03 -7.15
CA MET C 232 18.85 -1.61 -7.03
C MET C 232 17.48 -1.37 -6.42
N PHE C 233 16.54 -2.28 -6.61
CA PHE C 233 15.18 -2.10 -6.14
C PHE C 233 14.86 -2.84 -4.86
N CYS C 234 15.79 -3.62 -4.32
CA CYS C 234 15.50 -4.41 -3.14
C CYS C 234 16.59 -4.32 -2.08
N HIS C 235 17.55 -3.40 -2.24
CA HIS C 235 18.46 -2.94 -1.18
C HIS C 235 19.38 -4.05 -0.69
N VAL C 236 20.06 -4.72 -1.64
CA VAL C 236 21.01 -5.76 -1.29
C VAL C 236 22.03 -5.85 -2.42
N ASN C 237 23.24 -6.28 -2.10
CA ASN C 237 24.28 -6.41 -3.10
C ASN C 237 23.96 -7.55 -4.06
N PRO C 238 24.47 -7.50 -5.31
CA PRO C 238 24.08 -8.53 -6.29
C PRO C 238 24.60 -9.93 -6.00
N GLU C 239 25.55 -10.08 -5.06
CA GLU C 239 25.98 -11.41 -4.67
C GLU C 239 24.96 -12.14 -3.82
N GLN C 240 23.86 -11.49 -3.44
CA GLN C 240 22.88 -12.03 -2.52
C GLN C 240 21.53 -12.30 -3.18
N VAL C 241 21.47 -12.25 -4.50
CA VAL C 241 20.28 -12.64 -5.23
C VAL C 241 20.53 -14.06 -5.72
N ILE C 242 20.15 -15.03 -4.92
CA ILE C 242 20.41 -16.44 -5.20
C ILE C 242 19.33 -16.94 -6.14
N CYS C 243 19.74 -17.64 -7.19
CA CYS C 243 18.78 -18.28 -8.08
C CYS C 243 18.54 -19.72 -7.68
N ILE C 244 17.37 -20.22 -8.02
CA ILE C 244 17.07 -21.65 -7.98
C ILE C 244 16.13 -22.00 -9.13
N HIS C 245 16.67 -22.71 -10.11
CA HIS C 245 15.94 -22.97 -11.34
C HIS C 245 15.18 -24.28 -11.21
N ASP C 246 14.70 -24.81 -12.34
CA ASP C 246 13.95 -26.07 -12.33
C ASP C 246 14.86 -27.23 -11.99
N VAL C 247 14.97 -27.52 -10.70
CA VAL C 247 15.84 -28.58 -10.23
C VAL C 247 15.26 -29.94 -10.62
N SER C 248 16.16 -30.88 -10.93
CA SER C 248 15.73 -32.22 -11.28
C SER C 248 15.45 -33.08 -10.07
N SER C 249 15.76 -32.59 -8.87
CA SER C 249 15.59 -33.35 -7.65
C SER C 249 15.57 -32.37 -6.48
N THR C 250 15.07 -32.85 -5.35
CA THR C 250 15.15 -32.03 -4.15
C THR C 250 16.51 -32.11 -3.50
N TYR C 251 17.29 -33.15 -3.80
CA TYR C 251 18.61 -33.30 -3.19
C TYR C 251 19.63 -32.34 -3.79
N ARG C 252 19.36 -31.80 -4.98
CA ARG C 252 20.25 -30.83 -5.58
C ARG C 252 20.08 -29.45 -4.99
N VAL C 253 18.91 -29.18 -4.39
CA VAL C 253 18.65 -27.86 -3.81
C VAL C 253 19.64 -27.48 -2.69
N PRO C 254 20.07 -28.38 -1.78
CA PRO C 254 21.14 -27.96 -0.87
C PRO C 254 22.49 -27.73 -1.53
N VAL C 255 22.87 -28.55 -2.51
CA VAL C 255 24.17 -28.31 -3.14
C VAL C 255 24.11 -27.20 -4.16
N LEU C 256 22.91 -26.80 -4.60
CA LEU C 256 22.80 -25.66 -5.49
C LEU C 256 22.96 -24.35 -4.74
N LEU C 257 22.45 -24.28 -3.51
CA LEU C 257 22.59 -23.05 -2.74
C LEU C 257 24.02 -22.82 -2.28
N GLU C 258 24.78 -23.91 -2.09
CA GLU C 258 26.17 -23.77 -1.65
C GLU C 258 27.04 -23.17 -2.74
N GLU C 259 26.80 -23.55 -3.99
CA GLU C 259 27.54 -22.97 -5.10
C GLU C 259 27.14 -21.52 -5.36
N GLN C 260 26.00 -21.08 -4.83
CA GLN C 260 25.63 -19.68 -4.82
C GLN C 260 26.27 -18.93 -3.66
N SER C 261 27.13 -19.60 -2.88
CA SER C 261 27.97 -19.00 -1.83
C SER C 261 27.14 -18.40 -0.71
N ILE C 262 26.10 -19.12 -0.26
CA ILE C 262 25.34 -18.64 0.89
C ILE C 262 26.11 -18.88 2.19
N VAL C 263 27.03 -19.83 2.21
CA VAL C 263 27.75 -20.16 3.44
C VAL C 263 28.66 -19.00 3.82
N LYS C 264 29.23 -18.34 2.81
CA LYS C 264 30.04 -17.17 3.05
C LYS C 264 29.17 -15.99 3.49
N TYR C 265 27.90 -15.97 3.12
CA TYR C 265 27.05 -14.84 3.51
C TYR C 265 26.62 -14.96 4.97
N PHE C 266 26.15 -16.13 5.39
CA PHE C 266 25.74 -16.30 6.77
C PHE C 266 26.92 -16.30 7.73
N LYS C 267 28.16 -16.38 7.25
CA LYS C 267 29.30 -16.24 8.13
C LYS C 267 29.45 -14.82 8.61
N GLU C 268 29.19 -13.85 7.75
CA GLU C 268 29.32 -12.45 8.15
C GLU C 268 28.01 -11.85 8.63
N ARG C 269 26.88 -12.34 8.11
CA ARG C 269 25.59 -11.77 8.51
C ARG C 269 25.23 -12.18 9.94
N LEU C 270 25.40 -13.45 10.28
CA LEU C 270 24.99 -13.93 11.59
C LEU C 270 26.17 -14.18 12.53
N HIS C 271 27.41 -14.04 12.06
CA HIS C 271 28.64 -14.25 12.85
C HIS C 271 28.69 -15.66 13.45
N LEU C 272 28.30 -16.64 12.67
CA LEU C 272 28.24 -18.03 13.10
C LEU C 272 29.63 -18.65 13.13
N PRO C 273 29.87 -19.61 14.01
CA PRO C 273 31.18 -20.29 14.03
C PRO C 273 31.28 -21.43 13.04
N ILE C 274 31.31 -21.12 11.75
CA ILE C 274 31.44 -22.16 10.74
C ILE C 274 32.88 -22.63 10.64
N GLY C 275 33.77 -21.71 10.29
CA GLY C 275 35.10 -22.05 9.80
C GLY C 275 35.17 -21.92 8.30
N ASP C 276 36.39 -22.07 7.77
CA ASP C 276 36.64 -21.93 6.34
C ASP C 276 37.45 -23.13 5.88
N SER C 277 36.79 -24.03 5.15
CA SER C 277 37.30 -25.30 4.68
C SER C 277 36.44 -25.69 3.48
N ALA C 278 36.42 -26.99 3.15
CA ALA C 278 35.34 -27.52 2.34
C ALA C 278 34.04 -27.24 3.09
N SER C 279 33.21 -26.35 2.51
CA SER C 279 32.26 -25.54 3.28
C SER C 279 31.15 -26.35 3.94
N ASN C 280 30.88 -27.56 3.48
CA ASN C 280 29.98 -28.45 4.19
C ASN C 280 30.52 -29.87 4.09
N LEU C 281 29.66 -30.82 4.43
CA LEU C 281 29.82 -32.18 3.95
C LEU C 281 29.14 -32.24 2.59
N LEU C 282 29.87 -31.81 1.57
CA LEU C 282 29.45 -31.99 0.18
C LEU C 282 29.41 -33.47 -0.19
N PHE C 283 30.20 -34.29 0.49
CA PHE C 283 30.37 -35.73 0.34
C PHE C 283 29.16 -36.52 0.76
N LYS C 284 28.05 -35.90 1.13
CA LYS C 284 26.81 -36.60 1.39
C LYS C 284 25.71 -36.21 0.42
N TRP C 285 25.43 -34.92 0.27
CA TRP C 285 24.30 -34.53 -0.53
C TRP C 285 24.59 -34.58 -2.02
N ARG C 286 25.75 -34.09 -2.44
CA ARG C 286 26.12 -34.23 -3.85
C ARG C 286 26.42 -35.68 -4.18
N ASN C 287 26.94 -36.43 -3.21
CA ASN C 287 27.31 -37.82 -3.45
C ASN C 287 26.09 -38.71 -3.56
N MET C 288 24.90 -38.23 -3.20
CA MET C 288 23.68 -38.96 -3.53
C MET C 288 22.89 -38.29 -4.65
N ALA C 289 23.04 -36.98 -4.86
CA ALA C 289 22.36 -36.36 -5.97
C ALA C 289 22.98 -36.78 -7.30
N ASP C 290 24.25 -37.18 -7.28
CA ASP C 290 24.82 -37.86 -8.43
C ASP C 290 24.26 -39.26 -8.58
N ARG C 291 23.90 -39.90 -7.47
CA ARG C 291 23.32 -41.22 -7.55
C ARG C 291 21.85 -41.18 -7.96
N TYR C 292 21.16 -40.08 -7.64
CA TYR C 292 19.74 -40.00 -7.95
C TYR C 292 19.48 -39.83 -9.43
N GLU C 293 20.33 -39.09 -10.13
CA GLU C 293 20.18 -38.98 -11.56
C GLU C 293 20.77 -40.18 -12.29
N ARG C 294 21.75 -40.85 -11.71
CA ARG C 294 22.28 -42.09 -12.26
C ARG C 294 21.43 -43.25 -11.73
N LEU C 295 20.23 -43.36 -12.29
CA LEU C 295 19.31 -44.45 -11.98
C LEU C 295 18.67 -44.89 -13.28
N GLN C 296 18.95 -46.11 -13.70
CA GLN C 296 18.35 -46.67 -14.89
C GLN C 296 17.62 -47.99 -14.63
N LYS C 297 17.76 -48.57 -13.45
CA LYS C 297 17.07 -49.80 -13.11
C LYS C 297 15.76 -49.49 -12.39
N ILE C 298 14.88 -50.48 -12.35
CA ILE C 298 13.48 -50.28 -11.96
C ILE C 298 13.10 -51.32 -10.92
N CYS C 299 12.48 -50.86 -9.82
CA CYS C 299 11.89 -51.69 -8.79
C CYS C 299 10.42 -51.35 -8.60
N SER C 300 9.65 -51.42 -9.69
CA SER C 300 8.31 -50.84 -9.74
C SER C 300 7.37 -51.62 -8.83
N ILE C 301 7.24 -51.14 -7.60
CA ILE C 301 6.38 -51.72 -6.58
C ILE C 301 5.06 -50.97 -6.56
N ALA C 302 4.02 -51.65 -6.12
CA ALA C 302 2.69 -51.09 -6.08
C ALA C 302 2.37 -50.59 -4.69
N LEU C 303 1.36 -49.72 -4.62
CA LEU C 303 0.92 -49.11 -3.36
C LEU C 303 -0.59 -48.92 -3.49
N VAL C 304 -1.35 -49.89 -2.99
CA VAL C 304 -2.79 -49.78 -3.01
C VAL C 304 -3.22 -48.88 -1.85
N GLY C 305 -4.14 -47.95 -2.13
CA GLY C 305 -4.50 -46.95 -1.16
C GLY C 305 -5.95 -46.55 -1.30
N LYS C 306 -6.43 -45.80 -0.32
CA LYS C 306 -7.84 -45.44 -0.28
C LYS C 306 -8.19 -44.31 -1.21
N TYR C 307 -7.22 -43.64 -1.81
CA TYR C 307 -7.44 -42.33 -2.40
C TYR C 307 -7.32 -42.42 -3.91
N THR C 308 -7.89 -41.43 -4.59
CA THR C 308 -8.01 -41.51 -6.04
C THR C 308 -6.68 -41.25 -6.73
N LYS C 309 -5.89 -40.31 -6.21
CA LYS C 309 -4.61 -39.94 -6.81
C LYS C 309 -3.59 -39.71 -5.72
N LEU C 310 -2.34 -39.47 -6.13
CA LEU C 310 -1.31 -39.01 -5.20
C LEU C 310 -1.22 -37.48 -5.19
N ARG C 311 -2.36 -36.82 -5.04
CA ARG C 311 -2.35 -35.47 -4.46
C ARG C 311 -1.94 -35.67 -3.01
N ASP C 312 -0.74 -35.22 -2.67
CA ASP C 312 0.31 -36.10 -2.18
C ASP C 312 -0.16 -37.29 -1.35
N CYS C 313 -0.75 -37.06 -0.17
CA CYS C 313 -1.52 -37.98 0.68
C CYS C 313 -0.78 -39.23 1.16
N TYR C 314 0.38 -39.51 0.59
CA TYR C 314 1.31 -40.53 1.03
C TYR C 314 2.73 -40.05 0.83
N ALA C 315 2.93 -38.78 1.00
CA ALA C 315 4.19 -38.27 0.71
C ALA C 315 5.12 -38.98 1.55
N SER C 316 4.76 -39.25 2.78
CA SER C 316 5.72 -39.88 3.62
C SER C 316 6.12 -41.21 3.15
N VAL C 317 5.17 -42.00 2.76
CA VAL C 317 5.50 -43.32 2.32
C VAL C 317 6.34 -43.23 1.12
N PHE C 318 6.02 -42.35 0.21
CA PHE C 318 6.73 -42.26 -1.03
C PHE C 318 8.12 -41.99 -0.72
N LYS C 319 8.30 -41.06 0.18
CA LYS C 319 9.63 -40.68 0.51
C LYS C 319 10.42 -41.77 1.14
N ALA C 320 9.86 -42.55 2.04
CA ALA C 320 10.64 -43.61 2.63
C ALA C 320 11.02 -44.51 1.55
N LEU C 321 10.08 -44.85 0.69
CA LEU C 321 10.40 -45.80 -0.32
C LEU C 321 11.55 -45.37 -1.14
N GLU C 322 11.65 -44.13 -1.61
CA GLU C 322 12.84 -43.80 -2.43
C GLU C 322 14.08 -43.92 -1.65
N HIS C 323 14.02 -43.54 -0.43
CA HIS C 323 15.18 -43.59 0.43
C HIS C 323 15.82 -44.97 0.40
N SER C 324 14.99 -46.01 0.33
CA SER C 324 15.52 -47.34 0.10
C SER C 324 16.08 -47.46 -1.31
N ALA C 325 15.30 -47.00 -2.31
CA ALA C 325 15.68 -47.14 -3.72
C ALA C 325 16.93 -46.36 -4.08
N LEU C 326 17.29 -45.34 -3.30
CA LEU C 326 18.57 -44.69 -3.50
C LEU C 326 19.71 -45.57 -3.04
N ALA C 327 19.47 -46.42 -2.03
CA ALA C 327 20.51 -47.30 -1.52
C ALA C 327 20.61 -48.62 -2.27
N ILE C 328 19.71 -48.87 -3.23
CA ILE C 328 19.75 -50.10 -4.02
C ILE C 328 20.10 -49.81 -5.47
N ASN C 329 20.25 -48.52 -5.84
CA ASN C 329 20.47 -48.05 -7.21
C ASN C 329 19.34 -48.51 -8.14
N HIS C 330 18.13 -48.04 -7.83
CA HIS C 330 16.97 -48.34 -8.65
C HIS C 330 16.05 -47.13 -8.71
N LYS C 331 15.72 -46.69 -9.92
CA LYS C 331 14.68 -45.68 -10.09
C LYS C 331 13.34 -46.30 -9.75
N LEU C 332 12.72 -45.85 -8.66
CA LEU C 332 11.47 -46.43 -8.20
C LEU C 332 10.30 -45.90 -9.01
N ASN C 333 9.59 -46.80 -9.68
CA ASN C 333 8.37 -46.48 -10.42
C ASN C 333 7.21 -46.81 -9.49
N LEU C 334 6.71 -45.81 -8.77
CA LEU C 334 5.60 -46.07 -7.86
C LEU C 334 4.32 -46.14 -8.65
N MET C 335 3.76 -47.33 -8.78
CA MET C 335 2.45 -47.51 -9.39
C MET C 335 1.42 -47.36 -8.28
N TYR C 336 0.63 -46.30 -8.35
CA TYR C 336 -0.37 -46.02 -7.34
C TYR C 336 -1.70 -46.59 -7.78
N ILE C 337 -2.17 -47.60 -7.06
CA ILE C 337 -3.42 -48.28 -7.37
C ILE C 337 -4.46 -47.82 -6.38
N ASP C 338 -5.64 -47.46 -6.86
CA ASP C 338 -6.75 -47.14 -5.97
C ASP C 338 -7.41 -48.43 -5.52
N SER C 339 -7.75 -48.50 -4.23
CA SER C 339 -8.31 -49.73 -3.68
C SER C 339 -9.73 -49.96 -4.14
N ILE C 340 -10.46 -48.87 -4.42
CA ILE C 340 -11.83 -48.99 -4.91
C ILE C 340 -11.84 -49.66 -6.28
N ASP C 341 -10.81 -49.39 -7.10
CA ASP C 341 -10.79 -49.91 -8.46
C ASP C 341 -10.52 -51.41 -8.53
N LEU C 342 -10.08 -52.04 -7.45
CA LEU C 342 -9.85 -53.48 -7.48
C LEU C 342 -11.01 -54.28 -6.92
N GLU C 343 -12.09 -53.61 -6.53
CA GLU C 343 -13.18 -54.28 -5.83
C GLU C 343 -14.05 -55.05 -6.81
N LYS C 344 -14.98 -55.84 -6.26
CA LYS C 344 -15.99 -56.50 -7.08
C LYS C 344 -17.00 -55.51 -7.63
N ILE C 345 -17.13 -54.33 -6.99
CA ILE C 345 -18.04 -53.29 -7.45
C ILE C 345 -17.60 -52.77 -8.81
N THR C 346 -16.30 -52.58 -9.00
CA THR C 346 -15.81 -51.84 -10.16
C THR C 346 -15.93 -52.64 -11.44
N GLU C 347 -15.66 -53.96 -11.38
CA GLU C 347 -15.68 -54.79 -12.57
C GLU C 347 -17.09 -54.93 -13.15
N THR C 348 -18.12 -54.83 -12.29
CA THR C 348 -19.49 -54.83 -12.77
C THR C 348 -19.80 -53.53 -13.51
N GLU C 349 -19.54 -52.39 -12.88
CA GLU C 349 -20.02 -51.13 -13.43
C GLU C 349 -19.03 -50.42 -14.35
N ASP C 350 -17.73 -50.69 -14.25
CA ASP C 350 -16.73 -49.93 -15.00
C ASP C 350 -15.47 -50.77 -15.14
N PRO C 351 -15.35 -51.53 -16.22
CA PRO C 351 -14.21 -52.45 -16.35
C PRO C 351 -12.89 -51.78 -16.66
N VAL C 352 -12.90 -50.56 -17.21
CA VAL C 352 -11.66 -49.91 -17.61
C VAL C 352 -10.91 -49.44 -16.37
N LYS C 353 -11.61 -48.84 -15.42
CA LYS C 353 -11.00 -48.50 -14.13
C LYS C 353 -10.60 -49.76 -13.36
N PHE C 354 -11.30 -50.87 -13.59
CA PHE C 354 -10.95 -52.11 -12.91
C PHE C 354 -9.65 -52.70 -13.44
N HIS C 355 -9.62 -53.02 -14.73
CA HIS C 355 -8.54 -53.83 -15.27
C HIS C 355 -7.23 -53.04 -15.34
N GLU C 356 -7.30 -51.74 -15.59
CA GLU C 356 -6.08 -50.93 -15.66
C GLU C 356 -5.39 -50.84 -14.32
N ALA C 357 -6.17 -50.84 -13.23
CA ALA C 357 -5.56 -50.88 -11.90
C ALA C 357 -5.05 -52.27 -11.57
N TRP C 358 -5.73 -53.32 -12.00
CA TRP C 358 -5.25 -54.67 -11.71
C TRP C 358 -4.01 -54.95 -12.53
N GLN C 359 -4.04 -54.51 -13.74
CA GLN C 359 -2.87 -54.79 -14.59
C GLN C 359 -1.61 -54.27 -13.95
N LYS C 360 -1.70 -53.13 -13.25
CA LYS C 360 -0.56 -52.60 -12.51
C LYS C 360 -0.17 -53.53 -11.37
N LEU C 361 -1.15 -54.19 -10.77
CA LEU C 361 -0.84 -55.08 -9.65
C LEU C 361 -0.18 -56.35 -10.12
N CYS C 362 -0.47 -56.78 -11.34
CA CYS C 362 0.14 -58.00 -11.86
C CYS C 362 1.59 -57.79 -12.26
N LYS C 363 1.91 -56.66 -12.89
CA LYS C 363 3.27 -56.38 -13.29
C LYS C 363 4.17 -56.05 -12.11
N ALA C 364 3.58 -55.59 -11.00
CA ALA C 364 4.34 -55.13 -9.85
C ALA C 364 5.04 -56.28 -9.15
N ASP C 365 6.20 -55.96 -8.60
CA ASP C 365 6.97 -56.91 -7.81
C ASP C 365 7.12 -56.42 -6.37
N GLY C 366 6.12 -55.70 -5.87
CA GLY C 366 5.98 -55.39 -4.47
C GLY C 366 4.65 -54.70 -4.17
N ILE C 367 3.92 -55.20 -3.18
CA ILE C 367 2.69 -54.56 -2.71
C ILE C 367 2.97 -53.92 -1.37
N LEU C 368 2.65 -52.64 -1.25
CA LEU C 368 2.70 -51.93 0.02
C LEU C 368 1.29 -51.47 0.37
N VAL C 369 0.84 -51.84 1.56
CA VAL C 369 -0.46 -51.38 2.06
C VAL C 369 -0.21 -50.42 3.21
N PRO C 370 -0.36 -49.13 3.01
CA PRO C 370 -0.11 -48.18 4.09
C PRO C 370 -1.31 -48.02 5.01
N GLY C 371 -1.21 -47.08 5.94
CA GLY C 371 -2.25 -46.88 6.93
C GLY C 371 -3.49 -46.24 6.36
N GLY C 372 -4.53 -46.21 7.19
CA GLY C 372 -5.80 -45.67 6.78
C GLY C 372 -6.91 -45.99 7.76
N PHE C 373 -7.92 -45.13 7.80
CA PHE C 373 -9.03 -45.25 8.72
C PHE C 373 -10.33 -45.39 7.93
N GLY C 374 -11.07 -46.45 8.19
CA GLY C 374 -12.44 -46.55 7.73
C GLY C 374 -12.70 -47.80 6.90
N ILE C 375 -14.01 -48.03 6.69
CA ILE C 375 -14.48 -49.12 5.85
C ILE C 375 -14.25 -48.84 4.36
N ARG C 376 -14.05 -47.58 3.99
CA ARG C 376 -13.95 -47.22 2.58
C ARG C 376 -12.63 -47.70 2.00
N GLY C 377 -12.72 -48.37 0.85
CA GLY C 377 -11.53 -48.90 0.21
C GLY C 377 -10.88 -50.05 0.92
N THR C 378 -11.63 -50.76 1.77
CA THR C 378 -11.04 -51.84 2.54
C THR C 378 -11.11 -53.16 1.78
N LEU C 379 -12.25 -53.45 1.17
CA LEU C 379 -12.47 -54.75 0.54
C LEU C 379 -11.63 -54.92 -0.72
N GLY C 380 -11.17 -53.82 -1.31
CA GLY C 380 -10.24 -53.94 -2.43
C GLY C 380 -8.86 -54.39 -1.99
N LYS C 381 -8.35 -53.82 -0.90
CA LYS C 381 -7.03 -54.19 -0.42
C LYS C 381 -7.00 -55.61 0.13
N LEU C 382 -8.14 -56.16 0.54
CA LEU C 382 -8.18 -57.56 0.94
C LEU C 382 -7.96 -58.49 -0.24
N GLN C 383 -8.31 -58.05 -1.45
CA GLN C 383 -7.97 -58.83 -2.63
C GLN C 383 -6.48 -58.75 -2.92
N ALA C 384 -5.86 -57.61 -2.63
CA ALA C 384 -4.45 -57.43 -2.95
C ALA C 384 -3.53 -58.19 -2.01
N ILE C 385 -3.93 -58.32 -0.74
CA ILE C 385 -3.13 -59.09 0.20
C ILE C 385 -3.21 -60.57 -0.13
N SER C 386 -4.38 -61.02 -0.59
CA SER C 386 -4.50 -62.38 -1.11
C SER C 386 -3.71 -62.55 -2.38
N TRP C 387 -3.47 -61.48 -3.12
CA TRP C 387 -2.60 -61.55 -4.28
C TRP C 387 -1.12 -61.61 -3.89
N ALA C 388 -0.79 -61.29 -2.64
CA ALA C 388 0.59 -61.37 -2.20
C ALA C 388 0.86 -62.75 -1.63
N ARG C 389 -0.17 -63.36 -1.05
CA ARG C 389 -0.01 -64.65 -0.43
C ARG C 389 -0.09 -65.81 -1.41
N THR C 390 -0.91 -65.68 -2.46
CA THR C 390 -1.14 -66.78 -3.40
C THR C 390 -0.32 -66.66 -4.67
N LYS C 391 0.53 -65.65 -4.79
CA LYS C 391 1.32 -65.48 -6.00
C LYS C 391 2.74 -65.04 -5.66
N LYS C 392 3.08 -64.92 -4.37
CA LYS C 392 4.44 -64.80 -3.84
C LYS C 392 5.14 -63.54 -4.34
N ILE C 393 4.56 -62.39 -3.99
CA ILE C 393 5.17 -61.10 -4.27
C ILE C 393 5.54 -60.51 -2.92
N PRO C 394 6.67 -59.81 -2.77
CA PRO C 394 7.01 -59.18 -1.49
C PRO C 394 5.98 -58.15 -1.06
N PHE C 395 5.64 -58.21 0.22
CA PHE C 395 4.53 -57.45 0.79
C PHE C 395 4.98 -56.74 2.05
N LEU C 396 4.39 -55.57 2.29
CA LEU C 396 4.54 -54.88 3.56
C LEU C 396 3.24 -54.20 3.92
N GLY C 397 2.76 -54.46 5.13
CA GLY C 397 1.55 -53.84 5.64
C GLY C 397 1.91 -52.87 6.77
N VAL C 398 1.29 -51.70 6.72
CA VAL C 398 1.59 -50.62 7.65
C VAL C 398 0.27 -50.20 8.29
N CYS C 399 0.04 -50.63 9.54
CA CYS C 399 -0.92 -50.08 10.50
C CYS C 399 -2.39 -50.33 10.16
N LEU C 400 -2.68 -50.73 8.93
CA LEU C 400 -3.97 -51.26 8.56
C LEU C 400 -3.69 -52.51 7.77
N GLY C 401 -2.56 -52.49 7.06
CA GLY C 401 -2.13 -53.66 6.32
C GLY C 401 -1.73 -54.80 7.23
N MET C 402 -1.15 -54.49 8.39
CA MET C 402 -0.92 -55.53 9.39
C MET C 402 -2.23 -56.06 9.92
N GLN C 403 -3.23 -55.19 10.06
CA GLN C 403 -4.52 -55.64 10.53
C GLN C 403 -5.24 -56.46 9.47
N LEU C 404 -5.22 -56.00 8.22
CA LEU C 404 -5.97 -56.67 7.18
C LEU C 404 -5.32 -57.97 6.73
N ALA C 405 -4.00 -58.10 6.87
CA ALA C 405 -3.35 -59.36 6.50
C ALA C 405 -3.70 -60.45 7.49
N VAL C 406 -3.75 -60.13 8.78
CA VAL C 406 -4.11 -61.10 9.80
C VAL C 406 -5.58 -61.48 9.66
N ILE C 407 -6.42 -60.56 9.19
CA ILE C 407 -7.81 -60.88 8.91
C ILE C 407 -7.92 -61.86 7.75
N GLU C 408 -7.25 -61.57 6.63
CA GLU C 408 -7.42 -62.42 5.45
C GLU C 408 -6.67 -63.72 5.56
N PHE C 409 -5.67 -63.81 6.45
CA PHE C 409 -5.03 -65.09 6.68
C PHE C 409 -5.97 -66.05 7.37
N ALA C 410 -6.82 -65.54 8.26
CA ALA C 410 -7.84 -66.37 8.89
C ALA C 410 -8.91 -66.77 7.89
N ARG C 411 -9.16 -65.94 6.89
CA ARG C 411 -10.20 -66.24 5.91
C ARG C 411 -9.75 -67.23 4.85
N ASN C 412 -8.44 -67.38 4.63
CA ASN C 412 -7.96 -68.09 3.47
C ASN C 412 -6.98 -69.20 3.77
N CYS C 413 -6.51 -69.33 5.00
CA CYS C 413 -5.72 -70.47 5.42
C CYS C 413 -6.29 -71.17 6.64
N LEU C 414 -7.14 -70.48 7.39
CA LEU C 414 -7.84 -71.06 8.52
C LEU C 414 -9.34 -71.23 8.25
N ASN C 415 -9.85 -70.58 7.19
CA ASN C 415 -11.26 -70.63 6.79
C ASN C 415 -12.19 -70.15 7.90
N LEU C 416 -11.73 -69.16 8.66
CA LEU C 416 -12.59 -68.44 9.59
C LEU C 416 -13.17 -67.22 8.87
N LYS C 417 -14.05 -67.52 7.90
CA LYS C 417 -14.47 -66.50 6.95
C LYS C 417 -15.37 -65.46 7.60
N ASP C 418 -16.07 -65.82 8.67
CA ASP C 418 -16.89 -64.87 9.39
C ASP C 418 -16.08 -63.90 10.25
N ALA C 419 -14.78 -64.12 10.41
CA ALA C 419 -13.96 -63.22 11.21
C ALA C 419 -13.66 -61.94 10.45
N ASP C 420 -13.77 -60.83 11.16
CA ASP C 420 -13.63 -59.50 10.59
C ASP C 420 -13.03 -58.63 11.69
N SER C 421 -13.12 -57.32 11.53
CA SER C 421 -12.68 -56.43 12.59
C SER C 421 -13.89 -55.99 13.40
N THR C 422 -13.67 -55.06 14.33
CA THR C 422 -14.77 -54.37 14.99
C THR C 422 -14.91 -52.93 14.51
N GLU C 423 -13.95 -52.44 13.73
CA GLU C 423 -14.19 -51.21 12.98
C GLU C 423 -15.20 -51.46 11.87
N PHE C 424 -15.19 -52.68 11.34
CA PHE C 424 -15.93 -53.05 10.14
C PHE C 424 -16.99 -54.02 10.63
N ARG C 425 -18.29 -53.71 10.39
CA ARG C 425 -19.50 -54.37 10.91
C ARG C 425 -19.33 -54.70 12.39
N PRO C 426 -19.43 -53.69 13.27
CA PRO C 426 -18.83 -53.76 14.62
C PRO C 426 -19.35 -54.88 15.51
N ASN C 427 -20.62 -55.24 15.39
CA ASN C 427 -21.13 -56.40 16.13
C ASN C 427 -20.58 -57.64 15.44
N ALA C 428 -19.43 -58.10 15.93
CA ALA C 428 -18.52 -59.09 15.36
C ALA C 428 -18.98 -60.51 15.69
N PRO C 429 -19.14 -61.34 14.67
CA PRO C 429 -19.39 -62.77 14.93
C PRO C 429 -18.17 -63.44 15.53
N VAL C 430 -17.02 -63.25 14.90
CA VAL C 430 -15.73 -63.70 15.40
C VAL C 430 -14.83 -62.48 15.51
N PRO C 431 -14.65 -61.95 16.71
CA PRO C 431 -13.93 -60.66 16.87
C PRO C 431 -12.42 -60.80 16.81
N LEU C 432 -11.88 -60.78 15.59
CA LEU C 432 -10.44 -61.01 15.45
C LEU C 432 -9.64 -59.73 15.60
N VAL C 433 -10.16 -58.60 15.14
CA VAL C 433 -9.52 -57.30 15.32
C VAL C 433 -10.46 -56.45 16.14
N ILE C 434 -10.11 -56.21 17.41
CA ILE C 434 -11.00 -55.50 18.30
C ILE C 434 -10.41 -54.14 18.62
N ASP C 435 -11.17 -53.32 19.35
CA ASP C 435 -10.68 -52.05 19.82
C ASP C 435 -9.99 -52.24 21.15
N MET C 436 -8.85 -51.56 21.32
CA MET C 436 -8.14 -51.54 22.59
C MET C 436 -7.40 -50.22 22.68
N PRO C 437 -8.05 -49.18 23.16
CA PRO C 437 -7.39 -47.89 23.33
C PRO C 437 -6.53 -47.88 24.58
N GLU C 438 -5.66 -46.89 24.68
CA GLU C 438 -4.76 -46.84 25.82
C GLU C 438 -5.40 -46.15 27.01
N HIS C 439 -4.79 -46.36 28.18
CA HIS C 439 -5.18 -45.70 29.42
C HIS C 439 -3.90 -45.20 30.08
N ASN C 440 -3.47 -44.02 29.70
CA ASN C 440 -2.35 -43.37 30.35
C ASN C 440 -2.88 -42.50 31.49
N PRO C 441 -2.32 -42.62 32.71
CA PRO C 441 -2.81 -41.82 33.84
C PRO C 441 -2.51 -40.34 33.69
N GLY C 442 -3.56 -39.54 33.47
CA GLY C 442 -3.39 -38.12 33.20
C GLY C 442 -4.41 -37.61 32.20
N ASN C 443 -5.06 -38.51 31.48
CA ASN C 443 -6.18 -38.19 30.61
C ASN C 443 -7.38 -39.03 31.02
N LEU C 444 -8.51 -38.78 30.35
CA LEU C 444 -9.76 -39.47 30.63
C LEU C 444 -10.28 -40.13 29.35
N GLY C 445 -10.64 -41.39 29.46
CA GLY C 445 -11.20 -42.11 28.33
C GLY C 445 -10.14 -42.86 27.55
N GLY C 446 -10.57 -43.33 26.39
CA GLY C 446 -9.71 -44.12 25.53
C GLY C 446 -8.86 -43.31 24.57
N THR C 447 -7.59 -43.15 24.91
CA THR C 447 -6.65 -42.43 24.08
C THR C 447 -6.11 -43.33 22.97
N MET C 448 -5.75 -42.70 21.85
CA MET C 448 -5.08 -43.42 20.78
C MET C 448 -3.68 -43.83 21.20
N ARG C 449 -3.27 -45.02 20.77
CA ARG C 449 -1.87 -45.39 20.88
C ARG C 449 -1.08 -44.49 19.95
N LEU C 450 -0.30 -43.57 20.51
CA LEU C 450 0.20 -42.46 19.71
C LEU C 450 1.57 -42.03 20.20
N GLY C 451 2.56 -42.11 19.32
CA GLY C 451 3.90 -41.62 19.61
C GLY C 451 4.93 -42.72 19.62
N ILE C 452 6.12 -42.38 20.11
CA ILE C 452 7.17 -43.38 20.29
C ILE C 452 6.78 -44.30 21.43
N ARG C 453 6.59 -45.57 21.12
CA ARG C 453 6.48 -46.61 22.11
C ARG C 453 7.56 -47.63 21.84
N ARG C 454 7.72 -48.56 22.77
CA ARG C 454 8.73 -49.59 22.65
C ARG C 454 8.12 -50.83 22.00
N THR C 455 8.89 -51.46 21.12
CA THR C 455 8.48 -52.70 20.47
C THR C 455 9.55 -53.75 20.72
N VAL C 456 9.14 -54.86 21.32
CA VAL C 456 10.05 -55.92 21.74
C VAL C 456 9.86 -57.11 20.81
N PHE C 457 10.95 -57.64 20.28
CA PHE C 457 10.88 -58.84 19.49
C PHE C 457 10.59 -60.05 20.36
N LYS C 458 10.15 -61.13 19.73
CA LYS C 458 9.87 -62.37 20.43
C LYS C 458 10.82 -63.50 20.05
N THR C 459 10.94 -63.79 18.75
CA THR C 459 11.78 -64.88 18.28
C THR C 459 13.20 -64.41 17.99
N GLU C 460 13.99 -65.30 17.41
CA GLU C 460 15.33 -64.98 16.93
C GLU C 460 15.44 -65.00 15.42
N ASN C 461 14.71 -65.88 14.75
CA ASN C 461 14.74 -65.93 13.29
C ASN C 461 13.78 -64.92 12.66
N SER C 462 13.89 -63.66 13.06
CA SER C 462 13.05 -62.63 12.50
C SER C 462 13.76 -61.96 11.33
N ILE C 463 13.03 -61.74 10.23
CA ILE C 463 13.62 -61.06 9.10
C ILE C 463 13.68 -59.56 9.37
N LEU C 464 13.00 -59.06 10.39
CA LEU C 464 13.20 -57.68 10.82
C LEU C 464 14.33 -57.54 11.82
N ARG C 465 14.53 -58.53 12.70
CA ARG C 465 15.70 -58.49 13.57
C ARG C 465 16.99 -58.59 12.77
N LYS C 466 16.94 -59.29 11.64
CA LYS C 466 18.03 -59.23 10.68
C LYS C 466 18.21 -57.83 10.12
N LEU C 467 17.13 -57.08 9.93
CA LEU C 467 17.26 -55.77 9.30
C LEU C 467 17.59 -54.65 10.27
N TYR C 468 16.98 -54.63 11.45
CA TYR C 468 17.27 -53.56 12.39
C TYR C 468 18.64 -53.67 13.01
N GLY C 469 19.29 -54.82 12.93
CA GLY C 469 20.63 -54.93 13.45
C GLY C 469 20.73 -55.74 14.72
N ASP C 470 19.89 -56.79 14.81
CA ASP C 470 19.91 -57.78 15.88
C ASP C 470 19.66 -57.17 17.25
N VAL C 471 18.94 -56.07 17.30
CA VAL C 471 18.70 -55.35 18.55
C VAL C 471 17.51 -55.98 19.26
N PRO C 472 17.42 -55.89 20.59
CA PRO C 472 16.26 -56.46 21.27
C PRO C 472 15.01 -55.64 21.10
N PHE C 473 15.13 -54.32 21.03
CA PHE C 473 13.97 -53.46 21.01
C PHE C 473 14.17 -52.35 19.99
N ILE C 474 13.08 -51.90 19.39
CA ILE C 474 13.07 -50.76 18.50
C ILE C 474 12.04 -49.75 19.00
N GLU C 475 12.18 -48.52 18.52
CA GLU C 475 11.29 -47.44 18.92
C GLU C 475 10.77 -46.77 17.66
N GLU C 476 9.47 -46.87 17.41
CA GLU C 476 8.86 -46.33 16.22
C GLU C 476 7.58 -45.61 16.60
N ARG C 477 7.08 -44.77 15.68
CA ARG C 477 5.94 -43.91 15.95
C ARG C 477 4.66 -44.68 15.70
N HIS C 478 3.74 -44.66 16.66
CA HIS C 478 2.44 -45.28 16.50
C HIS C 478 1.38 -44.21 16.26
N ARG C 479 0.38 -44.57 15.46
CA ARG C 479 -0.84 -43.77 15.34
C ARG C 479 -1.93 -44.74 14.89
N HIS C 480 -2.72 -45.23 15.84
CA HIS C 480 -3.90 -46.04 15.57
C HIS C 480 -4.71 -46.16 16.85
N ARG C 481 -5.75 -46.99 16.79
CA ARG C 481 -6.59 -47.29 17.94
C ARG C 481 -6.76 -48.78 18.17
N PHE C 482 -6.56 -49.61 17.16
CA PHE C 482 -7.04 -50.98 17.16
C PHE C 482 -5.90 -51.96 17.31
N GLU C 483 -6.25 -53.17 17.71
CA GLU C 483 -5.29 -54.25 17.89
C GLU C 483 -5.87 -55.54 17.35
N VAL C 484 -5.01 -56.52 17.20
CA VAL C 484 -5.47 -57.88 17.00
C VAL C 484 -5.87 -58.43 18.36
N ASN C 485 -6.94 -59.22 18.38
CA ASN C 485 -7.53 -59.67 19.63
C ASN C 485 -6.60 -60.68 20.31
N PRO C 486 -6.23 -60.46 21.58
CA PRO C 486 -5.42 -61.46 22.29
C PRO C 486 -6.13 -62.78 22.54
N ASN C 487 -7.46 -62.84 22.43
CA ASN C 487 -8.17 -64.10 22.52
C ASN C 487 -8.30 -64.81 21.19
N LEU C 488 -7.52 -64.40 20.19
CA LEU C 488 -7.38 -65.15 18.95
C LEU C 488 -5.95 -65.61 18.72
N ILE C 489 -5.11 -65.56 19.76
CA ILE C 489 -3.80 -66.18 19.69
C ILE C 489 -3.95 -67.70 19.72
N LYS C 490 -5.03 -68.19 20.35
CA LYS C 490 -5.34 -69.62 20.41
C LYS C 490 -5.50 -70.23 19.03
N GLN C 491 -6.05 -69.47 18.08
CA GLN C 491 -6.23 -69.94 16.72
C GLN C 491 -4.99 -69.73 15.85
N PHE C 492 -3.88 -69.28 16.43
CA PHE C 492 -2.67 -68.92 15.70
C PHE C 492 -1.44 -69.66 16.21
N GLU C 493 -1.62 -70.80 16.88
CA GLU C 493 -0.52 -71.35 17.67
C GLU C 493 0.56 -72.03 16.84
N GLN C 494 0.21 -72.59 15.68
CA GLN C 494 1.14 -73.50 15.01
C GLN C 494 1.31 -73.26 13.52
N ASN C 495 0.44 -72.48 12.88
CA ASN C 495 0.45 -72.40 11.42
C ASN C 495 1.47 -71.40 10.91
N ASP C 496 1.34 -71.02 9.63
CA ASP C 496 2.37 -70.31 8.90
C ASP C 496 2.65 -68.93 9.50
N LEU C 497 1.60 -68.13 9.68
CA LEU C 497 1.77 -66.79 10.21
C LEU C 497 1.95 -66.85 11.72
N SER C 498 2.95 -66.13 12.21
CA SER C 498 3.16 -66.02 13.65
C SER C 498 3.51 -64.59 13.98
N PHE C 499 3.52 -64.29 15.28
CA PHE C 499 3.78 -62.95 15.77
C PHE C 499 5.22 -62.82 16.24
N VAL C 500 5.84 -61.70 15.87
CA VAL C 500 7.20 -61.40 16.27
C VAL C 500 7.27 -60.16 17.15
N GLY C 501 6.51 -59.11 16.80
CA GLY C 501 6.54 -57.90 17.57
C GLY C 501 5.56 -57.91 18.74
N GLN C 502 5.91 -57.15 19.77
CA GLN C 502 5.17 -57.10 21.02
C GLN C 502 5.60 -55.86 21.78
N ASP C 503 4.66 -55.24 22.49
CA ASP C 503 4.97 -54.07 23.30
C ASP C 503 5.51 -54.52 24.66
N VAL C 504 5.60 -53.58 25.60
CA VAL C 504 6.24 -53.85 26.88
C VAL C 504 5.36 -54.75 27.73
N ASP C 505 4.15 -54.28 28.05
CA ASP C 505 3.26 -55.02 28.93
C ASP C 505 2.51 -56.15 28.22
N GLY C 506 2.80 -56.40 26.94
CA GLY C 506 2.49 -57.67 26.31
C GLY C 506 1.07 -57.86 25.84
N ASP C 507 0.18 -56.90 26.08
CA ASP C 507 -1.22 -57.10 25.67
C ASP C 507 -1.41 -56.99 24.17
N ARG C 508 -0.48 -56.36 23.46
CA ARG C 508 -0.69 -55.95 22.08
C ARG C 508 0.42 -56.51 21.20
N MET C 509 0.05 -57.14 20.10
CA MET C 509 1.02 -57.68 19.18
C MET C 509 1.32 -56.69 18.06
N GLU C 510 2.56 -56.71 17.57
CA GLU C 510 3.03 -55.65 16.69
C GLU C 510 3.38 -56.16 15.29
N ILE C 511 4.29 -57.12 15.16
CA ILE C 511 4.94 -57.42 13.89
C ILE C 511 4.72 -58.90 13.55
N ILE C 512 4.31 -59.17 12.31
CA ILE C 512 4.06 -60.52 11.83
C ILE C 512 5.08 -60.85 10.75
N GLU C 513 5.38 -62.15 10.60
CA GLU C 513 6.28 -62.64 9.55
C GLU C 513 5.76 -63.97 9.05
N LEU C 514 5.24 -63.99 7.82
CA LEU C 514 4.70 -65.22 7.25
C LEU C 514 5.83 -66.12 6.77
N ALA C 515 5.68 -67.41 6.99
CA ALA C 515 6.68 -68.39 6.58
C ALA C 515 6.44 -68.83 5.14
N ASN C 516 7.50 -69.40 4.55
CA ASN C 516 7.51 -69.96 3.19
C ASN C 516 7.09 -68.91 2.16
N HIS C 517 7.66 -67.73 2.29
CA HIS C 517 7.46 -66.55 1.45
C HIS C 517 8.61 -65.62 1.77
N PRO C 518 9.34 -65.11 0.76
CA PRO C 518 10.50 -64.26 1.05
C PRO C 518 10.23 -62.99 1.83
N TYR C 519 9.08 -62.35 1.65
CA TYR C 519 8.83 -61.13 2.43
C TYR C 519 7.32 -60.93 2.54
N PHE C 520 6.77 -61.23 3.71
CA PHE C 520 5.37 -60.91 4.01
C PHE C 520 5.35 -60.48 5.48
N VAL C 521 5.53 -59.19 5.71
CA VAL C 521 5.58 -58.66 7.05
C VAL C 521 4.59 -57.52 7.19
N GLY C 522 4.09 -57.32 8.40
CA GLY C 522 3.13 -56.28 8.69
C GLY C 522 3.42 -55.65 10.02
N VAL C 523 3.28 -54.33 10.13
CA VAL C 523 3.65 -53.61 11.34
C VAL C 523 2.48 -52.76 11.81
N GLN C 524 2.35 -52.65 13.14
CA GLN C 524 1.37 -51.71 13.68
C GLN C 524 1.87 -50.29 13.63
N PHE C 525 3.17 -50.08 13.80
CA PHE C 525 3.71 -48.73 13.77
C PHE C 525 3.81 -48.23 12.34
N HIS C 526 4.16 -46.96 12.21
CA HIS C 526 4.45 -46.36 10.93
C HIS C 526 5.96 -46.31 10.76
N PRO C 527 6.55 -47.14 9.88
CA PRO C 527 8.01 -47.09 9.71
C PRO C 527 8.49 -45.87 8.96
N GLU C 528 7.57 -45.10 8.35
CA GLU C 528 7.95 -44.03 7.44
C GLU C 528 8.74 -42.94 8.13
N PHE C 529 8.27 -42.47 9.26
CA PHE C 529 8.70 -41.17 9.74
C PHE C 529 10.04 -41.20 10.43
N SER C 530 10.62 -42.38 10.64
CA SER C 530 11.96 -42.48 11.20
C SER C 530 13.02 -42.60 10.12
N SER C 531 12.64 -42.55 8.86
CA SER C 531 13.59 -42.68 7.77
C SER C 531 14.29 -41.35 7.50
N ARG C 532 15.48 -41.45 6.94
CA ARG C 532 16.29 -40.33 6.50
C ARG C 532 16.71 -40.65 5.07
N PRO C 533 17.38 -39.75 4.34
CA PRO C 533 18.00 -40.18 3.09
C PRO C 533 19.38 -40.79 3.31
N MET C 534 19.80 -40.92 4.56
CA MET C 534 21.06 -41.58 4.87
C MET C 534 20.77 -43.00 5.30
N LYS C 535 19.94 -43.14 6.33
CA LYS C 535 19.50 -44.46 6.73
C LYS C 535 18.08 -44.68 6.25
N PRO C 536 17.84 -45.72 5.46
CA PRO C 536 16.48 -46.05 5.07
C PRO C 536 15.68 -46.58 6.24
N SER C 537 14.37 -46.54 6.15
CA SER C 537 13.56 -47.21 7.13
C SER C 537 13.66 -48.71 6.90
N PRO C 538 14.06 -49.49 7.91
CA PRO C 538 14.45 -50.90 7.70
C PRO C 538 13.33 -51.80 7.21
N PRO C 539 12.04 -51.55 7.51
CA PRO C 539 11.03 -52.32 6.75
C PRO C 539 10.96 -51.96 5.29
N TYR C 540 11.18 -50.68 4.94
CA TYR C 540 11.14 -50.30 3.53
C TYR C 540 12.36 -50.77 2.77
N LEU C 541 13.46 -51.04 3.45
CA LEU C 541 14.61 -51.59 2.75
C LEU C 541 14.37 -53.04 2.38
N GLY C 542 13.81 -53.81 3.32
CA GLY C 542 13.48 -55.20 3.06
C GLY C 542 12.36 -55.39 2.06
N LEU C 543 11.53 -54.38 1.86
CA LEU C 543 10.52 -54.46 0.80
C LEU C 543 11.14 -54.22 -0.56
N LEU C 544 12.28 -53.54 -0.63
CA LEU C 544 12.96 -53.37 -1.89
C LEU C 544 14.15 -54.28 -2.08
N LEU C 545 14.71 -54.83 -0.99
CA LEU C 545 15.70 -55.87 -1.16
C LEU C 545 15.07 -57.17 -1.65
N ALA C 546 13.80 -57.39 -1.33
CA ALA C 546 13.11 -58.55 -1.85
C ALA C 546 12.45 -58.27 -3.19
N ALA C 547 12.32 -57.01 -3.57
CA ALA C 547 11.75 -56.65 -4.86
C ALA C 547 12.78 -56.63 -5.97
N THR C 548 14.03 -56.97 -5.67
CA THR C 548 15.04 -57.06 -6.70
C THR C 548 15.95 -58.27 -6.52
N GLY C 549 15.68 -59.15 -5.56
CA GLY C 549 16.45 -60.35 -5.38
C GLY C 549 17.63 -60.20 -4.45
N ASN C 550 17.98 -58.98 -4.05
CA ASN C 550 19.15 -58.76 -3.21
C ASN C 550 18.89 -59.03 -1.73
N LEU C 551 17.71 -59.54 -1.37
CA LEU C 551 17.43 -59.83 0.03
C LEU C 551 18.24 -61.02 0.52
N ASN C 552 18.64 -61.91 -0.40
CA ASN C 552 19.54 -63.00 -0.04
C ASN C 552 20.92 -62.47 0.32
N ALA C 553 21.56 -61.76 -0.62
CA ALA C 553 22.95 -61.37 -0.45
C ALA C 553 23.14 -60.25 0.55
N TYR C 554 22.09 -59.49 0.87
CA TYR C 554 22.20 -58.48 1.92
C TYR C 554 22.39 -59.12 3.28
N LEU C 555 21.79 -60.30 3.49
CA LEU C 555 21.86 -60.97 4.77
C LEU C 555 22.98 -62.02 4.80
N GLN C 556 24.04 -61.78 4.04
CA GLN C 556 25.26 -62.57 4.12
C GLN C 556 26.48 -61.68 4.37
N GLN C 557 26.25 -60.46 4.84
CA GLN C 557 27.32 -59.56 5.24
C GLN C 557 26.80 -58.57 6.28
N MET D 1 -17.96 10.42 -25.73
CA MET D 1 -17.46 9.28 -26.49
C MET D 1 -17.09 8.15 -25.55
N LYS D 2 -17.35 6.92 -25.95
CA LYS D 2 -17.03 5.76 -25.13
C LYS D 2 -15.52 5.55 -25.07
N TYR D 3 -15.06 5.03 -23.95
CA TYR D 3 -13.65 4.97 -23.64
C TYR D 3 -13.36 3.59 -23.08
N ILE D 4 -12.30 2.97 -23.57
CA ILE D 4 -11.85 1.68 -23.05
C ILE D 4 -10.39 1.84 -22.67
N LEU D 5 -10.10 1.66 -21.39
CA LEU D 5 -8.76 1.86 -20.84
C LEU D 5 -8.20 0.49 -20.49
N VAL D 6 -7.27 0.01 -21.27
CA VAL D 6 -6.55 -1.19 -20.86
C VAL D 6 -5.41 -0.72 -19.97
N THR D 7 -4.99 -1.57 -19.06
CA THR D 7 -3.91 -1.23 -18.15
C THR D 7 -3.25 -2.51 -17.69
N GLY D 8 -1.95 -2.44 -17.48
CA GLY D 8 -1.19 -3.63 -17.21
C GLY D 8 -1.30 -4.08 -15.78
N GLY D 9 -0.96 -5.35 -15.58
CA GLY D 9 -1.14 -5.93 -14.27
C GLY D 9 0.14 -6.22 -13.56
N VAL D 10 0.60 -7.45 -13.68
CA VAL D 10 1.67 -7.95 -12.83
C VAL D 10 3.02 -7.53 -13.37
N ILE D 11 3.29 -7.85 -14.64
CA ILE D 11 4.58 -7.62 -15.25
C ILE D 11 4.42 -6.80 -16.51
N SER D 12 5.54 -6.55 -17.17
CA SER D 12 5.59 -5.66 -18.32
C SER D 12 5.20 -6.35 -19.61
N GLY D 13 5.93 -7.38 -20.02
CA GLY D 13 5.75 -7.96 -21.33
C GLY D 13 4.61 -8.95 -21.41
N ILE D 14 3.42 -8.54 -21.00
CA ILE D 14 2.22 -9.35 -21.13
C ILE D 14 1.71 -9.37 -22.55
N GLY D 15 1.49 -8.21 -23.13
CA GLY D 15 0.67 -8.18 -24.33
C GLY D 15 -0.54 -7.28 -24.22
N LYS D 16 -0.36 -6.12 -23.57
CA LYS D 16 -1.34 -5.04 -23.65
C LYS D 16 -1.70 -4.72 -25.10
N GLY D 17 -0.67 -4.49 -25.92
CA GLY D 17 -0.88 -3.99 -27.26
C GLY D 17 -1.58 -4.98 -28.18
N ILE D 18 -1.44 -6.28 -27.93
CA ILE D 18 -2.24 -7.22 -28.69
C ILE D 18 -3.62 -7.37 -28.08
N ILE D 19 -3.78 -7.14 -26.78
CA ILE D 19 -5.12 -7.10 -26.20
C ILE D 19 -5.84 -5.83 -26.61
N ALA D 20 -5.17 -4.68 -26.51
CA ALA D 20 -5.82 -3.41 -26.77
C ALA D 20 -6.19 -3.25 -28.24
N SER D 21 -5.36 -3.75 -29.14
CA SER D 21 -5.71 -3.68 -30.55
C SER D 21 -6.78 -4.71 -30.90
N SER D 22 -6.82 -5.85 -30.22
CA SER D 22 -7.86 -6.82 -30.53
C SER D 22 -9.21 -6.41 -29.97
N ILE D 23 -9.26 -5.52 -28.98
CA ILE D 23 -10.53 -4.90 -28.64
C ILE D 23 -10.92 -3.94 -29.74
N GLY D 24 -9.94 -3.37 -30.43
CA GLY D 24 -10.22 -2.53 -31.58
C GLY D 24 -10.81 -3.30 -32.74
N THR D 25 -10.23 -4.46 -33.06
CA THR D 25 -10.67 -5.24 -34.22
C THR D 25 -12.08 -5.78 -34.06
N ILE D 26 -12.47 -6.10 -32.82
CA ILE D 26 -13.84 -6.51 -32.57
C ILE D 26 -14.78 -5.35 -32.90
N LEU D 27 -14.56 -4.21 -32.27
CA LEU D 27 -15.48 -3.10 -32.43
C LEU D 27 -15.29 -2.35 -33.75
N LYS D 28 -14.17 -2.57 -34.44
CA LYS D 28 -14.11 -2.18 -35.85
C LYS D 28 -15.05 -3.02 -36.68
N SER D 29 -15.05 -4.33 -36.44
CA SER D 29 -15.85 -5.27 -37.19
C SER D 29 -17.24 -5.49 -36.59
N CYS D 30 -17.63 -4.69 -35.61
CA CYS D 30 -19.02 -4.62 -35.20
C CYS D 30 -19.75 -3.44 -35.83
N GLY D 31 -19.06 -2.64 -36.64
CA GLY D 31 -19.66 -1.48 -37.26
C GLY D 31 -19.28 -0.16 -36.63
N LEU D 32 -18.69 -0.18 -35.45
CA LEU D 32 -18.36 1.04 -34.74
C LEU D 32 -17.05 1.61 -35.26
N ARG D 33 -16.87 2.92 -35.07
CA ARG D 33 -15.66 3.61 -35.48
C ARG D 33 -14.75 3.79 -34.28
N VAL D 34 -13.48 3.42 -34.42
CA VAL D 34 -12.57 3.26 -33.31
C VAL D 34 -11.39 4.20 -33.49
N THR D 35 -10.92 4.80 -32.40
CA THR D 35 -9.61 5.45 -32.35
C THR D 35 -8.68 4.69 -31.43
N ALA D 36 -7.49 5.24 -31.25
CA ALA D 36 -6.52 4.60 -30.38
C ALA D 36 -5.58 5.65 -29.85
N ILE D 37 -5.47 5.76 -28.53
CA ILE D 37 -4.57 6.70 -27.88
C ILE D 37 -3.68 5.86 -26.99
N LYS D 38 -2.49 5.54 -27.44
CA LYS D 38 -1.56 4.78 -26.61
C LYS D 38 -0.82 5.74 -25.69
N ILE D 39 -1.02 5.58 -24.39
CA ILE D 39 -0.23 6.30 -23.40
C ILE D 39 1.15 5.67 -23.37
N ASP D 40 2.16 6.47 -23.11
CA ASP D 40 3.51 5.95 -22.93
C ASP D 40 4.15 6.52 -21.68
N PRO D 41 4.73 5.68 -20.82
CA PRO D 41 5.43 6.19 -19.65
C PRO D 41 6.76 6.84 -19.95
N TYR D 42 7.31 6.71 -21.15
CA TYR D 42 8.64 7.24 -21.39
C TYR D 42 8.55 8.72 -21.72
N ILE D 43 9.71 9.36 -21.86
CA ILE D 43 9.80 10.82 -21.84
C ILE D 43 10.01 11.40 -23.24
N ASN D 44 10.28 10.58 -24.25
CA ASN D 44 10.73 11.07 -25.55
C ASN D 44 9.61 11.78 -26.32
N ILE D 45 9.57 13.10 -26.21
CA ILE D 45 8.73 13.91 -27.09
C ILE D 45 9.27 13.81 -28.51
N ASP D 46 8.36 13.60 -29.47
CA ASP D 46 8.66 13.38 -30.89
C ASP D 46 9.66 12.24 -31.04
N ALA D 47 9.16 11.06 -30.66
CA ALA D 47 9.95 10.01 -30.07
C ALA D 47 11.11 9.51 -30.92
N GLY D 48 11.03 9.63 -32.24
CA GLY D 48 12.05 9.03 -33.09
C GLY D 48 13.42 9.69 -33.11
N THR D 49 14.02 9.84 -31.93
CA THR D 49 15.44 10.05 -31.79
C THR D 49 16.14 8.78 -31.31
N PHE D 50 15.44 7.66 -31.29
CA PHE D 50 15.98 6.42 -30.78
C PHE D 50 16.97 5.78 -31.69
N SER D 51 17.46 4.64 -31.28
CA SER D 51 18.36 3.90 -32.10
C SER D 51 17.38 2.86 -32.33
N PRO D 52 17.20 2.37 -33.60
CA PRO D 52 16.20 1.33 -33.69
C PRO D 52 16.66 0.14 -32.93
N TYR D 53 17.95 -0.12 -32.73
CA TYR D 53 18.29 -1.34 -32.04
C TYR D 53 17.71 -1.28 -30.73
N GLU D 54 17.87 -0.18 -30.04
CA GLU D 54 17.28 -0.11 -28.74
C GLU D 54 15.93 0.23 -29.09
N HIS D 55 14.99 0.10 -28.17
CA HIS D 55 13.63 0.37 -28.52
C HIS D 55 13.26 -0.53 -29.62
N GLY D 56 13.25 0.03 -30.79
CA GLY D 56 12.88 -0.67 -32.01
C GLY D 56 11.99 0.11 -32.97
N GLU D 57 12.51 0.30 -34.19
CA GLU D 57 11.73 0.56 -35.39
C GLU D 57 10.88 1.82 -35.31
N VAL D 58 11.50 2.99 -35.46
CA VAL D 58 10.77 4.26 -35.50
C VAL D 58 9.72 4.23 -36.60
N PHE D 59 8.47 4.44 -36.21
CA PHE D 59 7.31 4.37 -37.08
C PHE D 59 6.97 5.75 -37.61
N VAL D 60 6.38 5.82 -38.80
CA VAL D 60 6.13 7.07 -39.51
C VAL D 60 4.65 7.20 -39.80
N LEU D 61 4.08 8.36 -39.50
CA LEU D 61 2.69 8.65 -39.75
C LEU D 61 2.51 9.50 -41.01
N ASN D 62 1.29 9.99 -41.22
CA ASN D 62 1.03 10.79 -42.41
C ASN D 62 1.54 12.21 -42.24
N ASP D 63 1.27 12.81 -41.08
CA ASP D 63 1.63 14.21 -40.87
C ASP D 63 3.12 14.41 -40.64
N GLY D 64 3.85 13.36 -40.34
CA GLY D 64 5.27 13.49 -40.10
C GLY D 64 5.69 13.14 -38.69
N GLY D 65 4.96 12.22 -38.07
CA GLY D 65 5.31 11.82 -36.73
C GLY D 65 6.52 10.92 -36.69
N GLU D 66 7.22 10.96 -35.57
CA GLU D 66 8.33 10.05 -35.28
C GLU D 66 7.88 9.29 -34.04
N VAL D 67 7.07 8.25 -34.25
CA VAL D 67 6.15 7.75 -33.25
C VAL D 67 6.52 6.29 -32.96
N ASP D 68 6.13 5.83 -31.77
CA ASP D 68 6.42 4.51 -31.21
C ASP D 68 6.12 3.37 -32.18
N LEU D 69 6.92 2.31 -32.03
CA LEU D 69 6.67 1.02 -32.66
C LEU D 69 5.25 0.52 -32.44
N ASP D 70 4.79 0.52 -31.20
CA ASP D 70 3.51 -0.10 -30.87
C ASP D 70 2.32 0.72 -31.31
N LEU D 71 2.51 1.91 -31.88
CA LEU D 71 1.40 2.57 -32.55
C LEU D 71 1.20 2.04 -33.96
N GLY D 72 2.19 1.35 -34.51
CA GLY D 72 1.99 0.68 -35.77
C GLY D 72 1.08 -0.51 -35.68
N ASN D 73 0.95 -1.09 -34.49
CA ASN D 73 0.06 -2.22 -34.30
C ASN D 73 -1.40 -1.83 -34.40
N TYR D 74 -1.73 -0.55 -34.19
CA TYR D 74 -3.09 -0.11 -34.39
C TYR D 74 -3.40 0.18 -35.85
N GLU D 75 -2.40 0.59 -36.61
CA GLU D 75 -2.62 0.90 -38.02
C GLU D 75 -2.55 -0.31 -38.92
N ARG D 76 -2.56 -1.52 -38.36
CA ARG D 76 -2.70 -2.73 -39.14
C ARG D 76 -3.92 -3.53 -38.72
N PHE D 77 -4.11 -3.72 -37.43
CA PHE D 77 -5.33 -4.33 -36.93
C PHE D 77 -6.55 -3.46 -37.15
N LEU D 78 -6.37 -2.19 -37.47
CA LEU D 78 -7.43 -1.38 -38.02
C LEU D 78 -6.86 -0.65 -39.23
N ASP D 79 -7.73 -0.12 -40.08
CA ASP D 79 -7.28 0.68 -41.22
C ASP D 79 -7.07 2.14 -40.85
N ILE D 80 -7.04 2.42 -39.54
CA ILE D 80 -6.77 3.72 -38.98
C ILE D 80 -5.46 4.32 -39.51
N ASN D 81 -5.46 5.63 -39.75
CA ASN D 81 -4.24 6.41 -39.91
C ASN D 81 -4.12 7.38 -38.74
N LEU D 82 -3.16 7.12 -37.84
CA LEU D 82 -3.00 7.85 -36.60
C LEU D 82 -2.27 9.17 -36.82
N TYR D 83 -2.39 10.06 -35.83
CA TYR D 83 -1.78 11.38 -35.86
C TYR D 83 -0.71 11.48 -34.78
N LYS D 84 0.17 12.49 -34.91
CA LYS D 84 1.35 12.50 -34.05
C LYS D 84 1.03 12.88 -32.62
N ASP D 85 -0.10 13.54 -32.40
CA ASP D 85 -0.60 13.81 -31.07
C ASP D 85 -1.58 12.74 -30.60
N ASN D 86 -1.81 11.72 -31.43
CA ASN D 86 -2.66 10.60 -31.03
C ASN D 86 -1.83 9.52 -30.34
N ASN D 87 -0.53 9.72 -30.26
CA ASN D 87 0.33 9.14 -29.23
C ASN D 87 0.46 10.16 -28.11
N ILE D 88 0.74 9.67 -26.91
CA ILE D 88 0.97 10.56 -25.79
C ILE D 88 1.98 9.96 -24.81
N THR D 89 3.09 10.67 -24.61
CA THR D 89 4.15 10.21 -23.75
C THR D 89 4.21 11.11 -22.54
N THR D 90 4.93 10.65 -21.51
CA THR D 90 5.09 11.42 -20.27
C THR D 90 5.79 12.75 -20.53
N GLY D 91 6.85 12.73 -21.32
CA GLY D 91 7.49 13.96 -21.69
C GLY D 91 6.80 14.76 -22.75
N LYS D 92 5.59 14.38 -23.14
CA LYS D 92 4.77 15.24 -23.99
C LYS D 92 3.81 16.08 -23.17
N ILE D 93 3.31 15.56 -22.04
CA ILE D 93 2.52 16.40 -21.15
C ILE D 93 3.39 17.41 -20.44
N TYR D 94 4.50 16.96 -19.87
CA TYR D 94 5.38 17.83 -19.10
C TYR D 94 6.00 18.92 -19.97
N GLN D 95 6.21 18.67 -21.25
CA GLN D 95 6.59 19.77 -22.12
C GLN D 95 5.40 20.65 -22.44
N HIS D 96 4.19 20.09 -22.51
CA HIS D 96 3.02 20.89 -22.83
C HIS D 96 2.64 21.81 -21.68
N VAL D 97 3.01 21.47 -20.45
CA VAL D 97 2.58 22.25 -19.30
C VAL D 97 3.66 23.26 -18.93
N ILE D 98 4.93 22.88 -19.12
CA ILE D 98 6.01 23.84 -18.95
C ILE D 98 5.92 24.95 -19.99
N ASN D 99 5.51 24.62 -21.21
CA ASN D 99 5.29 25.67 -22.20
C ASN D 99 4.09 26.55 -21.84
N LYS D 100 3.12 26.03 -21.10
CA LYS D 100 1.99 26.85 -20.71
C LYS D 100 2.24 27.66 -19.44
N GLU D 101 3.15 27.21 -18.58
CA GLU D 101 3.41 27.98 -17.38
C GLU D 101 4.37 29.12 -17.64
N ARG D 102 5.11 29.11 -18.76
CA ARG D 102 6.02 30.19 -19.06
C ARG D 102 5.34 31.27 -19.88
N ARG D 103 4.35 30.89 -20.69
CA ARG D 103 3.49 31.90 -21.30
C ARG D 103 2.65 32.61 -20.25
N GLY D 104 2.35 31.96 -19.15
CA GLY D 104 1.47 32.51 -18.15
C GLY D 104 0.03 32.11 -18.31
N ASP D 105 -0.25 30.98 -18.97
CA ASP D 105 -1.62 30.58 -19.25
C ASP D 105 -2.35 30.00 -18.06
N TYR D 106 -1.70 29.95 -16.90
CA TYR D 106 -2.36 29.54 -15.67
C TYR D 106 -2.57 30.70 -14.70
N LEU D 107 -2.06 31.89 -15.02
CA LEU D 107 -2.15 33.10 -14.21
C LEU D 107 -1.55 32.88 -12.82
N GLY D 108 -0.26 32.56 -12.81
CA GLY D 108 0.42 32.22 -11.58
C GLY D 108 -0.06 30.88 -11.07
N LYS D 109 -0.77 30.90 -9.95
CA LYS D 109 -1.59 29.82 -9.40
C LYS D 109 -0.84 28.55 -9.02
N THR D 110 0.49 28.50 -9.15
CA THR D 110 1.34 27.42 -8.61
C THR D 110 0.94 26.06 -9.18
N VAL D 111 1.30 25.85 -10.45
CA VAL D 111 0.91 24.64 -11.14
C VAL D 111 1.50 23.40 -10.47
N GLN D 112 0.74 22.31 -10.52
CA GLN D 112 0.98 21.13 -9.70
C GLN D 112 0.77 19.89 -10.55
N VAL D 113 1.14 18.73 -10.05
CA VAL D 113 0.89 17.53 -10.84
C VAL D 113 -0.56 17.08 -10.66
N VAL D 114 -1.20 17.44 -9.56
CA VAL D 114 -2.65 17.39 -9.46
C VAL D 114 -3.12 18.80 -9.13
N PRO D 115 -3.98 19.42 -9.96
CA PRO D 115 -4.63 18.87 -11.15
C PRO D 115 -3.97 19.22 -12.47
N HIS D 116 -2.93 20.05 -12.48
CA HIS D 116 -2.51 20.69 -13.73
C HIS D 116 -1.79 19.75 -14.68
N ILE D 117 -1.39 18.56 -14.24
CA ILE D 117 -0.99 17.52 -15.17
C ILE D 117 -2.17 16.64 -15.52
N THR D 118 -2.94 16.23 -14.51
CA THR D 118 -4.07 15.35 -14.75
C THR D 118 -5.19 16.03 -15.53
N ASP D 119 -5.27 17.36 -15.50
CA ASP D 119 -6.16 18.03 -16.44
C ASP D 119 -5.59 17.98 -17.85
N ALA D 120 -4.28 18.12 -17.98
CA ALA D 120 -3.66 18.16 -19.30
C ALA D 120 -3.72 16.81 -19.98
N VAL D 121 -3.76 15.73 -19.22
CA VAL D 121 -4.00 14.42 -19.81
C VAL D 121 -5.47 14.30 -20.22
N GLN D 122 -6.38 14.80 -19.38
CA GLN D 122 -7.80 14.68 -19.69
C GLN D 122 -8.25 15.62 -20.80
N GLU D 123 -7.65 16.81 -20.89
CA GLU D 123 -7.91 17.66 -22.04
C GLU D 123 -7.35 17.04 -23.32
N TRP D 124 -6.27 16.28 -23.19
CA TRP D 124 -5.67 15.64 -24.34
C TRP D 124 -6.58 14.53 -24.87
N VAL D 125 -7.05 13.67 -23.98
CA VAL D 125 -7.81 12.51 -24.39
C VAL D 125 -9.26 12.87 -24.72
N MET D 126 -9.77 14.00 -24.21
CA MET D 126 -11.05 14.49 -24.71
C MET D 126 -10.95 15.07 -26.11
N ASN D 127 -9.77 15.46 -26.56
CA ASN D 127 -9.61 16.07 -27.86
C ASN D 127 -9.22 15.06 -28.94
N GLN D 128 -8.16 14.28 -28.70
CA GLN D 128 -7.72 13.30 -29.69
C GLN D 128 -8.66 12.11 -29.83
N ALA D 129 -9.62 11.94 -28.93
CA ALA D 129 -10.68 11.00 -29.22
C ALA D 129 -11.62 11.55 -30.29
N LYS D 130 -11.81 12.86 -30.32
CA LYS D 130 -12.76 13.45 -31.25
C LYS D 130 -12.27 13.52 -32.68
N VAL D 131 -10.97 13.54 -32.90
CA VAL D 131 -10.44 13.76 -34.26
C VAL D 131 -10.67 12.51 -35.11
N PRO D 132 -11.21 12.65 -36.33
CA PRO D 132 -11.54 11.45 -37.11
C PRO D 132 -10.29 10.75 -37.63
N VAL D 133 -9.96 9.62 -37.01
CA VAL D 133 -8.70 8.97 -37.28
C VAL D 133 -8.81 8.04 -38.49
N ASP D 134 -10.01 7.68 -38.89
CA ASP D 134 -10.26 7.07 -40.18
C ASP D 134 -10.19 8.14 -41.26
N GLY D 135 -10.07 7.71 -42.51
CA GLY D 135 -10.18 8.64 -43.61
C GLY D 135 -11.57 9.22 -43.76
N ASN D 136 -12.59 8.52 -43.27
CA ASN D 136 -13.95 9.02 -43.29
C ASN D 136 -14.10 10.12 -42.25
N LYS D 137 -14.35 11.34 -42.69
CA LYS D 137 -14.46 12.47 -41.77
C LYS D 137 -15.82 12.40 -41.08
N GLU D 138 -15.78 11.94 -39.83
CA GLU D 138 -16.94 11.73 -38.97
C GLU D 138 -16.41 11.50 -37.56
N GLU D 139 -17.09 12.05 -36.56
CA GLU D 139 -16.63 11.90 -35.19
C GLU D 139 -16.73 10.44 -34.76
N PRO D 140 -15.71 9.89 -34.12
CA PRO D 140 -15.69 8.46 -33.81
C PRO D 140 -16.61 8.07 -32.66
N GLN D 141 -16.57 6.82 -32.27
CA GLN D 141 -17.58 6.30 -31.35
C GLN D 141 -17.01 5.65 -30.10
N ILE D 142 -15.85 5.00 -30.18
CA ILE D 142 -15.12 4.56 -29.00
C ILE D 142 -13.68 5.04 -29.11
N CYS D 143 -12.90 4.70 -28.09
CA CYS D 143 -11.51 5.13 -28.02
C CYS D 143 -10.77 4.13 -27.13
N VAL D 144 -10.03 3.22 -27.74
CA VAL D 144 -9.20 2.31 -26.98
C VAL D 144 -7.98 3.09 -26.50
N ILE D 145 -7.69 3.00 -25.20
CA ILE D 145 -6.57 3.71 -24.60
C ILE D 145 -5.62 2.68 -24.01
N GLU D 146 -4.37 2.73 -24.41
CA GLU D 146 -3.38 1.77 -23.94
C GLU D 146 -2.42 2.47 -22.99
N LEU D 147 -2.62 2.27 -21.69
CA LEU D 147 -1.69 2.78 -20.70
C LEU D 147 -0.51 1.84 -20.64
N GLY D 148 0.59 2.24 -21.26
CA GLY D 148 1.78 1.42 -21.26
C GLY D 148 2.44 1.36 -19.90
N GLY D 149 3.27 0.34 -19.72
CA GLY D 149 3.90 0.10 -18.44
C GLY D 149 2.95 -0.55 -17.46
N THR D 150 3.52 -1.09 -16.38
CA THR D 150 2.74 -1.83 -15.41
C THR D 150 1.99 -0.87 -14.51
N ILE D 151 1.47 -1.35 -13.40
CA ILE D 151 0.76 -0.46 -12.50
C ILE D 151 1.36 -0.63 -11.11
N GLY D 152 1.29 0.42 -10.32
CA GLY D 152 2.09 0.52 -9.13
C GLY D 152 3.49 1.05 -9.36
N ASP D 153 3.93 1.14 -10.61
CA ASP D 153 5.15 1.84 -10.95
C ASP D 153 4.91 3.34 -10.90
N ILE D 154 5.99 4.11 -10.90
CA ILE D 154 5.83 5.52 -10.55
C ILE D 154 5.75 6.39 -11.81
N GLU D 155 5.37 5.78 -12.94
CA GLU D 155 4.82 6.55 -14.06
C GLU D 155 3.33 6.34 -14.22
N GLY D 156 2.76 5.33 -13.59
CA GLY D 156 1.33 5.17 -13.62
C GLY D 156 0.71 6.24 -12.76
N MET D 157 1.45 6.65 -11.72
CA MET D 157 0.96 7.62 -10.74
C MET D 157 0.53 8.96 -11.34
N PRO D 158 1.18 9.55 -12.34
CA PRO D 158 0.55 10.70 -13.02
C PRO D 158 -0.64 10.31 -13.89
N PHE D 159 -0.69 9.09 -14.41
CA PHE D 159 -1.72 8.73 -15.38
C PHE D 159 -2.90 8.01 -14.79
N VAL D 160 -2.70 7.12 -13.81
CA VAL D 160 -3.85 6.47 -13.24
C VAL D 160 -4.61 7.41 -12.32
N GLU D 161 -3.96 8.47 -11.85
CA GLU D 161 -4.68 9.56 -11.22
C GLU D 161 -5.45 10.35 -12.26
N ALA D 162 -4.90 10.47 -13.46
CA ALA D 162 -5.57 11.21 -14.52
C ALA D 162 -6.78 10.46 -15.03
N PHE D 163 -6.75 9.13 -15.01
CA PHE D 163 -7.93 8.35 -15.36
C PHE D 163 -8.78 7.99 -14.17
N ARG D 164 -8.31 8.27 -12.94
CA ARG D 164 -9.17 8.15 -11.78
C ARG D 164 -10.27 9.20 -11.82
N GLN D 165 -9.88 10.45 -12.04
CA GLN D 165 -10.84 11.55 -12.16
C GLN D 165 -11.61 11.50 -13.46
N PHE D 166 -11.12 10.76 -14.45
CA PHE D 166 -11.74 10.70 -15.76
C PHE D 166 -12.89 9.70 -15.80
N GLN D 167 -13.06 8.89 -14.76
CA GLN D 167 -14.25 8.07 -14.65
C GLN D 167 -15.50 8.92 -14.49
N PHE D 168 -15.36 10.09 -13.88
CA PHE D 168 -16.49 10.90 -13.50
C PHE D 168 -16.66 12.14 -14.37
N LYS D 169 -15.66 12.48 -15.17
CA LYS D 169 -15.87 13.42 -16.26
C LYS D 169 -16.84 12.84 -17.26
N ALA D 170 -16.53 11.67 -17.79
CA ALA D 170 -17.52 10.88 -18.49
C ALA D 170 -18.50 10.28 -17.49
N LYS D 171 -19.57 9.71 -18.01
CA LYS D 171 -20.53 9.02 -17.16
C LYS D 171 -19.96 7.62 -16.85
N ARG D 172 -20.63 6.90 -15.94
CA ARG D 172 -20.32 5.50 -15.67
C ARG D 172 -20.48 4.65 -16.93
N GLU D 173 -21.45 4.98 -17.77
CA GLU D 173 -21.73 4.23 -18.97
C GLU D 173 -21.01 4.78 -20.19
N ASN D 174 -19.83 5.37 -19.99
CA ASN D 174 -18.98 5.81 -21.09
C ASN D 174 -17.54 5.39 -20.93
N PHE D 175 -17.19 4.71 -19.84
CA PHE D 175 -15.78 4.46 -19.51
C PHE D 175 -15.65 3.05 -18.96
N CYS D 176 -15.25 2.12 -19.81
CA CYS D 176 -14.97 0.76 -19.34
C CYS D 176 -13.53 0.70 -18.84
N ASN D 177 -13.09 -0.51 -18.52
CA ASN D 177 -11.75 -0.69 -17.98
C ASN D 177 -11.32 -2.12 -18.18
N ILE D 178 -10.14 -2.31 -18.79
CA ILE D 178 -9.56 -3.63 -18.98
C ILE D 178 -8.30 -3.67 -18.12
N HIS D 179 -8.06 -4.80 -17.47
CA HIS D 179 -6.86 -4.97 -16.66
C HIS D 179 -6.26 -6.31 -17.05
N VAL D 180 -5.17 -6.28 -17.79
CA VAL D 180 -4.57 -7.49 -18.31
C VAL D 180 -3.55 -7.99 -17.31
N SER D 181 -3.63 -9.25 -16.94
CA SER D 181 -2.90 -9.75 -15.78
C SER D 181 -2.19 -11.06 -16.07
N LEU D 182 -1.13 -11.32 -15.31
CA LEU D 182 -0.31 -12.52 -15.41
C LEU D 182 -0.81 -13.54 -14.42
N VAL D 183 -1.08 -14.76 -14.89
CA VAL D 183 -1.49 -15.85 -14.01
C VAL D 183 -0.49 -16.99 -14.15
N PRO D 184 0.63 -16.94 -13.43
CA PRO D 184 1.71 -17.89 -13.66
C PRO D 184 1.39 -19.27 -13.11
N GLN D 185 2.24 -20.22 -13.47
CA GLN D 185 2.15 -21.57 -12.94
C GLN D 185 3.54 -22.18 -13.00
N LEU D 186 3.75 -23.20 -12.17
CA LEU D 186 5.00 -23.93 -12.19
C LEU D 186 4.80 -25.26 -12.89
N SER D 187 5.92 -25.85 -13.32
CA SER D 187 5.86 -26.92 -14.33
C SER D 187 5.31 -28.21 -13.77
N ALA D 188 6.02 -28.81 -12.81
CA ALA D 188 5.69 -30.16 -12.35
C ALA D 188 4.51 -30.20 -11.40
N THR D 189 3.96 -29.06 -11.02
CA THR D 189 2.87 -28.97 -10.06
C THR D 189 1.51 -28.79 -10.74
N GLY D 190 1.44 -27.97 -11.77
CA GLY D 190 0.20 -27.77 -12.50
C GLY D 190 -0.74 -26.77 -11.90
N GLU D 191 -0.50 -26.32 -10.67
CA GLU D 191 -1.36 -25.35 -10.01
C GLU D 191 -1.24 -24.00 -10.69
N GLN D 192 -2.38 -23.40 -10.99
CA GLN D 192 -2.46 -22.19 -11.80
C GLN D 192 -2.95 -21.11 -10.86
N LYS D 193 -2.03 -20.26 -10.40
CA LYS D 193 -2.10 -19.81 -9.02
C LYS D 193 -3.05 -18.64 -8.80
N THR D 194 -2.74 -17.45 -9.36
CA THR D 194 -3.45 -16.15 -9.28
C THR D 194 -3.37 -15.40 -7.96
N LYS D 195 -2.32 -15.57 -7.18
CA LYS D 195 -2.00 -14.53 -6.19
C LYS D 195 -1.67 -13.16 -6.79
N PRO D 196 -0.82 -13.00 -7.81
CA PRO D 196 -0.44 -11.63 -8.20
C PRO D 196 -1.56 -10.87 -8.89
N THR D 197 -2.55 -11.57 -9.43
CA THR D 197 -3.73 -10.90 -9.96
C THR D 197 -4.53 -10.27 -8.83
N GLN D 198 -4.55 -10.91 -7.66
CA GLN D 198 -5.23 -10.33 -6.51
C GLN D 198 -4.51 -9.08 -6.02
N ASN D 199 -3.19 -9.15 -5.88
CA ASN D 199 -2.45 -8.04 -5.32
C ASN D 199 -2.23 -6.92 -6.32
N SER D 200 -2.48 -7.16 -7.60
CA SER D 200 -2.43 -6.07 -8.56
C SER D 200 -3.73 -5.29 -8.58
N VAL D 201 -4.86 -5.97 -8.43
CA VAL D 201 -6.15 -5.29 -8.40
C VAL D 201 -6.33 -4.51 -7.11
N ARG D 202 -5.83 -5.05 -6.00
CA ARG D 202 -5.78 -4.29 -4.75
C ARG D 202 -4.89 -3.06 -4.90
N ALA D 203 -3.79 -3.16 -5.65
CA ALA D 203 -3.03 -1.98 -5.97
C ALA D 203 -3.79 -1.07 -6.93
N LEU D 204 -4.62 -1.65 -7.80
CA LEU D 204 -5.36 -0.84 -8.75
C LEU D 204 -6.52 -0.11 -8.07
N ARG D 205 -7.23 -0.77 -7.15
CA ARG D 205 -8.32 -0.10 -6.46
C ARG D 205 -7.81 1.03 -5.57
N GLY D 206 -6.62 0.86 -5.00
CA GLY D 206 -6.00 1.93 -4.24
C GLY D 206 -5.56 3.10 -5.10
N LEU D 207 -5.42 2.89 -6.39
CA LEU D 207 -5.14 3.97 -7.33
C LEU D 207 -6.41 4.59 -7.89
N GLY D 208 -7.55 3.94 -7.74
CA GLY D 208 -8.82 4.55 -8.04
C GLY D 208 -9.57 4.01 -9.23
N LEU D 209 -9.18 2.86 -9.76
CA LEU D 209 -9.91 2.23 -10.84
C LEU D 209 -10.30 0.83 -10.43
N SER D 210 -11.46 0.37 -10.90
CA SER D 210 -11.81 -1.02 -10.69
C SER D 210 -11.94 -1.71 -12.03
N PRO D 211 -11.43 -2.94 -12.16
CA PRO D 211 -11.44 -3.61 -13.46
C PRO D 211 -12.85 -4.05 -13.82
N ASP D 212 -13.26 -3.72 -15.05
CA ASP D 212 -14.51 -4.29 -15.56
C ASP D 212 -14.27 -5.60 -16.28
N LEU D 213 -13.16 -5.73 -17.00
CA LEU D 213 -12.65 -7.02 -17.44
C LEU D 213 -11.29 -7.24 -16.83
N ILE D 214 -10.94 -8.50 -16.64
CA ILE D 214 -9.67 -8.90 -16.08
C ILE D 214 -9.13 -9.99 -17.00
N VAL D 215 -8.23 -9.62 -17.90
CA VAL D 215 -7.80 -10.50 -18.98
C VAL D 215 -6.56 -11.23 -18.50
N CYS D 216 -6.75 -12.46 -18.02
CA CYS D 216 -5.66 -13.22 -17.45
C CYS D 216 -4.88 -13.94 -18.54
N ARG D 217 -3.56 -13.76 -18.55
CA ARG D 217 -2.72 -14.34 -19.59
C ARG D 217 -1.81 -15.40 -19.01
N SER D 218 -1.89 -16.61 -19.55
CA SER D 218 -1.19 -17.76 -19.01
C SER D 218 -0.55 -18.52 -20.16
N SER D 219 -0.10 -19.73 -19.86
CA SER D 219 0.44 -20.64 -20.85
C SER D 219 -0.65 -21.58 -21.38
N THR D 220 -1.32 -22.26 -20.49
CA THR D 220 -2.49 -23.07 -20.78
C THR D 220 -3.74 -22.26 -20.47
N PRO D 221 -4.88 -22.58 -21.08
CA PRO D 221 -6.13 -21.90 -20.71
C PRO D 221 -6.51 -22.17 -19.26
N ILE D 222 -6.90 -21.12 -18.55
CA ILE D 222 -7.04 -21.19 -17.11
C ILE D 222 -8.30 -21.97 -16.75
N GLU D 223 -8.23 -22.68 -15.63
CA GLU D 223 -9.28 -23.61 -15.23
C GLU D 223 -10.51 -22.83 -14.76
N MET D 224 -11.67 -23.48 -14.83
CA MET D 224 -12.93 -22.83 -14.48
C MET D 224 -13.10 -22.61 -12.98
N ALA D 225 -12.25 -23.19 -12.15
CA ALA D 225 -12.21 -22.86 -10.74
C ALA D 225 -11.23 -21.75 -10.45
N VAL D 226 -10.31 -21.48 -11.37
CA VAL D 226 -9.38 -20.38 -11.23
C VAL D 226 -10.09 -19.05 -11.47
N LYS D 227 -10.88 -18.96 -12.54
CA LYS D 227 -11.65 -17.75 -12.77
C LYS D 227 -12.79 -17.60 -11.77
N GLU D 228 -13.18 -18.67 -11.09
CA GLU D 228 -14.08 -18.53 -9.95
C GLU D 228 -13.37 -17.91 -8.76
N LYS D 229 -12.05 -18.10 -8.66
CA LYS D 229 -11.31 -17.51 -7.55
C LYS D 229 -11.09 -16.02 -7.75
N ILE D 230 -10.82 -15.61 -9.00
CA ILE D 230 -10.59 -14.19 -9.27
C ILE D 230 -11.88 -13.40 -9.15
N SER D 231 -13.02 -14.06 -9.30
CA SER D 231 -14.30 -13.38 -9.18
C SER D 231 -14.58 -12.91 -7.77
N MET D 232 -14.02 -13.58 -6.77
CA MET D 232 -14.28 -13.22 -5.39
C MET D 232 -13.31 -12.15 -4.89
N PHE D 233 -12.10 -12.10 -5.44
CA PHE D 233 -11.08 -11.18 -4.97
C PHE D 233 -10.90 -9.95 -5.86
N CYS D 234 -11.63 -9.86 -6.97
CA CYS D 234 -11.44 -8.74 -7.88
C CYS D 234 -12.75 -8.12 -8.34
N HIS D 235 -13.88 -8.50 -7.72
CA HIS D 235 -15.15 -7.78 -7.79
C HIS D 235 -15.74 -7.76 -9.20
N VAL D 236 -15.84 -8.94 -9.81
CA VAL D 236 -16.44 -9.07 -11.13
C VAL D 236 -16.98 -10.48 -11.26
N ASN D 237 -18.01 -10.65 -12.08
CA ASN D 237 -18.61 -11.96 -12.27
C ASN D 237 -17.66 -12.87 -13.04
N PRO D 238 -17.77 -14.20 -12.87
CA PRO D 238 -16.79 -15.11 -13.49
C PRO D 238 -16.86 -15.17 -15.01
N GLU D 239 -17.92 -14.64 -15.64
CA GLU D 239 -17.96 -14.57 -17.09
C GLU D 239 -17.04 -13.51 -17.67
N GLN D 240 -16.40 -12.71 -16.82
CA GLN D 240 -15.60 -11.57 -17.25
C GLN D 240 -14.11 -11.76 -16.96
N VAL D 241 -13.69 -12.96 -16.62
CA VAL D 241 -12.28 -13.27 -16.48
C VAL D 241 -11.88 -13.97 -17.76
N ILE D 242 -11.43 -13.20 -18.74
CA ILE D 242 -11.10 -13.72 -20.05
C ILE D 242 -9.69 -14.28 -20.01
N CYS D 243 -9.52 -15.48 -20.55
CA CYS D 243 -8.19 -16.05 -20.68
C CYS D 243 -7.59 -15.77 -22.04
N ILE D 244 -6.27 -15.73 -22.09
CA ILE D 244 -5.53 -15.75 -23.35
C ILE D 244 -4.25 -16.55 -23.15
N HIS D 245 -4.19 -17.73 -23.75
CA HIS D 245 -3.10 -18.66 -23.51
C HIS D 245 -2.00 -18.42 -24.55
N ASP D 246 -1.07 -19.36 -24.66
CA ASP D 246 0.03 -19.24 -25.62
C ASP D 246 -0.48 -19.36 -27.03
N VAL D 247 -0.85 -18.23 -27.62
CA VAL D 247 -1.40 -18.23 -28.96
C VAL D 247 -0.30 -18.53 -29.98
N SER D 248 -0.69 -19.24 -31.04
CA SER D 248 0.25 -19.57 -32.09
C SER D 248 0.45 -18.44 -33.08
N SER D 249 -0.34 -17.38 -32.97
CA SER D 249 -0.28 -16.26 -33.90
C SER D 249 -0.94 -15.06 -33.24
N THR D 250 -0.65 -13.89 -33.78
CA THR D 250 -1.35 -12.70 -33.31
C THR D 250 -2.73 -12.58 -33.92
N TYR D 251 -2.98 -13.24 -35.05
CA TYR D 251 -4.28 -13.14 -35.69
C TYR D 251 -5.35 -13.93 -34.96
N ARG D 252 -4.95 -14.89 -34.13
CA ARG D 252 -5.92 -15.66 -33.35
C ARG D 252 -6.40 -14.88 -32.14
N VAL D 253 -5.62 -13.89 -31.68
CA VAL D 253 -6.00 -13.11 -30.51
C VAL D 253 -7.34 -12.37 -30.68
N PRO D 254 -7.68 -11.77 -31.84
CA PRO D 254 -9.05 -11.24 -31.96
C PRO D 254 -10.14 -12.29 -31.98
N VAL D 255 -9.92 -13.44 -32.64
CA VAL D 255 -10.98 -14.43 -32.66
C VAL D 255 -11.02 -15.25 -31.38
N LEU D 256 -9.95 -15.20 -30.57
CA LEU D 256 -9.99 -15.87 -29.28
C LEU D 256 -10.80 -15.07 -28.27
N LEU D 257 -10.72 -13.74 -28.32
CA LEU D 257 -11.48 -12.92 -27.39
C LEU D 257 -12.98 -12.97 -27.69
N GLU D 258 -13.34 -13.17 -28.96
CA GLU D 258 -14.75 -13.22 -29.32
C GLU D 258 -15.43 -14.46 -28.77
N GLU D 259 -14.72 -15.60 -28.79
CA GLU D 259 -15.26 -16.82 -28.22
C GLU D 259 -15.33 -16.76 -26.69
N GLN D 260 -14.61 -15.83 -26.07
CA GLN D 260 -14.76 -15.53 -24.66
C GLN D 260 -15.93 -14.58 -24.40
N SER D 261 -16.70 -14.23 -25.44
CA SER D 261 -17.95 -13.47 -25.35
C SER D 261 -17.73 -12.06 -24.81
N ILE D 262 -16.69 -11.37 -25.28
CA ILE D 262 -16.51 -9.99 -24.87
C ILE D 262 -17.48 -9.06 -25.59
N VAL D 263 -17.98 -9.46 -26.76
CA VAL D 263 -18.87 -8.61 -27.53
C VAL D 263 -20.19 -8.43 -26.80
N LYS D 264 -20.63 -9.49 -26.13
CA LYS D 264 -21.84 -9.42 -25.32
C LYS D 264 -21.59 -8.57 -24.06
N TYR D 265 -20.35 -8.48 -23.60
CA TYR D 265 -20.10 -7.70 -22.39
C TYR D 265 -20.09 -6.21 -22.69
N PHE D 266 -19.39 -5.79 -23.74
CA PHE D 266 -19.37 -4.38 -24.08
C PHE D 266 -20.69 -3.88 -24.64
N LYS D 267 -21.63 -4.77 -24.97
CA LYS D 267 -22.95 -4.32 -25.36
C LYS D 267 -23.72 -3.76 -24.17
N GLU D 268 -23.57 -4.37 -23.00
CA GLU D 268 -24.29 -3.89 -21.83
C GLU D 268 -23.45 -2.92 -20.99
N ARG D 269 -22.12 -3.06 -21.01
CA ARG D 269 -21.28 -2.18 -20.21
C ARG D 269 -21.23 -0.78 -20.79
N LEU D 270 -21.04 -0.66 -22.10
CA LEU D 270 -20.89 0.64 -22.71
C LEU D 270 -22.12 1.09 -23.50
N HIS D 271 -23.15 0.24 -23.62
CA HIS D 271 -24.40 0.53 -24.35
C HIS D 271 -24.14 0.90 -25.80
N LEU D 272 -23.22 0.20 -26.43
CA LEU D 272 -22.82 0.47 -27.81
C LEU D 272 -23.86 -0.05 -28.79
N PRO D 273 -24.00 0.59 -29.95
CA PRO D 273 -24.94 0.08 -30.97
C PRO D 273 -24.35 -1.01 -31.84
N ILE D 274 -24.12 -2.20 -31.27
CA ILE D 274 -23.58 -3.30 -32.07
C ILE D 274 -24.69 -3.94 -32.89
N GLY D 275 -25.70 -4.47 -32.21
CA GLY D 275 -26.62 -5.41 -32.81
C GLY D 275 -26.30 -6.84 -32.37
N ASP D 276 -27.18 -7.75 -32.75
CA ASP D 276 -27.05 -9.16 -32.38
C ASP D 276 -27.23 -10.01 -33.62
N SER D 277 -26.11 -10.56 -34.11
CA SER D 277 -26.00 -11.32 -35.34
C SER D 277 -24.75 -12.18 -35.20
N ALA D 278 -24.21 -12.63 -36.33
CA ALA D 278 -22.81 -13.07 -36.33
C ALA D 278 -21.97 -11.90 -35.85
N SER D 279 -21.35 -12.05 -34.67
CA SER D 279 -21.02 -10.91 -33.81
C SER D 279 -19.94 -10.01 -34.38
N ASN D 280 -19.15 -10.49 -35.34
CA ASN D 280 -18.23 -9.62 -36.06
C ASN D 280 -18.20 -10.05 -37.52
N LEU D 281 -17.20 -9.55 -38.24
CA LEU D 281 -16.74 -10.21 -39.44
C LEU D 281 -15.71 -11.25 -39.01
N LEU D 282 -16.23 -12.40 -38.59
CA LEU D 282 -15.39 -13.56 -38.34
C LEU D 282 -14.74 -14.07 -39.62
N PHE D 283 -15.36 -13.80 -40.77
CA PHE D 283 -14.98 -14.16 -42.12
C PHE D 283 -13.75 -13.44 -42.60
N LYS D 284 -13.08 -12.65 -41.78
CA LYS D 284 -11.79 -12.06 -42.15
C LYS D 284 -10.67 -12.55 -41.25
N TRP D 285 -10.83 -12.44 -39.93
CA TRP D 285 -9.71 -12.75 -39.06
C TRP D 285 -9.52 -14.25 -38.88
N ARG D 286 -10.61 -14.99 -38.65
CA ARG D 286 -10.48 -16.44 -38.58
C ARG D 286 -10.16 -17.01 -39.94
N ASN D 287 -10.65 -16.38 -41.01
CA ASN D 287 -10.44 -16.87 -42.35
C ASN D 287 -9.00 -16.67 -42.82
N MET D 288 -8.21 -15.87 -42.11
CA MET D 288 -6.77 -15.85 -42.36
C MET D 288 -5.97 -16.53 -41.26
N ALA D 289 -6.49 -16.64 -40.04
CA ALA D 289 -5.78 -17.37 -39.02
C ALA D 289 -5.81 -18.86 -39.30
N ASP D 290 -6.81 -19.33 -40.04
CA ASP D 290 -6.76 -20.68 -40.58
C ASP D 290 -5.73 -20.77 -41.69
N ARG D 291 -5.51 -19.69 -42.44
CA ARG D 291 -4.51 -19.73 -43.49
C ARG D 291 -3.10 -19.58 -42.93
N TYR D 292 -2.95 -18.93 -41.78
CA TYR D 292 -1.62 -18.72 -41.23
C TYR D 292 -1.02 -20.00 -40.68
N GLU D 293 -1.83 -20.85 -40.07
CA GLU D 293 -1.32 -22.13 -39.61
C GLU D 293 -1.23 -23.15 -40.73
N ARG D 294 -2.04 -23.00 -41.77
CA ARG D 294 -1.93 -23.85 -42.96
C ARG D 294 -0.93 -23.20 -43.91
N LEU D 295 0.34 -23.31 -43.54
CA LEU D 295 1.45 -22.84 -44.37
C LEU D 295 2.55 -23.88 -44.31
N GLN D 296 2.84 -24.51 -45.44
CA GLN D 296 3.92 -25.46 -45.53
C GLN D 296 4.95 -25.14 -46.60
N LYS D 297 4.68 -24.15 -47.45
CA LYS D 297 5.61 -23.73 -48.47
C LYS D 297 6.47 -22.57 -47.96
N ILE D 298 7.59 -22.34 -48.63
CA ILE D 298 8.66 -21.48 -48.13
C ILE D 298 9.06 -20.49 -49.21
N CYS D 299 9.14 -19.20 -48.85
CA CYS D 299 9.66 -18.13 -49.68
C CYS D 299 10.80 -17.42 -48.99
N SER D 300 11.82 -18.17 -48.58
CA SER D 300 12.84 -17.70 -47.65
C SER D 300 13.68 -16.61 -48.30
N ILE D 301 13.28 -15.36 -48.09
CA ILE D 301 13.95 -14.19 -48.61
C ILE D 301 14.87 -13.63 -47.53
N ALA D 302 15.91 -12.93 -47.97
CA ALA D 302 16.90 -12.38 -47.07
C ALA D 302 16.61 -10.91 -46.81
N LEU D 303 17.19 -10.40 -45.73
CA LEU D 303 17.01 -9.02 -45.32
C LEU D 303 18.34 -8.60 -44.68
N VAL D 304 19.20 -7.98 -45.47
CA VAL D 304 20.46 -7.48 -44.94
C VAL D 304 20.20 -6.15 -44.24
N GLY D 305 20.78 -6.00 -43.05
CA GLY D 305 20.49 -4.85 -42.23
C GLY D 305 21.69 -4.44 -41.40
N LYS D 306 21.57 -3.27 -40.78
CA LYS D 306 22.70 -2.71 -40.05
C LYS D 306 22.89 -3.33 -38.68
N TYR D 307 21.97 -4.15 -38.21
CA TYR D 307 21.88 -4.48 -36.80
C TYR D 307 22.24 -5.94 -36.59
N THR D 308 22.61 -6.26 -35.35
CA THR D 308 23.16 -7.60 -35.07
C THR D 308 22.08 -8.65 -35.05
N LYS D 309 20.89 -8.34 -34.52
CA LYS D 309 19.80 -9.30 -34.42
C LYS D 309 18.49 -8.60 -34.74
N LEU D 310 17.42 -9.38 -34.78
CA LEU D 310 16.07 -8.81 -34.85
C LEU D 310 15.46 -8.66 -33.46
N ARG D 311 16.21 -8.06 -32.53
CA ARG D 311 15.57 -7.38 -31.42
C ARG D 311 14.85 -6.19 -32.03
N ASP D 312 13.53 -6.23 -32.04
CA ASP D 312 12.75 -6.23 -33.27
C ASP D 312 13.34 -5.43 -34.43
N CYS D 313 13.45 -4.10 -34.29
CA CYS D 313 14.21 -3.15 -35.12
C CYS D 313 13.84 -3.10 -36.59
N TYR D 314 13.06 -4.05 -37.07
CA TYR D 314 12.46 -4.08 -38.39
C TYR D 314 11.09 -4.70 -38.31
N ALA D 315 10.42 -4.47 -37.23
CA ALA D 315 9.20 -5.11 -37.05
C ALA D 315 8.36 -4.74 -38.16
N SER D 316 8.43 -3.50 -38.57
CA SER D 316 7.54 -3.11 -39.62
C SER D 316 7.78 -3.83 -40.86
N VAL D 317 9.02 -3.96 -41.25
CA VAL D 317 9.30 -4.63 -42.47
C VAL D 317 8.86 -6.04 -42.37
N PHE D 318 9.10 -6.67 -41.26
CA PHE D 318 8.80 -8.06 -41.11
C PHE D 318 7.37 -8.21 -41.32
N LYS D 319 6.63 -7.33 -40.71
CA LYS D 319 5.22 -7.44 -40.81
C LYS D 319 4.70 -7.25 -42.19
N ALA D 320 5.22 -6.30 -42.95
CA ALA D 320 4.71 -6.14 -44.29
C ALA D 320 4.99 -7.38 -45.01
N LEU D 321 6.20 -7.90 -44.87
CA LEU D 321 6.53 -9.06 -45.62
C LEU D 321 5.59 -10.17 -45.37
N GLU D 322 5.21 -10.51 -44.14
CA GLU D 322 4.27 -11.63 -43.99
C GLU D 322 2.97 -11.35 -44.64
N HIS D 323 2.55 -10.15 -44.53
CA HIS D 323 1.28 -9.75 -45.10
C HIS D 323 1.20 -10.16 -46.56
N SER D 324 2.31 -10.06 -47.28
CA SER D 324 2.36 -10.61 -48.62
C SER D 324 2.31 -12.13 -48.59
N ALA D 325 3.13 -12.74 -47.72
CA ALA D 325 3.25 -14.19 -47.64
C ALA D 325 1.96 -14.87 -47.19
N LEU D 326 1.07 -14.15 -46.52
CA LEU D 326 -0.24 -14.70 -46.23
C LEU D 326 -1.09 -14.77 -47.49
N ALA D 327 -0.88 -13.85 -48.43
CA ALA D 327 -1.66 -13.83 -49.66
C ALA D 327 -1.07 -14.70 -50.76
N ILE D 328 0.10 -15.32 -50.53
CA ILE D 328 0.71 -16.20 -51.50
C ILE D 328 0.72 -17.65 -51.02
N ASN D 329 0.24 -17.89 -49.78
CA ASN D 329 0.28 -19.19 -49.10
C ASN D 329 1.71 -19.72 -49.00
N HIS D 330 2.55 -18.97 -48.28
CA HIS D 330 3.93 -19.37 -48.05
C HIS D 330 4.35 -18.97 -46.64
N LYS D 331 4.83 -19.93 -45.88
CA LYS D 331 5.47 -19.62 -44.60
C LYS D 331 6.78 -18.92 -44.87
N LEU D 332 6.87 -17.64 -44.50
CA LEU D 332 8.06 -16.85 -44.79
C LEU D 332 9.16 -17.14 -43.78
N ASN D 333 10.29 -17.62 -44.27
CA ASN D 333 11.48 -17.85 -43.46
C ASN D 333 12.37 -16.63 -43.64
N LEU D 334 12.26 -15.67 -42.72
CA LEU D 334 13.08 -14.47 -42.84
C LEU D 334 14.48 -14.77 -42.36
N MET D 335 15.42 -14.85 -43.28
CA MET D 335 16.83 -14.97 -42.93
C MET D 335 17.38 -13.58 -42.75
N TYR D 336 17.74 -13.26 -41.51
CA TYR D 336 18.25 -11.92 -41.18
C TYR D 336 19.77 -11.95 -41.25
N ILE D 337 20.32 -11.23 -42.21
CA ILE D 337 21.76 -11.17 -42.41
C ILE D 337 22.25 -9.82 -41.90
N ASP D 338 23.32 -9.83 -41.12
CA ASP D 338 23.94 -8.58 -40.69
C ASP D 338 24.85 -8.08 -41.81
N SER D 339 24.81 -6.77 -42.06
CA SER D 339 25.57 -6.21 -43.17
C SER D 339 27.05 -6.17 -42.86
N ILE D 340 27.42 -6.07 -41.59
CA ILE D 340 28.82 -6.06 -41.20
C ILE D 340 29.45 -7.41 -41.50
N ASP D 341 28.68 -8.49 -41.38
CA ASP D 341 29.23 -9.83 -41.57
C ASP D 341 29.52 -10.16 -43.03
N LEU D 342 29.03 -9.38 -43.99
CA LEU D 342 29.33 -9.64 -45.38
C LEU D 342 30.48 -8.81 -45.92
N GLU D 343 31.10 -8.00 -45.07
CA GLU D 343 32.11 -7.05 -45.53
C GLU D 343 33.43 -7.76 -45.78
N LYS D 344 34.37 -7.02 -46.37
CA LYS D 344 35.74 -7.51 -46.52
C LYS D 344 36.46 -7.56 -45.19
N ILE D 345 35.99 -6.79 -44.20
CA ILE D 345 36.58 -6.79 -42.87
C ILE D 345 36.40 -8.15 -42.20
N THR D 346 35.22 -8.75 -42.36
CA THR D 346 34.86 -9.91 -41.55
C THR D 346 35.62 -11.16 -41.99
N GLU D 347 35.81 -11.34 -43.30
CA GLU D 347 36.46 -12.55 -43.82
C GLU D 347 37.93 -12.60 -43.41
N THR D 348 38.57 -11.45 -43.22
CA THR D 348 39.93 -11.42 -42.71
C THR D 348 39.98 -11.86 -41.25
N GLU D 349 39.17 -11.24 -40.40
CA GLU D 349 39.32 -11.43 -38.96
C GLU D 349 38.47 -12.56 -38.39
N ASP D 350 37.36 -12.92 -39.03
CA ASP D 350 36.43 -13.89 -38.45
C ASP D 350 35.63 -14.55 -39.56
N PRO D 351 36.09 -15.69 -40.07
CA PRO D 351 35.43 -16.31 -41.23
C PRO D 351 34.11 -16.98 -40.91
N VAL D 352 33.86 -17.34 -39.66
CA VAL D 352 32.63 -18.06 -39.31
C VAL D 352 31.45 -17.11 -39.36
N LYS D 353 31.59 -15.92 -38.80
CA LYS D 353 30.57 -14.89 -38.96
C LYS D 353 30.42 -14.46 -40.42
N PHE D 354 31.49 -14.55 -41.20
CA PHE D 354 31.41 -14.18 -42.61
C PHE D 354 30.60 -15.18 -43.42
N HIS D 355 31.05 -16.44 -43.43
CA HIS D 355 30.52 -17.40 -44.38
C HIS D 355 29.10 -17.83 -44.02
N GLU D 356 28.78 -17.89 -42.72
CA GLU D 356 27.44 -18.28 -42.29
C GLU D 356 26.40 -17.25 -42.70
N ALA D 357 26.78 -15.97 -42.72
CA ALA D 357 25.87 -14.95 -43.23
C ALA D 357 25.80 -14.97 -44.74
N TRP D 358 26.89 -15.27 -45.44
CA TRP D 358 26.84 -15.31 -46.89
C TRP D 358 26.07 -16.52 -47.33
N GLN D 359 26.29 -17.61 -46.64
CA GLN D 359 25.59 -18.82 -47.05
C GLN D 359 24.09 -18.60 -47.07
N LYS D 360 23.58 -17.79 -46.14
CA LYS D 360 22.17 -17.43 -46.13
C LYS D 360 21.81 -16.61 -47.36
N LEU D 361 22.74 -15.79 -47.83
CA LEU D 361 22.45 -14.94 -48.99
C LEU D 361 22.43 -15.75 -50.27
N CYS D 362 23.19 -16.84 -50.31
CA CYS D 362 23.21 -17.67 -51.50
C CYS D 362 21.96 -18.52 -51.64
N LYS D 363 21.46 -19.08 -50.55
CA LYS D 363 20.27 -19.91 -50.60
C LYS D 363 19.01 -19.07 -50.80
N ALA D 364 19.07 -17.79 -50.45
CA ALA D 364 17.89 -16.91 -50.48
C ALA D 364 17.46 -16.64 -51.91
N ASP D 365 16.15 -16.48 -52.07
CA ASP D 365 15.57 -16.12 -53.35
C ASP D 365 14.85 -14.78 -53.25
N GLY D 366 15.36 -13.89 -52.40
CA GLY D 366 14.97 -12.49 -52.38
C GLY D 366 15.83 -11.68 -51.42
N ILE D 367 16.38 -10.56 -51.89
CA ILE D 367 17.12 -9.64 -51.05
C ILE D 367 16.27 -8.41 -50.82
N LEU D 368 16.07 -8.04 -49.56
CA LEU D 368 15.42 -6.79 -49.19
C LEU D 368 16.41 -5.93 -48.44
N VAL D 369 16.61 -4.70 -48.91
CA VAL D 369 17.47 -3.74 -48.22
C VAL D 369 16.58 -2.65 -47.64
N PRO D 370 16.33 -2.64 -46.36
CA PRO D 370 15.47 -1.60 -45.78
C PRO D 370 16.22 -0.31 -45.49
N GLY D 371 15.55 0.62 -44.84
CA GLY D 371 16.12 1.92 -44.58
C GLY D 371 17.18 1.89 -43.49
N GLY D 372 17.86 3.03 -43.35
CA GLY D 372 18.92 3.13 -42.39
C GLY D 372 19.74 4.39 -42.58
N PHE D 373 20.34 4.88 -41.51
CA PHE D 373 21.12 6.10 -41.51
C PHE D 373 22.54 5.80 -41.08
N GLY D 374 23.49 6.18 -41.92
CA GLY D 374 24.89 6.21 -41.51
C GLY D 374 25.79 5.39 -42.42
N ILE D 375 27.10 5.60 -42.21
CA ILE D 375 28.13 4.86 -42.91
C ILE D 375 28.26 3.43 -42.39
N ARG D 376 27.76 3.16 -41.19
CA ARG D 376 27.94 1.85 -40.57
C ARG D 376 27.11 0.79 -41.28
N GLY D 377 27.74 -0.32 -41.62
CA GLY D 377 27.05 -1.39 -42.33
C GLY D 377 26.66 -1.08 -43.74
N THR D 378 27.32 -0.10 -44.36
CA THR D 378 26.95 0.29 -45.71
C THR D 378 27.68 -0.54 -46.76
N LEU D 379 28.98 -0.76 -46.57
CA LEU D 379 29.80 -1.41 -47.57
C LEU D 379 29.46 -2.89 -47.70
N GLY D 380 28.85 -3.49 -46.68
CA GLY D 380 28.38 -4.86 -46.81
C GLY D 380 27.18 -4.97 -47.72
N LYS D 381 26.21 -4.06 -47.57
CA LYS D 381 25.02 -4.11 -48.41
C LYS D 381 25.32 -3.77 -49.86
N LEU D 382 26.42 -3.07 -50.13
CA LEU D 382 26.81 -2.83 -51.51
C LEU D 382 27.28 -4.12 -52.19
N GLN D 383 27.79 -5.07 -51.41
CA GLN D 383 28.09 -6.38 -51.98
C GLN D 383 26.82 -7.16 -52.27
N ALA D 384 25.79 -6.96 -51.44
CA ALA D 384 24.56 -7.73 -51.61
C ALA D 384 23.72 -7.25 -52.79
N ILE D 385 23.76 -5.95 -53.08
CA ILE D 385 23.04 -5.43 -54.23
C ILE D 385 23.72 -5.88 -55.52
N SER D 386 25.05 -5.95 -55.49
CA SER D 386 25.77 -6.55 -56.61
C SER D 386 25.48 -8.04 -56.74
N TRP D 387 25.12 -8.69 -55.63
CA TRP D 387 24.70 -10.06 -55.69
C TRP D 387 23.29 -10.21 -56.27
N ALA D 388 22.52 -9.13 -56.33
CA ALA D 388 21.18 -9.21 -56.90
C ALA D 388 21.26 -8.92 -58.39
N ARG D 389 22.22 -8.11 -58.80
CA ARG D 389 22.34 -7.71 -60.19
C ARG D 389 23.09 -8.74 -61.02
N THR D 390 24.08 -9.42 -60.43
CA THR D 390 24.93 -10.34 -61.18
C THR D 390 24.53 -11.80 -61.03
N LYS D 391 23.46 -12.09 -60.30
CA LYS D 391 23.04 -13.46 -60.10
C LYS D 391 21.52 -13.60 -60.19
N LYS D 392 20.81 -12.49 -60.46
CA LYS D 392 19.40 -12.46 -60.85
C LYS D 392 18.48 -13.01 -59.76
N ILE D 393 18.50 -12.35 -58.60
CA ILE D 393 17.60 -12.67 -57.51
C ILE D 393 16.68 -11.47 -57.37
N PRO D 394 15.38 -11.66 -57.08
CA PRO D 394 14.50 -10.50 -56.86
C PRO D 394 14.94 -9.62 -55.70
N PHE D 395 14.89 -8.32 -55.93
CA PHE D 395 15.46 -7.33 -55.05
C PHE D 395 14.45 -6.22 -54.78
N LEU D 396 14.50 -5.67 -53.57
CA LEU D 396 13.76 -4.46 -53.25
C LEU D 396 14.59 -3.60 -52.32
N GLY D 397 14.77 -2.34 -52.69
CA GLY D 397 15.49 -1.37 -51.88
C GLY D 397 14.51 -0.34 -51.31
N VAL D 398 14.68 -0.03 -50.05
CA VAL D 398 13.77 0.85 -49.32
C VAL D 398 14.62 1.95 -48.69
N CYS D 399 14.62 3.14 -49.31
CA CYS D 399 15.01 4.43 -48.73
C CYS D 399 16.50 4.59 -48.46
N LEU D 400 17.25 3.50 -48.48
CA LEU D 400 18.70 3.54 -48.52
C LEU D 400 19.11 2.56 -49.60
N GLY D 401 18.30 1.51 -49.76
CA GLY D 401 18.52 0.55 -50.81
C GLY D 401 18.29 1.13 -52.18
N MET D 402 17.33 2.04 -52.31
CA MET D 402 17.19 2.77 -53.56
C MET D 402 18.40 3.67 -53.80
N GLN D 403 18.96 4.23 -52.73
CA GLN D 403 20.13 5.07 -52.88
C GLN D 403 21.36 4.23 -53.20
N LEU D 404 21.54 3.11 -52.51
CA LEU D 404 22.75 2.33 -52.69
C LEU D 404 22.74 1.54 -53.99
N ALA D 405 21.55 1.20 -54.52
CA ALA D 405 21.52 0.49 -55.80
C ALA D 405 21.92 1.41 -56.94
N VAL D 406 21.48 2.66 -56.90
CA VAL D 406 21.84 3.62 -57.93
C VAL D 406 23.33 3.96 -57.83
N ILE D 407 23.90 3.91 -56.63
CA ILE D 407 25.33 4.09 -56.47
C ILE D 407 26.10 2.93 -57.09
N GLU D 408 25.73 1.70 -56.77
CA GLU D 408 26.50 0.56 -57.24
C GLU D 408 26.25 0.26 -58.71
N PHE D 409 25.14 0.73 -59.27
CA PHE D 409 24.93 0.58 -60.70
C PHE D 409 25.91 1.44 -61.48
N ALA D 410 26.24 2.62 -60.95
CA ALA D 410 27.25 3.46 -61.57
C ALA D 410 28.64 2.86 -61.42
N ARG D 411 28.86 2.10 -60.35
CA ARG D 411 30.17 1.51 -60.12
C ARG D 411 30.42 0.26 -60.94
N ASN D 412 29.36 -0.41 -61.40
CA ASN D 412 29.51 -1.75 -61.95
C ASN D 412 28.93 -1.93 -63.34
N CYS D 413 28.20 -0.95 -63.86
CA CYS D 413 27.76 -0.97 -65.24
C CYS D 413 28.16 0.28 -65.99
N LEU D 414 28.47 1.36 -65.28
CA LEU D 414 28.97 2.58 -65.86
C LEU D 414 30.45 2.83 -65.53
N ASN D 415 30.98 2.09 -64.55
CA ASN D 415 32.38 2.20 -64.10
C ASN D 415 32.73 3.61 -63.62
N LEU D 416 31.76 4.27 -63.01
CA LEU D 416 32.01 5.51 -62.28
C LEU D 416 32.32 5.17 -60.83
N LYS D 417 33.48 4.55 -60.64
CA LYS D 417 33.79 3.92 -59.36
C LYS D 417 34.05 4.95 -58.27
N ASP D 418 34.48 6.15 -58.65
CA ASP D 418 34.68 7.21 -57.67
C ASP D 418 33.38 7.85 -57.19
N ALA D 419 32.24 7.51 -57.80
CA ALA D 419 30.97 8.09 -57.39
C ALA D 419 30.48 7.42 -56.11
N ASP D 420 30.00 8.25 -55.20
CA ASP D 420 29.58 7.81 -53.87
C ASP D 420 28.43 8.74 -53.48
N SER D 421 28.10 8.77 -52.18
CA SER D 421 27.10 9.71 -51.72
C SER D 421 27.80 10.92 -51.14
N THR D 422 27.01 11.82 -50.54
CA THR D 422 27.56 12.88 -49.73
C THR D 422 27.34 12.66 -48.25
N GLU D 423 26.53 11.65 -47.88
CA GLU D 423 26.55 11.18 -46.51
C GLU D 423 27.85 10.46 -46.21
N PHE D 424 28.42 9.83 -47.23
CA PHE D 424 29.55 8.92 -47.10
C PHE D 424 30.69 9.63 -47.81
N ARG D 425 31.81 9.88 -47.09
CA ARG D 425 32.97 10.71 -47.47
C ARG D 425 32.51 12.00 -48.16
N PRO D 426 31.99 12.96 -47.37
CA PRO D 426 31.10 14.01 -47.91
C PRO D 426 31.68 14.88 -49.00
N ASN D 427 32.98 15.18 -48.95
CA ASN D 427 33.63 15.90 -50.04
C ASN D 427 33.76 14.93 -51.21
N ALA D 428 32.75 14.95 -52.07
CA ALA D 428 32.44 13.99 -53.13
C ALA D 428 33.24 14.30 -54.39
N PRO D 429 33.96 13.31 -54.90
CA PRO D 429 34.61 13.47 -56.22
C PRO D 429 33.57 13.54 -57.32
N VAL D 430 32.66 12.57 -57.33
CA VAL D 430 31.52 12.54 -58.24
C VAL D 430 30.26 12.48 -57.39
N PRO D 431 29.57 13.59 -57.20
CA PRO D 431 28.44 13.64 -56.25
C PRO D 431 27.15 13.05 -56.80
N LEU D 432 27.01 11.73 -56.67
CA LEU D 432 25.85 11.08 -57.27
C LEU D 432 24.65 11.09 -56.33
N VAL D 433 24.86 10.96 -55.03
CA VAL D 433 23.79 11.06 -54.05
C VAL D 433 24.10 12.25 -53.16
N ILE D 434 23.34 13.33 -53.31
CA ILE D 434 23.63 14.56 -52.59
C ILE D 434 22.55 14.80 -51.56
N ASP D 435 22.74 15.84 -50.75
CA ASP D 435 21.73 16.24 -49.79
C ASP D 435 20.79 17.23 -50.47
N MET D 436 19.49 17.07 -50.20
CA MET D 436 18.49 18.02 -50.66
C MET D 436 17.34 18.00 -49.67
N PRO D 437 17.43 18.80 -48.61
CA PRO D 437 16.34 18.86 -47.63
C PRO D 437 15.22 19.74 -48.16
N GLU D 438 14.07 19.64 -47.50
CA GLU D 438 12.92 20.40 -47.96
C GLU D 438 12.91 21.81 -47.39
N HIS D 439 12.10 22.66 -48.02
CA HIS D 439 11.86 24.02 -47.56
C HIS D 439 10.36 24.26 -47.61
N ASN D 440 9.68 23.89 -46.55
CA ASN D 440 8.27 24.20 -46.42
C ASN D 440 8.11 25.53 -45.70
N PRO D 441 7.30 26.46 -46.24
CA PRO D 441 7.15 27.77 -45.60
C PRO D 441 6.41 27.70 -44.27
N GLY D 442 7.14 27.94 -43.18
CA GLY D 442 6.58 27.80 -41.85
C GLY D 442 7.60 27.28 -40.85
N ASN D 443 8.70 26.73 -41.35
CA ASN D 443 9.84 26.34 -40.53
C ASN D 443 11.09 27.03 -41.06
N LEU D 444 12.20 26.83 -40.36
CA LEU D 444 13.48 27.44 -40.70
C LEU D 444 14.53 26.35 -40.89
N GLY D 445 15.26 26.44 -41.99
CA GLY D 445 16.33 25.48 -42.25
C GLY D 445 15.86 24.31 -43.08
N GLY D 446 16.74 23.32 -43.14
CA GLY D 446 16.49 22.14 -43.94
C GLY D 446 15.73 21.05 -43.22
N THR D 447 14.45 20.95 -43.51
CA THR D 447 13.59 19.93 -42.93
C THR D 447 13.74 18.61 -43.68
N MET D 448 13.53 17.51 -42.95
CA MET D 448 13.48 16.19 -43.57
C MET D 448 12.25 16.07 -44.45
N ARG D 449 12.41 15.39 -45.58
CA ARG D 449 11.25 14.96 -46.36
C ARG D 449 10.51 13.92 -45.54
N LEU D 450 9.34 14.29 -45.03
CA LEU D 450 8.74 13.50 -43.97
C LEU D 450 7.23 13.53 -44.06
N GLY D 451 6.62 12.37 -44.23
CA GLY D 451 5.17 12.24 -44.22
C GLY D 451 4.63 11.76 -45.55
N ILE D 452 3.31 11.85 -45.68
CA ILE D 452 2.66 11.55 -46.95
C ILE D 452 2.99 12.63 -47.95
N ARG D 453 3.69 12.26 -49.01
CA ARG D 453 3.85 13.11 -50.17
C ARG D 453 3.32 12.37 -51.37
N ARG D 454 3.23 13.08 -52.49
CA ARG D 454 2.71 12.49 -53.71
C ARG D 454 3.87 11.96 -54.54
N THR D 455 3.65 10.81 -55.16
CA THR D 455 4.63 10.19 -56.05
C THR D 455 3.97 9.95 -57.40
N VAL D 456 4.54 10.53 -58.45
CA VAL D 456 3.97 10.48 -59.79
C VAL D 456 4.82 9.55 -60.64
N PHE D 457 4.18 8.62 -61.34
CA PHE D 457 4.88 7.76 -62.26
C PHE D 457 5.31 8.54 -63.50
N LYS D 458 6.26 7.98 -64.24
CA LYS D 458 6.73 8.59 -65.47
C LYS D 458 6.37 7.77 -66.70
N THR D 459 6.74 6.50 -66.73
CA THR D 459 6.50 5.65 -67.88
C THR D 459 5.15 4.95 -67.79
N GLU D 460 4.92 4.03 -68.72
CA GLU D 460 3.75 3.16 -68.71
C GLU D 460 4.09 1.72 -68.41
N ASN D 461 5.23 1.24 -68.89
CA ASN D 461 5.65 -0.14 -68.62
C ASN D 461 6.34 -0.29 -67.27
N SER D 462 5.70 0.20 -66.21
CA SER D 462 6.25 0.07 -64.88
C SER D 462 5.72 -1.18 -64.21
N ILE D 463 6.62 -1.93 -63.56
CA ILE D 463 6.18 -3.11 -62.83
C ILE D 463 5.52 -2.72 -61.52
N LEU D 464 5.68 -1.47 -61.08
CA LEU D 464 4.90 -0.98 -59.94
C LEU D 464 3.55 -0.42 -60.36
N ARG D 465 3.46 0.22 -61.53
CA ARG D 465 2.16 0.64 -62.02
C ARG D 465 1.27 -0.57 -62.32
N LYS D 466 1.88 -1.68 -62.70
CA LYS D 466 1.16 -2.95 -62.74
C LYS D 466 0.67 -3.37 -61.37
N LEU D 467 1.43 -3.09 -60.32
CA LEU D 467 1.05 -3.58 -58.99
C LEU D 467 0.10 -2.65 -58.26
N TYR D 468 0.30 -1.34 -58.32
CA TYR D 468 -0.60 -0.45 -57.62
C TYR D 468 -1.97 -0.35 -58.25
N GLY D 469 -2.13 -0.78 -59.50
CA GLY D 469 -3.44 -0.78 -60.10
C GLY D 469 -3.61 0.29 -61.17
N ASP D 470 -2.53 0.54 -61.91
CA ASP D 470 -2.52 1.42 -63.08
C ASP D 470 -2.90 2.86 -62.74
N VAL D 471 -2.64 3.27 -61.51
CA VAL D 471 -3.04 4.60 -61.05
C VAL D 471 -1.96 5.60 -61.45
N PRO D 472 -2.30 6.88 -61.63
CA PRO D 472 -1.25 7.85 -61.98
C PRO D 472 -0.37 8.22 -60.82
N PHE D 473 -0.92 8.26 -59.61
CA PHE D 473 -0.17 8.73 -58.46
C PHE D 473 -0.44 7.84 -57.27
N ILE D 474 0.56 7.71 -56.40
CA ILE D 474 0.44 7.00 -55.14
C ILE D 474 0.86 7.93 -54.02
N GLU D 475 0.46 7.59 -52.80
CA GLU D 475 0.77 8.38 -51.63
C GLU D 475 1.36 7.47 -50.57
N GLU D 476 2.63 7.67 -50.24
CA GLU D 476 3.33 6.83 -49.29
C GLU D 476 4.12 7.70 -48.34
N ARG D 477 4.54 7.11 -47.22
CA ARG D 477 5.18 7.86 -46.14
C ARG D 477 6.67 7.98 -46.44
N HIS D 478 7.20 9.19 -46.36
CA HIS D 478 8.62 9.42 -46.54
C HIS D 478 9.28 9.68 -45.18
N ARG D 479 10.53 9.24 -45.06
CA ARG D 479 11.38 9.62 -43.94
C ARG D 479 12.81 9.47 -44.41
N HIS D 480 13.42 10.58 -44.86
CA HIS D 480 14.83 10.64 -45.22
C HIS D 480 15.22 12.10 -45.37
N ARG D 481 16.45 12.31 -45.83
CA ARG D 481 16.98 13.62 -46.12
C ARG D 481 17.58 13.74 -47.52
N PHE D 482 17.97 12.64 -48.13
CA PHE D 482 18.87 12.65 -49.27
C PHE D 482 18.14 12.28 -50.54
N GLU D 483 18.76 12.63 -51.66
CA GLU D 483 18.22 12.34 -52.97
C GLU D 483 19.34 11.90 -53.89
N VAL D 484 18.94 11.34 -55.02
CA VAL D 484 19.88 11.17 -56.11
C VAL D 484 20.04 12.51 -56.81
N ASN D 485 21.26 12.81 -57.24
CA ASN D 485 21.58 14.13 -57.78
C ASN D 485 20.91 14.33 -59.13
N PRO D 486 20.13 15.41 -59.31
CA PRO D 486 19.54 15.68 -60.63
C PRO D 486 20.57 16.01 -61.71
N ASN D 487 21.80 16.35 -61.35
CA ASN D 487 22.84 16.55 -62.35
C ASN D 487 23.59 15.27 -62.68
N LEU D 488 23.04 14.11 -62.30
CA LEU D 488 23.53 12.82 -62.77
C LEU D 488 22.47 12.07 -63.56
N ILE D 489 21.41 12.76 -63.98
CA ILE D 489 20.46 12.16 -64.92
C ILE D 489 21.11 12.08 -66.30
N LYS D 490 22.06 12.98 -66.59
CA LYS D 490 22.82 12.98 -67.84
C LYS D 490 23.57 11.67 -68.06
N GLN D 491 24.07 11.06 -66.99
CA GLN D 491 24.78 9.80 -67.08
C GLN D 491 23.85 8.59 -67.05
N PHE D 492 22.54 8.80 -67.08
CA PHE D 492 21.55 7.74 -66.93
C PHE D 492 20.55 7.72 -68.08
N GLU D 493 20.91 8.28 -69.24
CA GLU D 493 19.89 8.57 -70.25
C GLU D 493 19.40 7.34 -71.01
N GLN D 494 20.24 6.32 -71.18
CA GLN D 494 19.91 5.27 -72.14
C GLN D 494 20.11 3.85 -71.64
N ASN D 495 20.81 3.64 -70.52
CA ASN D 495 21.18 2.29 -70.13
C ASN D 495 20.07 1.57 -69.38
N ASP D 496 20.43 0.47 -68.71
CA ASP D 496 19.47 -0.49 -68.18
C ASP D 496 18.58 0.13 -67.10
N LEU D 497 19.19 0.76 -66.10
CA LEU D 497 18.42 1.34 -65.02
C LEU D 497 17.85 2.68 -65.45
N SER D 498 16.57 2.88 -65.18
CA SER D 498 15.93 4.16 -65.46
C SER D 498 15.02 4.52 -64.29
N PHE D 499 14.55 5.75 -64.30
CA PHE D 499 13.71 6.27 -63.23
C PHE D 499 12.24 6.23 -63.63
N VAL D 500 11.41 5.80 -62.68
CA VAL D 500 9.97 5.74 -62.88
C VAL D 500 9.24 6.68 -61.93
N GLY D 501 9.66 6.74 -60.67
CA GLY D 501 8.98 7.59 -59.71
C GLY D 501 9.53 9.01 -59.70
N GLN D 502 8.66 9.93 -59.32
CA GLN D 502 8.94 11.35 -59.34
C GLN D 502 7.92 12.05 -58.46
N ASP D 503 8.34 13.10 -57.77
CA ASP D 503 7.43 13.89 -56.95
C ASP D 503 6.71 14.91 -57.82
N VAL D 504 6.03 15.87 -57.18
CA VAL D 504 5.19 16.81 -57.90
C VAL D 504 6.04 17.82 -58.67
N ASP D 505 6.86 18.58 -57.96
CA ASP D 505 7.66 19.62 -58.58
C ASP D 505 8.93 19.08 -59.26
N GLY D 506 9.12 17.77 -59.30
CA GLY D 506 10.01 17.14 -60.24
C GLY D 506 11.49 17.17 -59.92
N ASP D 507 11.89 17.81 -58.82
CA ASP D 507 13.32 17.88 -58.51
C ASP D 507 13.88 16.56 -58.02
N ARG D 508 13.04 15.65 -57.55
CA ARG D 508 13.48 14.48 -56.81
C ARG D 508 12.93 13.22 -57.44
N MET D 509 13.80 12.25 -57.69
CA MET D 509 13.38 10.99 -58.27
C MET D 509 13.10 9.96 -57.20
N GLU D 510 12.14 9.08 -57.46
CA GLU D 510 11.61 8.22 -56.42
C GLU D 510 11.87 6.73 -56.68
N ILE D 511 11.42 6.19 -57.81
CA ILE D 511 11.32 4.75 -58.00
C ILE D 511 12.12 4.34 -59.24
N ILE D 512 12.94 3.30 -59.10
CA ILE D 512 13.75 2.78 -60.18
C ILE D 512 13.28 1.38 -60.55
N GLU D 513 13.49 0.99 -61.81
CA GLU D 513 13.15 -0.35 -62.30
C GLU D 513 14.23 -0.79 -63.28
N LEU D 514 15.05 -1.76 -62.88
CA LEU D 514 16.11 -2.25 -63.74
C LEU D 514 15.55 -3.18 -64.80
N ALA D 515 16.06 -3.07 -66.01
CA ALA D 515 15.63 -3.91 -67.12
C ALA D 515 16.41 -5.22 -67.15
N ASN D 516 15.83 -6.20 -67.86
CA ASN D 516 16.40 -7.53 -68.08
C ASN D 516 16.71 -8.23 -66.75
N HIS D 517 15.75 -8.17 -65.85
CA HIS D 517 15.78 -8.75 -64.51
C HIS D 517 14.33 -8.74 -64.03
N PRO D 518 13.80 -9.88 -63.55
CA PRO D 518 12.38 -9.91 -63.16
C PRO D 518 11.96 -8.95 -62.07
N TYR D 519 12.82 -8.64 -61.10
CA TYR D 519 12.41 -7.68 -60.07
C TYR D 519 13.65 -7.05 -59.47
N PHE D 520 13.92 -5.79 -59.85
CA PHE D 520 14.97 -5.00 -59.21
C PHE D 520 14.42 -3.58 -59.13
N VAL D 521 13.75 -3.29 -58.03
CA VAL D 521 13.13 -1.98 -57.84
C VAL D 521 13.59 -1.39 -56.52
N GLY D 522 13.62 -0.07 -56.46
CA GLY D 522 14.04 0.65 -55.28
C GLY D 522 13.18 1.87 -55.06
N VAL D 523 12.82 2.16 -53.82
CA VAL D 523 11.89 3.24 -53.51
C VAL D 523 12.51 4.18 -52.50
N GLN D 524 12.21 5.47 -52.63
CA GLN D 524 12.61 6.42 -51.60
C GLN D 524 11.68 6.37 -50.40
N PHE D 525 10.40 6.11 -50.63
CA PHE D 525 9.46 6.04 -49.52
C PHE D 525 9.62 4.73 -48.77
N HIS D 526 8.90 4.64 -47.66
CA HIS D 526 8.80 3.41 -46.90
C HIS D 526 7.48 2.73 -47.25
N PRO D 527 7.50 1.63 -48.00
CA PRO D 527 6.23 0.97 -48.34
C PRO D 527 5.60 0.24 -47.17
N GLU D 528 6.32 0.08 -46.05
CA GLU D 528 5.88 -0.78 -44.96
C GLU D 528 4.60 -0.29 -44.33
N PHE D 529 4.53 0.99 -44.01
CA PHE D 529 3.57 1.43 -43.01
C PHE D 529 2.18 1.60 -43.59
N SER D 530 2.01 1.47 -44.89
CA SER D 530 0.68 1.52 -45.50
C SER D 530 0.08 0.14 -45.68
N SER D 531 0.77 -0.90 -45.25
CA SER D 531 0.28 -2.25 -45.40
C SER D 531 -0.73 -2.60 -44.30
N ARG D 532 -1.60 -3.54 -44.62
CA ARG D 532 -2.58 -4.10 -43.71
C ARG D 532 -2.43 -5.62 -43.82
N PRO D 533 -3.13 -6.42 -43.02
CA PRO D 533 -3.18 -7.86 -43.32
C PRO D 533 -4.27 -8.20 -44.33
N MET D 534 -4.95 -7.18 -44.85
CA MET D 534 -5.95 -7.41 -45.89
C MET D 534 -5.32 -7.06 -47.23
N LYS D 535 -4.83 -5.85 -47.34
CA LYS D 535 -4.10 -5.45 -48.54
C LYS D 535 -2.61 -5.44 -48.23
N PRO D 536 -1.82 -6.22 -48.94
CA PRO D 536 -0.37 -6.15 -48.78
C PRO D 536 0.19 -4.84 -49.30
N SER D 537 1.37 -4.49 -48.87
CA SER D 537 2.04 -3.36 -49.48
C SER D 537 2.53 -3.78 -50.86
N PRO D 538 2.15 -3.06 -51.92
CA PRO D 538 2.35 -3.56 -53.29
C PRO D 538 3.81 -3.72 -53.71
N PRO D 539 4.79 -2.97 -53.17
CA PRO D 539 6.17 -3.42 -53.43
C PRO D 539 6.52 -4.73 -52.74
N TYR D 540 5.99 -4.98 -51.56
CA TYR D 540 6.31 -6.23 -50.87
C TYR D 540 5.60 -7.41 -51.49
N LEU D 541 4.51 -7.19 -52.20
CA LEU D 541 3.87 -8.31 -52.90
C LEU D 541 4.69 -8.72 -54.11
N GLY D 542 5.18 -7.74 -54.87
CA GLY D 542 6.03 -8.03 -56.00
C GLY D 542 7.39 -8.61 -55.65
N LEU D 543 7.84 -8.39 -54.42
CA LEU D 543 9.07 -9.04 -53.98
C LEU D 543 8.83 -10.49 -53.63
N LEU D 544 7.60 -10.86 -53.31
CA LEU D 544 7.30 -12.27 -53.07
C LEU D 544 6.59 -12.94 -54.23
N LEU D 545 5.97 -12.19 -55.13
CA LEU D 545 5.49 -12.80 -56.35
C LEU D 545 6.64 -13.19 -57.27
N ALA D 546 7.76 -12.49 -57.18
CA ALA D 546 8.93 -12.85 -57.95
C ALA D 546 9.80 -13.85 -57.22
N ALA D 547 9.60 -14.02 -55.91
CA ALA D 547 10.35 -14.99 -55.13
C ALA D 547 9.74 -16.37 -55.16
N THR D 548 8.66 -16.55 -55.90
CA THR D 548 8.08 -17.88 -56.06
C THR D 548 7.63 -18.16 -57.48
N GLY D 549 7.91 -17.28 -58.44
CA GLY D 549 7.57 -17.50 -59.82
C GLY D 549 6.20 -17.03 -60.21
N ASN D 550 5.35 -16.63 -59.27
CA ASN D 550 3.99 -16.22 -59.59
C ASN D 550 3.89 -14.79 -60.09
N LEU D 551 5.01 -14.10 -60.30
CA LEU D 551 4.97 -12.74 -60.80
C LEU D 551 4.51 -12.70 -62.26
N ASN D 552 4.72 -13.79 -62.99
CA ASN D 552 4.18 -13.88 -64.34
C ASN D 552 2.67 -13.96 -64.32
N ALA D 553 2.12 -14.98 -63.65
CA ALA D 553 0.69 -15.26 -63.72
C ALA D 553 -0.15 -14.26 -62.95
N TYR D 554 0.44 -13.52 -62.01
CA TYR D 554 -0.31 -12.47 -61.33
C TYR D 554 -0.65 -11.34 -62.28
N LEU D 555 0.23 -11.06 -63.25
CA LEU D 555 0.03 -9.97 -64.19
C LEU D 555 -0.62 -10.45 -65.48
N GLN D 556 -1.43 -11.50 -65.40
CA GLN D 556 -2.28 -11.92 -66.50
C GLN D 556 -3.74 -12.01 -66.08
N GLN D 557 -4.09 -11.35 -64.97
CA GLN D 557 -5.47 -11.24 -64.53
C GLN D 557 -5.65 -9.98 -63.69
PB ADP E . -14.34 5.51 19.26
O1B ADP E . -14.73 6.14 17.95
O2B ADP E . -15.26 4.42 19.73
O3B ADP E . -12.86 5.18 19.37
PA ADP E . -15.94 6.84 21.11
O1A ADP E . -17.01 7.19 20.11
O2A ADP E . -16.11 5.64 22.01
O3A ADP E . -14.54 6.69 20.34
O5' ADP E . -15.69 8.13 22.05
C5' ADP E . -16.76 9.01 22.38
C4' ADP E . -17.14 8.82 23.85
O4' ADP E . -18.52 9.12 24.04
C3' ADP E . -16.90 7.38 24.29
O3' ADP E . -15.97 7.35 25.37
C2' ADP E . -18.25 6.86 24.76
O2' ADP E . -18.19 6.49 26.14
C1' ADP E . -19.24 8.00 24.56
N9 ADP E . -20.30 7.59 23.61
C8 ADP E . -20.11 7.25 22.32
N7 ADP E . -21.28 6.92 21.72
C5 ADP E . -22.25 7.06 22.64
C6 ADP E . -23.72 6.88 22.67
N6 ADP E . -24.40 6.48 21.57
N1 ADP E . -24.37 7.14 23.83
C2 ADP E . -23.70 7.53 24.94
N3 ADP E . -22.37 7.72 24.98
C4 ADP E . -21.60 7.50 23.89
N1 CTP F . -3.28 -2.34 15.89
C2 CTP F . -2.75 -2.82 14.69
N3 CTP F . -1.70 -2.19 14.11
C4 CTP F . -1.16 -1.10 14.69
C5 CTP F . -1.68 -0.61 15.88
C6 CTP F . -2.76 -1.27 16.47
O2 CTP F . -3.23 -3.84 14.15
N4 CTP F . -0.12 -0.46 14.10
C1' CTP F . -4.41 -3.04 16.52
C2' CTP F . -3.99 -3.61 17.86
O2' CTP F . -4.18 -5.02 17.88
C3' CTP F . -4.87 -2.96 18.90
C4' CTP F . -5.80 -2.01 18.15
O4' CTP F . -5.47 -2.10 16.76
O3' CTP F . -5.63 -3.95 19.59
C5' CTP F . -5.62 -0.57 18.61
O5' CTP F . -5.95 0.32 17.55
PA CTP F . -5.55 1.88 17.63
O1A CTP F . -6.23 2.48 18.84
O2A CTP F . -5.74 2.48 16.27
O3A CTP F . -3.97 1.81 17.94
PB CTP F . -3.30 2.79 19.03
O1B CTP F . -3.91 2.47 20.37
O2B CTP F . -1.80 2.75 18.85
O3B CTP F . -3.83 4.24 18.57
PG CTP F . -2.96 5.56 18.89
O1G CTP F . -3.99 6.67 18.96
O2G CTP F . -2.30 5.25 20.21
O3G CTP F . -2.01 5.67 17.73
PB ADP G . 5.38 23.50 5.04
O1B ADP G . 5.89 22.49 6.03
O2B ADP G . 6.46 24.14 4.18
O3B ADP G . 4.15 23.06 4.28
PA ADP G . 5.83 25.94 6.34
O1A ADP G . 6.95 25.40 7.19
O2A ADP G . 6.14 26.70 5.07
O3A ADP G . 4.85 24.71 5.96
O5' ADP G . 4.89 26.86 7.26
C5' ADP G . 5.45 27.64 8.31
C4' ADP G . 5.43 29.11 7.92
O4' ADP G . 6.51 29.80 8.56
C3' ADP G . 5.59 29.30 6.42
O3' ADP G . 4.46 29.98 5.88
C2' ADP G . 6.83 30.13 6.22
O2' ADP G . 6.51 31.35 5.56
C1' ADP G . 7.39 30.42 7.61
N9 ADP G . 8.75 29.85 7.74
C8 ADP G . 9.07 28.54 7.64
N7 ADP G . 10.40 28.34 7.81
C5 ADP G . 10.96 29.54 8.02
C6 ADP G . 12.32 30.07 8.27
N6 ADP G . 13.39 29.23 8.33
N1 ADP G . 12.48 31.40 8.43
C2 ADP G . 11.43 32.24 8.37
N3 ADP G . 10.16 31.84 8.16
C4 ADP G . 9.86 30.53 7.97
N1 CTP H . -0.83 15.68 -4.72
C2 CTP H . -0.80 14.31 -5.06
N3 CTP H . -1.79 13.49 -4.65
C4 CTP H . -2.81 13.97 -3.90
C5 CTP H . -2.86 15.31 -3.57
C6 CTP H . -1.84 16.17 -3.99
O2 CTP H . 0.14 13.87 -5.75
N4 CTP H . -3.79 13.14 -3.49
C1' CTP H . 0.23 16.58 -5.19
C2' CTP H . -0.33 17.61 -6.14
O2' CTP H . 0.32 17.53 -7.40
C3' CTP H . -0.07 18.97 -5.50
C4' CTP H . 0.65 18.68 -4.19
O4' CTP H . 0.79 17.27 -4.07
O3' CTP H . 0.76 19.75 -6.36
C5' CTP H . -0.14 19.22 -3.00
O5' CTP H . 0.16 18.45 -1.84
PA CTP H . -0.76 18.57 -0.52
O1A CTP H . -0.70 19.99 -0.02
O2A CTP H . -0.40 17.43 0.40
O3A CTP H . -2.23 18.29 -1.10
PB CTP H . -3.48 19.19 -0.62
O1B CTP H . -3.21 20.63 -1.03
O2B CTP H . -4.75 18.50 -1.05
O3B CTP H . -3.38 19.10 0.99
PG CTP H . -4.70 19.26 1.89
O1G CTP H . -4.18 19.80 3.20
O2G CTP H . -5.57 20.22 1.12
O3G CTP H . -5.25 17.86 1.97
PB ADP I . 5.41 -24.03 -0.44
O1B ADP I . 4.05 -23.46 -0.78
O2B ADP I . 5.48 -24.71 0.90
O3B ADP I . 6.55 -23.09 -0.72
PA ADP I . 6.45 -26.53 -1.10
O1A ADP I . 5.69 -27.27 -0.02
O2A ADP I . 7.88 -26.13 -0.86
O3A ADP I . 5.61 -25.22 -1.50
O5' ADP I . 6.39 -27.42 -2.45
C5' ADP I . 7.47 -28.27 -2.79
C4' ADP I . 7.05 -29.73 -2.60
O4' ADP I . 8.20 -30.52 -2.29
C3' ADP I . 6.06 -29.85 -1.45
O3' ADP I . 4.84 -30.43 -1.91
C2' ADP I . 6.71 -30.78 -0.44
O2' ADP I . 5.91 -31.96 -0.26
C1' ADP I . 8.07 -31.17 -1.02
N9 ADP I . 9.15 -30.71 -0.10
C8 ADP I . 9.40 -29.44 0.23
N7 ADP I . 10.46 -29.36 1.08
C5 ADP I . 10.90 -30.61 1.30
C6 ADP I . 11.97 -31.25 2.10
N6 ADP I . 12.82 -30.50 2.85
N1 ADP I . 12.09 -32.60 2.05
C2 ADP I . 11.25 -33.34 1.30
N3 ADP I . 10.26 -32.84 0.55
C4 ADP I . 10.02 -31.51 0.51
N1 CTP J . -5.27 -15.38 2.12
C2 CTP J . -5.38 -14.01 2.43
N3 CTP J . -5.69 -13.13 1.46
C4 CTP J . -5.90 -13.54 0.19
C5 CTP J . -5.79 -14.90 -0.12
C6 CTP J . -5.48 -15.81 0.88
O2 CTP J . -5.19 -13.62 3.60
N4 CTP J . -6.21 -12.65 -0.77
C1' CTP J . -4.94 -16.35 3.18
C2' CTP J . -6.10 -17.30 3.39
O2' CTP J . -6.55 -17.23 4.74
C3' CTP J . -5.57 -18.69 3.10
C4' CTP J . -4.11 -18.52 2.71
O4' CTP J . -3.81 -17.12 2.78
O3' CTP J . -5.68 -19.52 4.26
C5' CTP J . -3.83 -19.03 1.31
O5' CTP J . -2.73 -18.32 0.75
PA CTP J . -2.42 -18.41 -0.83
O1A CTP J . -1.42 -17.34 -1.18
O2A CTP J . -2.15 -19.85 -1.19
O3A CTP J . -3.83 -18.00 -1.49
PB CTP J . -4.42 -18.81 -2.75
O1B CTP J . -5.55 -18.01 -3.35
O2B CTP J . -4.65 -20.24 -2.32
O3B CTP J . -3.18 -18.78 -3.79
PG CTP J . -3.46 -18.86 -5.37
O1G CTP J . -3.66 -17.41 -5.77
O2G CTP J . -4.69 -19.73 -5.50
O3G CTP J . -2.20 -19.48 -5.92
PB ADP K . 3.55 -4.98 -23.86
O1B ADP K . 4.67 -4.78 -22.86
O2B ADP K . 3.34 -3.84 -24.82
O3B ADP K . 2.28 -5.54 -23.26
PA ADP K . 3.67 -6.25 -26.35
O1A ADP K . 4.29 -5.06 -27.05
O2A ADP K . 2.18 -6.47 -26.43
O3A ADP K . 4.08 -6.18 -24.79
O5' ADP K . 4.41 -7.58 -26.86
C5' ADP K . 3.84 -8.37 -27.90
C4' ADP K . 4.66 -8.21 -29.17
O4' ADP K . 3.82 -8.41 -30.31
C3' ADP K . 5.25 -6.82 -29.27
O3' ADP K . 6.68 -6.90 -29.34
C2' ADP K . 4.70 -6.20 -30.54
O2' ADP K . 5.77 -5.88 -31.44
C1' ADP K . 3.79 -7.25 -31.16
N9 ADP K . 2.40 -6.72 -31.25
C8 ADP K . 1.64 -6.35 -30.20
N7 ADP K . 0.42 -5.91 -30.62
C5 ADP K . 0.40 -6.00 -31.96
C6 ADP K . -0.57 -5.70 -33.03
N6 ADP K . -1.80 -5.21 -32.75
N1 ADP K . -0.20 -5.94 -34.31
C2 ADP K . 1.02 -6.43 -34.61
N3 ADP K . 1.95 -6.72 -33.68
C4 ADP K . 1.71 -6.53 -32.37
N1 CTP L . 9.39 2.05 -13.30
C2 CTP L . 8.92 2.52 -12.05
N3 CTP L . 9.18 1.83 -10.92
C4 CTP L . 9.87 0.67 -10.97
C5 CTP L . 10.33 0.19 -12.20
C6 CTP L . 10.07 0.91 -13.36
O2 CTP L . 8.28 3.59 -11.99
N4 CTP L . 10.11 -0.02 -9.83
C1' CTP L . 9.11 2.81 -14.51
C2' CTP L . 10.42 3.29 -15.12
O2' CTP L . 10.41 4.72 -15.22
C3' CTP L . 10.51 2.68 -16.50
C4' CTP L . 9.25 1.85 -16.67
O4' CTP L . 8.48 1.96 -15.47
O3' CTP L . 10.56 3.71 -17.49
C5' CTP L . 9.59 0.38 -16.92
O5' CTP L . 8.53 -0.44 -16.47
PA CTP L . 8.73 -2.03 -16.29
O1A CTP L . 7.56 -2.58 -15.50
O2A CTP L . 9.08 -2.62 -17.63
O3A CTP L . 10.04 -2.11 -15.34
PB CTP L . 11.21 -3.17 -15.66
O1B CTP L . 12.11 -3.25 -14.45
O2B CTP L . 11.78 -2.86 -17.02
O3B CTP L . 10.39 -4.56 -15.77
PG CTP L . 11.11 -5.96 -15.41
O1G CTP L . 10.92 -6.10 -13.92
O2G CTP L . 12.55 -5.74 -15.84
O3G CTP L . 10.36 -6.97 -16.23
#